data_7CR6
#
_entry.id   7CR6
#
_cell.length_a   125.556
_cell.length_b   215.160
_cell.length_c   191.086
_cell.angle_alpha   90.000
_cell.angle_beta   90.000
_cell.angle_gamma   90.000
#
_symmetry.space_group_name_H-M   'C 2 2 21'
#
loop_
_entity.id
_entity.type
_entity.pdbx_description
1 polymer 'CRISPR-associated endonuclease Cas1'
2 polymer 'CRISPR-associated endoribonuclease Cas2 1'
3 polymer 'DNA (36-MER)'
4 polymer 'DNA (36-MER)'
5 water water
#
loop_
_entity_poly.entity_id
_entity_poly.type
_entity_poly.pdbx_seq_one_letter_code
_entity_poly.pdbx_strand_id
1 'polypeptide(L)'
;GASGSGTGSGSMSTLYLTQPDAVLSKKHEAFHVALKQEDGSWKKQPIPAQTLEDIVLLGYPSITGEALGYALELGLPVHY
LTQFGKYVGSALPSESRNGQLRLAQFRAHEDPIQRLDIVKAFVKGKVHNQYNLLYRRGQVDNPLKGRGKLVMRQQTLEQV
RGIEGLAAREYFASWQEMLGHEWTFTGRFRRPPTDPVNALLSFGYGLLRTQVTAAVHIAGLDPYIGFLHETTRGQPAMIL
DLMEEFRALVADSVVLTVLKQREIQRQDFTESLGAFRLTDSATKTFLGAFDRKLSSEFKHPIFNYKCTYRRAIELQARLL
ARHLQEGVVYEPLVIR
;
A,B,C,D
2 'polypeptide(L)'
;GASGSGTGSGSMLYLIIYDVPATKAGNKRRTRLFDLLSGYGKWRQFSVFECFLSVKQFAKLQTAMEKLIKLDEDAVCIYV
LDENTVQRTITYGTPQPEKPGSIII
;
E,F
3 'polydeoxyribonucleotide'
;(DT)(DT)(DT)(DT)(DT)(DT)(DT)(DT)(DG)(DT)(DG)(DC)(DC)(DC)(DC)(DT)(DG)(DG)(DC)(DG)
(DG)(DT)(DC)(DG)(DC)(DT)(DT)(DT)(DC)(DT)(DT)(DT)(DT)(DT)(DT)(DT)
;
G
4 'polydeoxyribonucleotide'
;(DT)(DT)(DT)(DT)(DT)(DT)(DT)(DG)(DA)(DA)(DA)(DG)(DC)(DG)(DA)(DC)(DC)(DG)(DC)(DC)
(DA)(DG)(DG)(DG)(DG)(DC)(DA)(DC)(DA)(DT)(DT)(DT)(DT)(DT)(DT)(DT)
;
H
#
# COMPACT_ATOMS: atom_id res chain seq x y z
N SER A 13 20.32 3.62 -4.59
CA SER A 13 21.09 4.83 -4.83
C SER A 13 22.26 4.55 -5.77
N THR A 14 23.48 4.50 -5.24
CA THR A 14 24.65 4.28 -6.07
C THR A 14 24.48 2.99 -6.89
N LEU A 15 25.05 2.97 -8.08
CA LEU A 15 24.90 1.83 -9.00
C LEU A 15 26.25 1.42 -9.56
N TYR A 16 26.67 0.20 -9.24
CA TYR A 16 27.88 -0.39 -9.81
C TYR A 16 27.49 -1.35 -10.93
N LEU A 17 28.27 -1.36 -12.01
CA LEU A 17 27.96 -2.20 -13.16
C LEU A 17 29.23 -2.86 -13.67
N THR A 18 29.10 -4.13 -14.08
CA THR A 18 30.28 -4.98 -14.32
C THR A 18 30.44 -5.41 -15.77
N GLN A 19 29.46 -6.08 -16.36
CA GLN A 19 29.68 -6.80 -17.60
C GLN A 19 30.06 -5.85 -18.74
N PRO A 20 31.23 -6.01 -19.36
CA PRO A 20 31.66 -5.03 -20.38
C PRO A 20 30.85 -5.04 -21.66
N ASP A 21 30.00 -6.04 -21.90
CA ASP A 21 29.21 -6.10 -23.12
C ASP A 21 27.79 -5.58 -22.91
N ALA A 22 27.59 -4.72 -21.93
CA ALA A 22 26.24 -4.25 -21.57
C ALA A 22 26.04 -2.86 -22.18
N VAL A 23 25.33 -2.82 -23.30
CA VAL A 23 24.87 -1.53 -23.81
C VAL A 23 23.86 -0.97 -22.82
N LEU A 24 24.12 0.25 -22.36
CA LEU A 24 23.28 0.93 -21.38
C LEU A 24 22.46 1.98 -22.13
N SER A 25 21.37 1.53 -22.73
CA SER A 25 20.52 2.38 -23.54
C SER A 25 19.67 3.28 -22.66
N LYS A 26 19.09 4.32 -23.28
CA LYS A 26 18.27 5.29 -22.57
C LYS A 26 16.86 5.26 -23.15
N LYS A 27 15.89 4.87 -22.33
CA LYS A 27 14.47 4.94 -22.65
C LYS A 27 13.88 6.17 -21.95
N HIS A 28 12.61 6.45 -22.25
CA HIS A 28 12.02 7.77 -22.05
C HIS A 28 12.55 8.51 -20.83
N GLU A 29 12.49 7.89 -19.65
CA GLU A 29 13.11 8.48 -18.46
C GLU A 29 13.78 7.43 -17.59
N ALA A 30 14.32 6.36 -18.21
CA ALA A 30 15.05 5.34 -17.49
C ALA A 30 16.18 4.85 -18.38
N PHE A 31 17.00 3.95 -17.87
CA PHE A 31 18.03 3.30 -18.68
C PHE A 31 17.75 1.80 -18.73
N HIS A 32 17.84 1.22 -19.92
CA HIS A 32 17.74 -0.23 -20.07
C HIS A 32 19.14 -0.77 -20.30
N VAL A 33 19.58 -1.65 -19.41
CA VAL A 33 20.87 -2.31 -19.59
C VAL A 33 20.64 -3.64 -20.27
N ALA A 34 21.46 -3.96 -21.26
CA ALA A 34 21.33 -5.20 -22.02
C ALA A 34 22.43 -6.16 -21.59
N LEU A 35 22.03 -7.34 -21.13
CA LEU A 35 22.96 -8.41 -20.78
C LEU A 35 22.86 -9.53 -21.82
N LYS A 36 23.91 -10.33 -21.91
CA LYS A 36 24.00 -11.40 -22.90
C LYS A 36 24.32 -12.71 -22.20
N GLN A 37 23.29 -13.53 -21.98
CA GLN A 37 23.45 -14.92 -21.59
C GLN A 37 22.96 -15.80 -22.73
N GLU A 38 23.63 -16.93 -22.94
CA GLU A 38 23.51 -17.63 -24.21
C GLU A 38 22.16 -18.29 -24.45
N ASP A 39 21.24 -17.54 -25.08
CA ASP A 39 20.03 -18.11 -25.66
C ASP A 39 19.66 -17.42 -26.97
N GLY A 40 20.49 -16.53 -27.48
CA GLY A 40 20.12 -15.56 -28.49
C GLY A 40 20.76 -14.24 -28.08
N SER A 41 20.91 -14.07 -26.76
CA SER A 41 21.81 -13.09 -26.15
C SER A 41 21.46 -11.65 -26.54
N TRP A 42 20.27 -11.22 -26.09
CA TRP A 42 20.04 -9.79 -25.93
C TRP A 42 19.21 -9.46 -24.69
N LYS A 43 19.12 -10.38 -23.73
CA LYS A 43 18.37 -10.19 -22.50
C LYS A 43 18.61 -8.79 -21.94
N LYS A 44 17.52 -8.06 -21.71
CA LYS A 44 17.56 -6.68 -21.25
C LYS A 44 16.92 -6.56 -19.87
N GLN A 45 17.05 -5.36 -19.29
CA GLN A 45 16.51 -5.10 -17.97
C GLN A 45 16.32 -3.60 -17.77
N PRO A 46 15.13 -3.16 -17.33
CA PRO A 46 14.96 -1.74 -17.00
C PRO A 46 15.72 -1.38 -15.73
N ILE A 47 16.07 -0.10 -15.63
CA ILE A 47 16.84 0.44 -14.50
C ILE A 47 16.39 1.89 -14.31
N PRO A 48 16.04 2.30 -13.10
CA PRO A 48 15.53 3.66 -12.92
C PRO A 48 16.60 4.70 -12.64
N ALA A 49 16.56 5.80 -13.38
CA ALA A 49 17.26 7.02 -12.97
C ALA A 49 16.39 7.71 -11.92
N GLN A 50 16.70 8.97 -11.61
CA GLN A 50 15.88 9.74 -10.68
C GLN A 50 15.99 9.20 -9.25
N THR A 51 16.69 8.09 -9.09
CA THR A 51 16.91 7.47 -7.78
C THR A 51 18.37 7.23 -7.48
N LEU A 52 19.23 7.18 -8.50
CA LEU A 52 20.65 7.02 -8.30
C LEU A 52 21.26 8.32 -7.79
N GLU A 53 22.40 8.19 -7.12
CA GLU A 53 23.24 9.33 -6.79
C GLU A 53 24.60 9.29 -7.46
N ASP A 54 24.98 8.16 -8.06
CA ASP A 54 26.20 8.08 -8.84
C ASP A 54 26.33 6.72 -9.49
N ILE A 55 27.04 6.70 -10.62
CA ILE A 55 27.29 5.48 -11.39
C ILE A 55 28.75 5.10 -11.21
N VAL A 56 29.02 3.79 -11.27
CA VAL A 56 30.36 3.25 -11.23
C VAL A 56 30.46 2.15 -12.27
N LEU A 57 31.46 2.24 -13.14
CA LEU A 57 31.67 1.30 -14.24
C LEU A 57 32.98 0.58 -13.98
N LEU A 58 32.89 -0.65 -13.46
CA LEU A 58 34.08 -1.40 -13.10
C LEU A 58 34.88 -1.80 -14.35
N GLY A 59 34.24 -2.45 -15.31
CA GLY A 59 34.89 -2.84 -16.54
C GLY A 59 35.02 -1.67 -17.50
N TYR A 60 34.91 -1.98 -18.79
CA TYR A 60 34.85 -0.95 -19.84
C TYR A 60 33.60 -1.18 -20.68
N PRO A 61 32.42 -1.08 -20.07
CA PRO A 61 31.18 -1.39 -20.78
C PRO A 61 30.79 -0.24 -21.72
N SER A 62 29.71 -0.47 -22.46
CA SER A 62 29.24 0.48 -23.44
C SER A 62 28.33 1.52 -22.80
N ILE A 63 28.23 2.68 -23.45
CA ILE A 63 27.36 3.76 -23.01
C ILE A 63 26.81 4.43 -24.25
N THR A 64 25.48 4.44 -24.40
CA THR A 64 24.85 5.16 -25.49
C THR A 64 25.08 6.65 -25.31
N GLY A 65 25.77 7.27 -26.28
CA GLY A 65 26.14 8.67 -26.15
C GLY A 65 25.02 9.56 -25.67
N GLU A 66 23.78 9.24 -26.06
CA GLU A 66 22.62 10.02 -25.65
C GLU A 66 22.19 9.73 -24.22
N ALA A 67 22.94 8.90 -23.48
CA ALA A 67 22.64 8.61 -22.08
C ALA A 67 23.45 9.46 -21.11
N LEU A 68 24.64 9.91 -21.52
CA LEU A 68 25.36 10.90 -20.73
C LEU A 68 24.55 12.19 -20.63
N GLY A 69 23.86 12.56 -21.71
CA GLY A 69 22.95 13.68 -21.71
C GLY A 69 21.74 13.52 -20.81
N TYR A 70 21.65 12.39 -20.11
CA TYR A 70 20.65 12.17 -19.07
C TYR A 70 21.27 12.03 -17.70
N ALA A 71 22.39 11.30 -17.60
CA ALA A 71 23.04 11.12 -16.31
C ALA A 71 23.78 12.37 -15.84
N LEU A 72 24.10 13.29 -16.75
CA LEU A 72 24.79 14.52 -16.39
C LEU A 72 23.84 15.69 -16.22
N GLU A 73 22.55 15.42 -16.11
CA GLU A 73 21.55 16.44 -15.81
C GLU A 73 20.81 16.19 -14.50
N LEU A 74 21.06 15.04 -13.85
CA LEU A 74 20.49 14.74 -12.54
C LEU A 74 21.54 14.73 -11.45
N GLY A 75 22.80 15.01 -11.78
CA GLY A 75 23.88 14.90 -10.81
C GLY A 75 24.50 13.53 -10.73
N LEU A 76 24.37 12.70 -11.76
CA LEU A 76 24.89 11.34 -11.74
C LEU A 76 26.24 11.32 -12.44
N PRO A 77 27.35 11.30 -11.71
CA PRO A 77 28.66 11.13 -12.37
C PRO A 77 28.81 9.73 -12.95
N VAL A 78 29.62 9.63 -13.99
CA VAL A 78 29.93 8.38 -14.65
C VAL A 78 31.40 8.09 -14.38
N HIS A 79 31.67 7.24 -13.40
CA HIS A 79 33.04 6.94 -12.97
C HIS A 79 33.51 5.69 -13.69
N TYR A 80 34.54 5.83 -14.53
CA TYR A 80 35.08 4.68 -15.24
C TYR A 80 36.17 4.02 -14.39
N LEU A 81 36.24 2.69 -14.49
CA LEU A 81 37.17 1.93 -13.68
C LEU A 81 37.64 0.72 -14.49
N THR A 82 38.44 -0.13 -13.86
CA THR A 82 38.97 -1.33 -14.48
C THR A 82 38.60 -2.55 -13.64
N GLN A 83 38.67 -3.72 -14.27
CA GLN A 83 38.39 -4.98 -13.58
C GLN A 83 39.03 -4.99 -12.19
N PHE A 84 40.30 -4.60 -12.11
CA PHE A 84 41.01 -4.59 -10.84
C PHE A 84 40.45 -3.57 -9.87
N GLY A 85 39.77 -2.54 -10.36
CA GLY A 85 39.33 -1.45 -9.52
C GLY A 85 40.31 -0.29 -9.43
N LYS A 86 41.02 -0.01 -10.51
CA LYS A 86 42.03 1.04 -10.55
C LYS A 86 41.44 2.27 -11.22
N TYR A 87 41.33 3.37 -10.46
CA TYR A 87 40.65 4.55 -10.95
C TYR A 87 41.38 5.13 -12.17
N VAL A 88 40.59 5.52 -13.18
CA VAL A 88 41.11 6.04 -14.43
C VAL A 88 40.58 7.44 -14.74
N GLY A 89 39.29 7.65 -14.56
CA GLY A 89 38.69 8.93 -14.89
C GLY A 89 37.19 8.90 -14.68
N SER A 90 36.56 10.03 -14.98
CA SER A 90 35.13 10.16 -14.76
C SER A 90 34.59 11.27 -15.65
N ALA A 91 33.27 11.26 -15.81
CA ALA A 91 32.51 12.32 -16.45
C ALA A 91 31.52 12.88 -15.44
N LEU A 92 31.41 14.20 -15.39
CA LEU A 92 30.72 14.88 -14.32
C LEU A 92 29.62 15.79 -14.86
N PRO A 93 28.64 16.13 -14.01
CA PRO A 93 27.54 17.02 -14.46
C PRO A 93 27.95 18.48 -14.54
N SER A 94 26.97 19.35 -14.76
CA SER A 94 27.22 20.78 -14.89
C SER A 94 28.24 21.26 -13.85
N GLU A 95 29.14 22.13 -14.28
CA GLU A 95 30.24 22.59 -13.46
C GLU A 95 29.74 23.61 -12.42
N SER A 96 30.64 24.00 -11.54
CA SER A 96 30.33 24.97 -10.50
C SER A 96 30.67 26.38 -10.99
N ARG A 97 30.07 27.37 -10.32
CA ARG A 97 30.24 28.78 -10.68
C ARG A 97 30.81 29.61 -9.54
N ASN A 98 31.46 28.97 -8.57
CA ASN A 98 32.07 29.67 -7.44
C ASN A 98 33.57 29.86 -7.69
N GLY A 99 33.86 30.73 -8.66
CA GLY A 99 35.26 31.07 -8.92
C GLY A 99 35.90 31.77 -7.75
N GLN A 100 35.15 32.64 -7.07
CA GLN A 100 35.64 33.29 -5.86
C GLN A 100 36.18 32.27 -4.87
N LEU A 101 35.65 31.05 -4.88
CA LEU A 101 36.13 30.00 -4.00
C LEU A 101 37.46 29.44 -4.47
N ARG A 102 37.53 29.03 -5.73
CA ARG A 102 38.76 28.46 -6.28
C ARG A 102 39.87 29.49 -6.36
N LEU A 103 39.60 30.76 -6.09
CA LEU A 103 40.69 31.72 -5.92
C LEU A 103 41.31 31.61 -4.54
N ALA A 104 40.48 31.55 -3.48
CA ALA A 104 41.03 31.36 -2.14
C ALA A 104 41.72 30.01 -2.03
N GLN A 105 41.11 28.97 -2.61
CA GLN A 105 41.73 27.64 -2.61
C GLN A 105 43.15 27.69 -3.16
N PHE A 106 43.46 28.69 -3.98
CA PHE A 106 44.77 28.83 -4.62
C PHE A 106 45.69 29.78 -3.85
N ARG A 107 45.18 30.96 -3.46
CA ARG A 107 45.98 31.89 -2.67
C ARG A 107 46.40 31.26 -1.36
N ALA A 108 45.63 30.30 -0.84
CA ALA A 108 46.03 29.55 0.34
C ALA A 108 47.00 28.41 0.00
N HIS A 109 47.14 28.07 -1.29
CA HIS A 109 48.10 27.08 -1.72
C HIS A 109 49.47 27.68 -2.01
N GLU A 110 49.51 28.95 -2.41
CA GLU A 110 50.78 29.64 -2.60
C GLU A 110 51.25 30.38 -1.36
N ASP A 111 50.40 30.54 -0.35
CA ASP A 111 50.83 31.03 0.96
C ASP A 111 51.16 29.80 1.81
N PRO A 112 52.43 29.39 1.90
CA PRO A 112 52.75 28.15 2.61
C PRO A 112 52.50 28.23 4.10
N ILE A 113 52.53 29.43 4.69
CA ILE A 113 52.21 29.58 6.10
C ILE A 113 50.78 29.13 6.39
N GLN A 114 49.93 29.14 5.37
CA GLN A 114 48.57 28.63 5.46
C GLN A 114 48.49 27.16 5.06
N ARG A 115 49.19 26.78 4.00
CA ARG A 115 49.18 25.40 3.53
C ARG A 115 49.67 24.45 4.61
N LEU A 116 50.74 24.83 5.31
CA LEU A 116 51.27 24.02 6.40
C LEU A 116 50.24 23.86 7.50
N ASP A 117 49.63 24.97 7.92
CA ASP A 117 48.60 24.93 8.95
C ASP A 117 47.37 24.13 8.53
N ILE A 118 47.22 23.86 7.23
CA ILE A 118 46.15 22.97 6.78
C ILE A 118 46.60 21.51 6.78
N VAL A 119 47.77 21.22 6.21
CA VAL A 119 48.22 19.84 6.14
C VAL A 119 48.38 19.26 7.54
N LYS A 120 48.77 20.08 8.51
CA LYS A 120 48.80 19.61 9.89
C LYS A 120 47.46 19.00 10.28
N ALA A 121 46.35 19.66 9.91
CA ALA A 121 45.03 19.14 10.24
C ALA A 121 44.70 17.91 9.40
N PHE A 122 45.01 17.96 8.10
CA PHE A 122 44.74 16.82 7.23
C PHE A 122 45.38 15.55 7.78
N VAL A 123 46.52 15.68 8.45
CA VAL A 123 47.22 14.51 9.01
C VAL A 123 46.69 14.16 10.40
N LYS A 124 46.58 15.16 11.29
CA LYS A 124 45.93 14.95 12.58
C LYS A 124 44.61 14.18 12.42
N GLY A 125 43.91 14.39 11.31
CA GLY A 125 42.68 13.66 11.05
C GLY A 125 42.86 12.23 10.60
N LYS A 126 44.07 11.83 10.26
CA LYS A 126 44.37 10.48 9.81
C LYS A 126 45.03 9.63 10.89
N VAL A 127 46.00 10.19 11.60
CA VAL A 127 46.74 9.40 12.59
C VAL A 127 45.86 9.05 13.78
N HIS A 128 45.02 9.98 14.21
CA HIS A 128 44.09 9.69 15.29
C HIS A 128 43.13 8.56 14.88
N ASN A 129 42.59 8.63 13.66
CA ASN A 129 41.73 7.57 13.18
C ASN A 129 42.48 6.25 13.09
N GLN A 130 43.76 6.28 12.76
CA GLN A 130 44.55 5.05 12.71
C GLN A 130 44.65 4.41 14.09
N TYR A 131 45.12 5.17 15.08
CA TYR A 131 45.28 4.62 16.42
C TYR A 131 43.94 4.19 17.01
N ASN A 132 42.88 4.94 16.71
CA ASN A 132 41.56 4.58 17.21
C ASN A 132 41.00 3.36 16.51
N LEU A 133 41.32 3.17 15.22
CA LEU A 133 40.98 1.92 14.56
C LEU A 133 41.75 0.75 15.15
N LEU A 134 43.00 0.98 15.57
CA LEU A 134 43.76 -0.10 16.19
C LEU A 134 43.12 -0.51 17.52
N TYR A 135 42.84 0.46 18.40
CA TYR A 135 42.15 0.11 19.64
C TYR A 135 40.76 -0.44 19.37
N ARG A 136 40.16 -0.06 18.24
CA ARG A 136 38.85 -0.59 17.85
C ARG A 136 38.96 -2.06 17.45
N ARG A 137 40.07 -2.44 16.82
CA ARG A 137 40.29 -3.80 16.38
C ARG A 137 41.19 -4.60 17.32
N GLY A 138 41.76 -3.94 18.33
CA GLY A 138 42.55 -4.60 19.36
C GLY A 138 44.04 -4.44 19.14
N GLN A 139 44.62 -3.44 19.79
CA GLN A 139 46.05 -3.15 19.71
C GLN A 139 46.31 -1.92 20.56
N VAL A 140 47.59 -1.58 20.70
CA VAL A 140 47.97 -0.31 21.32
C VAL A 140 49.43 0.00 21.01
N PRO A 143 52.12 2.56 18.81
CA PRO A 143 53.10 3.28 17.98
C PRO A 143 52.63 4.70 17.65
N LEU A 144 51.34 4.81 17.31
CA LEU A 144 50.76 6.05 16.84
C LEU A 144 50.17 6.90 17.98
N LYS A 145 50.56 6.62 19.22
CA LYS A 145 50.11 7.43 20.34
C LYS A 145 50.91 8.73 20.43
N GLY A 146 52.22 8.65 20.22
CA GLY A 146 53.08 9.81 20.34
C GLY A 146 53.57 10.34 19.01
N ARG A 147 52.75 10.22 17.97
CA ARG A 147 53.08 10.75 16.65
C ARG A 147 52.08 11.76 16.13
N GLY A 148 50.79 11.62 16.45
CA GLY A 148 49.84 12.66 16.12
C GLY A 148 50.15 13.98 16.77
N LYS A 149 50.87 13.96 17.89
CA LYS A 149 51.32 15.19 18.55
C LYS A 149 52.62 15.71 17.99
N LEU A 150 53.41 14.87 17.33
CA LEU A 150 54.63 15.30 16.65
C LEU A 150 54.34 15.66 15.19
N VAL A 151 53.29 16.45 14.99
CA VAL A 151 52.96 17.01 13.69
C VAL A 151 52.76 18.51 13.87
N MET A 152 51.90 18.88 14.83
CA MET A 152 51.67 20.29 15.13
C MET A 152 52.93 20.98 15.63
N ARG A 153 53.91 20.22 16.12
CA ARG A 153 55.18 20.78 16.56
C ARG A 153 56.23 20.76 15.45
N GLN A 154 55.82 20.69 14.19
CA GLN A 154 56.71 20.82 13.05
C GLN A 154 56.90 22.31 12.72
N GLN A 155 57.72 22.57 11.70
CA GLN A 155 57.95 23.93 11.24
C GLN A 155 57.97 24.05 9.72
N THR A 156 57.73 22.97 8.98
CA THR A 156 57.78 22.99 7.53
C THR A 156 56.92 21.82 7.03
N LEU A 157 57.08 21.47 5.74
CA LEU A 157 56.23 20.48 5.10
C LEU A 157 56.97 19.18 4.77
N GLU A 158 58.16 19.27 4.17
CA GLU A 158 58.92 18.06 3.86
C GLU A 158 58.98 17.13 5.06
N GLN A 159 59.18 17.70 6.25
CA GLN A 159 59.15 16.91 7.48
C GLN A 159 57.81 16.20 7.63
N VAL A 160 56.71 16.91 7.34
CA VAL A 160 55.38 16.31 7.52
C VAL A 160 55.19 15.15 6.55
N ARG A 161 55.72 15.28 5.33
CA ARG A 161 55.59 14.20 4.36
C ARG A 161 56.39 12.98 4.79
N GLY A 162 57.63 13.20 5.25
CA GLY A 162 58.39 12.11 5.84
C GLY A 162 57.68 11.48 7.01
N ILE A 163 56.97 12.30 7.80
CA ILE A 163 56.24 11.79 8.96
C ILE A 163 55.11 10.88 8.51
N GLU A 164 54.37 11.30 7.47
CA GLU A 164 53.30 10.45 6.95
C GLU A 164 53.86 9.14 6.42
N GLY A 165 54.99 9.21 5.70
CA GLY A 165 55.62 7.99 5.24
C GLY A 165 56.00 7.07 6.39
N LEU A 166 56.55 7.64 7.46
CA LEU A 166 56.90 6.86 8.64
C LEU A 166 55.67 6.17 9.21
N ALA A 167 54.63 6.94 9.50
CA ALA A 167 53.43 6.38 10.11
C ALA A 167 52.77 5.35 9.19
N ALA A 168 52.94 5.49 7.87
CA ALA A 168 52.36 4.52 6.95
C ALA A 168 53.15 3.23 6.93
N ARG A 169 54.48 3.31 6.92
CA ARG A 169 55.32 2.12 6.99
C ARG A 169 55.24 1.45 8.35
N GLU A 170 54.73 2.15 9.36
CA GLU A 170 54.38 1.50 10.63
C GLU A 170 52.97 0.93 10.61
N TYR A 171 52.05 1.58 9.91
CA TYR A 171 50.67 1.12 9.84
C TYR A 171 50.56 -0.18 9.04
N PHE A 172 51.30 -0.27 7.93
CA PHE A 172 51.22 -1.45 7.08
C PHE A 172 52.03 -2.63 7.61
N ALA A 173 53.00 -2.39 8.48
CA ALA A 173 53.79 -3.46 9.08
C ALA A 173 53.39 -3.77 10.51
N SER A 174 52.50 -2.97 11.11
CA SER A 174 51.86 -3.29 12.37
C SER A 174 50.49 -3.94 12.16
N TRP A 175 50.14 -4.21 10.91
CA TRP A 175 48.87 -4.86 10.59
C TRP A 175 48.92 -6.36 10.85
N GLN A 176 50.09 -6.97 10.65
CA GLN A 176 50.19 -8.43 10.72
C GLN A 176 49.57 -8.99 11.99
N GLU A 177 49.70 -8.27 13.11
CA GLU A 177 49.27 -8.79 14.40
C GLU A 177 47.77 -9.01 14.49
N MET A 178 46.99 -8.54 13.51
CA MET A 178 45.54 -8.68 13.55
C MET A 178 44.95 -9.42 12.36
N LEU A 179 45.61 -9.40 11.20
CA LEU A 179 45.04 -10.06 10.03
C LEU A 179 44.93 -11.56 10.25
N GLY A 180 46.05 -12.23 10.50
CA GLY A 180 46.08 -13.65 10.74
C GLY A 180 47.12 -14.34 9.88
N HIS A 181 47.24 -15.66 10.10
CA HIS A 181 48.22 -16.45 9.37
C HIS A 181 47.84 -16.68 7.91
N GLU A 182 46.63 -16.30 7.51
CA GLU A 182 46.16 -16.65 6.17
C GLU A 182 46.95 -15.93 5.09
N TRP A 183 47.37 -14.70 5.34
CA TRP A 183 48.16 -13.94 4.38
C TRP A 183 49.34 -13.28 5.09
N THR A 184 50.19 -12.62 4.31
CA THR A 184 51.41 -12.01 4.80
C THR A 184 51.58 -10.64 4.17
N PHE A 185 51.97 -9.66 4.99
CA PHE A 185 52.20 -8.29 4.52
C PHE A 185 53.57 -7.86 5.04
N THR A 186 54.53 -7.71 4.13
CA THR A 186 55.87 -7.26 4.48
C THR A 186 56.23 -5.93 3.82
N GLY A 187 56.10 -5.82 2.51
CA GLY A 187 56.43 -4.60 1.81
C GLY A 187 55.32 -4.20 0.85
N ARG A 188 55.21 -2.90 0.63
CA ARG A 188 54.09 -2.30 -0.09
C ARG A 188 54.60 -1.49 -1.26
N PHE A 189 54.03 -1.72 -2.45
CA PHE A 189 54.29 -0.92 -3.63
C PHE A 189 52.96 -0.41 -4.17
N ARG A 190 53.00 0.75 -4.83
CA ARG A 190 51.78 1.45 -5.16
C ARG A 190 51.11 0.91 -6.41
N ARG A 191 51.77 1.02 -7.58
CA ARG A 191 51.09 0.60 -8.80
C ARG A 191 51.15 -0.91 -9.02
N PRO A 192 52.28 -1.59 -8.78
CA PRO A 192 52.31 -3.04 -8.99
C PRO A 192 51.57 -3.76 -7.88
N PRO A 193 50.62 -4.64 -8.22
CA PRO A 193 49.86 -5.38 -7.19
C PRO A 193 50.53 -6.69 -6.77
N THR A 194 51.60 -6.57 -5.97
CA THR A 194 52.34 -7.76 -5.57
C THR A 194 51.49 -8.70 -4.73
N ASP A 195 50.89 -8.18 -3.67
CA ASP A 195 50.07 -8.95 -2.76
C ASP A 195 48.60 -8.79 -3.10
N PRO A 196 47.72 -9.66 -2.58
CA PRO A 196 46.29 -9.48 -2.79
C PRO A 196 45.75 -8.27 -2.05
N VAL A 197 46.06 -8.16 -0.76
CA VAL A 197 45.64 -6.98 -0.01
C VAL A 197 46.26 -5.72 -0.60
N ASN A 198 47.55 -5.77 -0.89
CA ASN A 198 48.22 -4.65 -1.55
C ASN A 198 47.54 -4.30 -2.88
N ALA A 199 46.72 -5.21 -3.41
CA ALA A 199 45.88 -4.93 -4.56
C ALA A 199 44.45 -4.59 -4.18
N LEU A 200 43.94 -5.17 -3.08
CA LEU A 200 42.65 -4.72 -2.58
C LEU A 200 42.70 -3.25 -2.17
N LEU A 201 43.88 -2.74 -1.85
CA LEU A 201 44.05 -1.30 -1.64
C LEU A 201 43.84 -0.55 -2.96
N SER A 202 44.47 -1.03 -4.03
CA SER A 202 44.22 -0.45 -5.35
C SER A 202 42.73 -0.47 -5.67
N PHE A 203 42.02 -1.49 -5.18
CA PHE A 203 40.57 -1.52 -5.33
C PHE A 203 39.92 -0.38 -4.54
N GLY A 204 40.12 -0.37 -3.23
CA GLY A 204 39.51 0.65 -2.40
C GLY A 204 40.03 2.04 -2.71
N TYR A 205 41.35 2.20 -2.73
CA TYR A 205 41.95 3.50 -3.01
C TYR A 205 41.52 4.05 -4.37
N GLY A 206 40.96 3.23 -5.24
CA GLY A 206 40.49 3.68 -6.53
C GLY A 206 39.06 4.18 -6.50
N LEU A 207 38.16 3.41 -5.89
CA LEU A 207 36.74 3.75 -5.85
C LEU A 207 36.33 4.37 -4.52
N LEU A 208 37.24 5.07 -3.85
CA LEU A 208 36.90 6.09 -2.86
C LEU A 208 36.92 7.48 -3.48
N ARG A 209 37.86 7.69 -4.41
CA ARG A 209 37.80 8.86 -5.27
C ARG A 209 36.47 8.95 -5.99
N THR A 210 35.77 7.82 -6.19
CA THR A 210 34.48 7.89 -6.86
C THR A 210 33.48 8.72 -6.05
N GLN A 211 33.45 8.54 -4.74
CA GLN A 211 32.57 9.32 -3.87
C GLN A 211 33.19 10.66 -3.46
N VAL A 212 34.50 10.84 -3.65
CA VAL A 212 35.12 12.12 -3.32
C VAL A 212 35.04 13.11 -4.47
N THR A 213 35.59 12.73 -5.62
CA THR A 213 35.65 13.59 -6.79
C THR A 213 34.31 14.20 -7.16
N ALA A 214 33.21 13.58 -6.76
CA ALA A 214 31.90 14.17 -6.99
C ALA A 214 31.58 15.21 -5.91
N ALA A 215 31.88 14.88 -4.65
CA ALA A 215 31.67 15.84 -3.57
C ALA A 215 32.38 17.15 -3.85
N VAL A 216 33.65 17.08 -4.27
CA VAL A 216 34.38 18.31 -4.58
C VAL A 216 33.67 19.09 -5.68
N HIS A 217 33.19 18.38 -6.71
CA HIS A 217 32.43 19.04 -7.78
C HIS A 217 31.21 19.74 -7.21
N ILE A 218 30.58 19.16 -6.19
CA ILE A 218 29.41 19.81 -5.59
C ILE A 218 29.84 21.08 -4.86
N ALA A 219 30.96 21.02 -4.13
CA ALA A 219 31.46 22.19 -3.42
C ALA A 219 32.25 23.15 -4.30
N GLY A 220 32.16 23.00 -5.62
CA GLY A 220 32.85 23.90 -6.52
C GLY A 220 34.34 23.99 -6.29
N LEU A 221 34.96 22.93 -5.79
CA LEU A 221 36.39 22.91 -5.54
C LEU A 221 37.15 22.42 -6.78
N ASP A 222 38.43 22.81 -6.85
CA ASP A 222 39.29 22.36 -7.94
C ASP A 222 40.09 21.16 -7.50
N PRO A 223 40.08 20.04 -8.24
CA PRO A 223 40.84 18.87 -7.79
C PRO A 223 42.34 19.00 -8.02
N TYR A 224 42.74 19.76 -9.05
CA TYR A 224 44.14 19.78 -9.43
C TYR A 224 45.00 20.58 -8.46
N ILE A 225 44.42 21.58 -7.81
CA ILE A 225 45.19 22.49 -6.97
C ILE A 225 45.34 21.86 -5.59
N GLY A 226 46.59 21.57 -5.20
CA GLY A 226 46.85 20.73 -4.06
C GLY A 226 47.26 21.47 -2.80
N PHE A 227 47.17 20.75 -1.68
CA PHE A 227 47.62 21.24 -0.38
C PHE A 227 48.72 20.38 0.21
N LEU A 228 48.52 19.06 0.31
CA LEU A 228 49.56 18.15 0.77
C LEU A 228 50.35 17.59 -0.41
N HIS A 229 49.67 16.90 -1.33
CA HIS A 229 50.30 16.51 -2.58
C HIS A 229 50.66 17.76 -3.37
N GLU A 230 51.91 17.83 -3.83
CA GLU A 230 52.31 18.91 -4.71
C GLU A 230 51.70 18.66 -6.09
N THR A 231 50.95 19.64 -6.59
CA THR A 231 50.12 19.47 -7.77
C THR A 231 50.92 19.28 -9.06
N THR A 232 52.25 19.26 -9.01
CA THR A 232 53.06 19.08 -10.21
C THR A 232 53.47 17.62 -10.40
N ARG A 233 52.45 16.77 -10.51
CA ARG A 233 52.64 15.39 -10.92
C ARG A 233 51.67 14.94 -12.01
N GLY A 234 50.57 15.67 -12.23
CA GLY A 234 49.56 15.27 -13.18
C GLY A 234 48.36 14.58 -12.58
N GLN A 235 48.34 14.40 -11.25
CA GLN A 235 47.22 13.77 -10.57
C GLN A 235 46.52 14.80 -9.68
N PRO A 236 45.19 14.80 -9.63
CA PRO A 236 44.49 15.81 -8.82
C PRO A 236 44.98 15.84 -7.38
N ALA A 237 45.62 16.93 -7.00
CA ALA A 237 46.27 17.03 -5.69
C ALA A 237 45.32 17.53 -4.61
N MET A 238 44.04 17.67 -4.90
CA MET A 238 43.05 17.97 -3.87
C MET A 238 42.35 16.72 -3.35
N ILE A 239 41.98 15.81 -4.24
CA ILE A 239 41.40 14.54 -3.83
C ILE A 239 42.42 13.73 -3.04
N LEU A 240 43.58 13.50 -3.64
CA LEU A 240 44.61 12.67 -3.00
C LEU A 240 45.09 13.26 -1.68
N ASP A 241 44.69 14.48 -1.34
CA ASP A 241 44.85 15.01 0.01
C ASP A 241 43.60 14.86 0.85
N LEU A 242 42.42 14.90 0.22
CA LEU A 242 41.16 14.73 0.95
C LEU A 242 40.86 13.25 1.15
N MET A 243 41.15 12.42 0.14
CA MET A 243 40.97 10.98 0.28
C MET A 243 41.76 10.42 1.46
N GLU A 244 42.76 11.15 1.94
CA GLU A 244 43.59 10.64 3.04
C GLU A 244 42.76 10.39 4.29
N GLU A 245 41.87 11.33 4.64
CA GLU A 245 41.13 11.21 5.89
C GLU A 245 40.24 9.97 5.92
N PHE A 246 39.70 9.57 4.76
CA PHE A 246 38.81 8.43 4.66
C PHE A 246 39.47 7.20 4.05
N ARG A 247 40.69 7.35 3.52
CA ARG A 247 41.48 6.21 3.08
C ARG A 247 41.56 5.15 4.16
N ALA A 248 41.61 5.56 5.43
CA ALA A 248 41.75 4.65 6.55
C ALA A 248 40.42 4.29 7.20
N LEU A 249 39.31 4.84 6.72
CA LEU A 249 38.00 4.55 7.27
C LEU A 249 37.15 3.66 6.36
N VAL A 250 36.99 4.03 5.09
CA VAL A 250 36.13 3.28 4.18
C VAL A 250 36.94 2.36 3.27
N ALA A 251 38.10 2.82 2.79
CA ALA A 251 38.91 1.97 1.93
C ALA A 251 39.54 0.82 2.71
N ASP A 252 39.84 1.04 4.00
CA ASP A 252 40.52 0.04 4.82
C ASP A 252 39.54 -0.78 5.66
N SER A 253 38.67 -0.14 6.42
CA SER A 253 37.79 -0.88 7.32
C SER A 253 36.84 -1.81 6.59
N VAL A 254 36.67 -1.66 5.27
CA VAL A 254 35.82 -2.58 4.53
C VAL A 254 36.57 -3.88 4.22
N VAL A 255 37.83 -3.78 3.79
CA VAL A 255 38.59 -5.00 3.52
C VAL A 255 38.78 -5.80 4.81
N LEU A 256 38.90 -5.11 5.94
CA LEU A 256 39.11 -5.79 7.22
C LEU A 256 37.82 -6.31 7.84
N THR A 257 36.66 -5.95 7.29
CA THR A 257 35.40 -6.54 7.70
C THR A 257 34.79 -7.42 6.63
N VAL A 258 35.34 -7.41 5.40
CA VAL A 258 35.02 -8.43 4.42
C VAL A 258 36.04 -9.57 4.42
N LEU A 259 37.08 -9.47 5.24
CA LEU A 259 38.00 -10.57 5.49
C LEU A 259 37.69 -11.29 6.80
N LYS A 260 36.59 -10.93 7.47
CA LYS A 260 36.10 -11.64 8.64
C LYS A 260 35.11 -12.68 8.15
N GLN A 261 35.64 -13.84 7.75
CA GLN A 261 34.86 -14.99 7.27
C GLN A 261 34.28 -14.79 5.88
N ARG A 262 34.60 -13.69 5.19
CA ARG A 262 34.27 -13.51 3.80
C ARG A 262 35.55 -13.47 2.97
N GLU A 263 35.51 -14.10 1.80
CA GLU A 263 36.60 -14.03 0.83
C GLU A 263 37.98 -14.13 1.45
N ILE A 264 38.16 -15.04 2.41
CA ILE A 264 39.49 -15.25 2.98
C ILE A 264 40.43 -15.81 1.92
N GLN A 265 40.00 -16.88 1.25
CA GLN A 265 40.76 -17.52 0.18
C GLN A 265 39.73 -18.15 -0.76
N ARG A 266 40.17 -19.10 -1.58
CA ARG A 266 39.32 -19.78 -2.55
C ARG A 266 38.97 -18.86 -3.73
N GLN A 267 39.64 -17.72 -3.85
CA GLN A 267 39.36 -16.72 -4.86
C GLN A 267 40.70 -16.08 -5.23
N ASP A 268 40.64 -14.93 -5.91
CA ASP A 268 41.85 -14.16 -6.24
C ASP A 268 42.83 -14.98 -7.09
N PHE A 269 42.37 -15.30 -8.30
CA PHE A 269 43.24 -15.98 -9.26
C PHE A 269 44.58 -15.27 -9.34
N THR A 270 45.65 -16.07 -9.44
CA THR A 270 47.02 -15.56 -9.40
C THR A 270 47.64 -15.43 -10.80
N GLU A 271 46.81 -15.44 -11.84
CA GLU A 271 47.33 -15.39 -13.20
C GLU A 271 48.13 -14.11 -13.43
N SER A 272 48.87 -14.09 -14.53
CA SER A 272 49.66 -12.93 -14.94
C SER A 272 50.56 -12.46 -13.79
N LEU A 273 51.52 -13.32 -13.46
CA LEU A 273 52.41 -13.09 -12.32
C LEU A 273 52.75 -11.62 -12.19
N GLY A 274 52.53 -11.08 -10.99
CA GLY A 274 52.49 -9.66 -10.79
C GLY A 274 51.10 -9.07 -10.79
N ALA A 275 50.07 -9.91 -10.69
CA ALA A 275 48.68 -9.45 -10.68
C ALA A 275 47.86 -10.41 -9.84
N PHE A 276 47.07 -9.86 -8.93
CA PHE A 276 46.13 -10.63 -8.11
C PHE A 276 44.74 -10.05 -8.36
N ARG A 277 44.10 -10.53 -9.43
CA ARG A 277 42.76 -10.07 -9.78
C ARG A 277 41.72 -10.88 -8.99
N LEU A 278 40.59 -10.24 -8.72
CA LEU A 278 39.48 -10.96 -8.11
C LEU A 278 38.89 -11.95 -9.11
N THR A 279 37.96 -12.76 -8.63
CA THR A 279 37.08 -13.53 -9.48
C THR A 279 35.72 -12.84 -9.50
N ASP A 280 34.76 -13.46 -10.19
CA ASP A 280 33.38 -13.01 -10.05
C ASP A 280 32.77 -13.65 -8.82
N SER A 281 31.66 -13.08 -8.37
CA SER A 281 30.98 -13.39 -7.11
C SER A 281 31.70 -12.75 -5.92
N ALA A 282 32.88 -12.16 -6.11
CA ALA A 282 33.57 -11.42 -5.06
C ALA A 282 33.45 -9.91 -5.24
N THR A 283 33.40 -9.43 -6.47
CA THR A 283 33.04 -8.03 -6.71
C THR A 283 31.62 -7.77 -6.25
N LYS A 284 30.67 -8.62 -6.67
CA LYS A 284 29.26 -8.44 -6.34
C LYS A 284 28.99 -8.52 -4.85
N THR A 285 29.97 -8.92 -4.05
CA THR A 285 29.89 -8.95 -2.59
C THR A 285 30.68 -7.82 -1.94
N PHE A 286 31.85 -7.51 -2.50
CA PHE A 286 32.66 -6.41 -2.00
C PHE A 286 31.91 -5.10 -2.12
N LEU A 287 31.16 -4.91 -3.21
CA LEU A 287 30.39 -3.67 -3.35
C LEU A 287 29.21 -3.64 -2.36
N GLY A 288 28.63 -4.80 -2.06
CA GLY A 288 27.59 -4.85 -1.03
C GLY A 288 28.12 -4.40 0.32
N ALA A 289 29.28 -4.93 0.71
CA ALA A 289 29.91 -4.46 1.95
C ALA A 289 30.30 -2.98 1.85
N PHE A 290 30.64 -2.52 0.65
CA PHE A 290 30.95 -1.11 0.47
C PHE A 290 29.76 -0.24 0.81
N ASP A 291 28.58 -0.59 0.28
CA ASP A 291 27.38 0.16 0.62
C ASP A 291 26.99 -0.05 2.09
N ARG A 292 27.32 -1.21 2.66
CA ARG A 292 27.20 -1.34 4.12
C ARG A 292 27.96 -0.21 4.81
N LYS A 293 29.16 0.10 4.33
CA LYS A 293 29.94 1.17 4.94
C LYS A 293 29.33 2.55 4.65
N LEU A 294 29.08 2.85 3.37
CA LEU A 294 28.52 4.15 3.01
C LEU A 294 27.00 4.23 3.19
N SER A 295 26.39 3.32 3.94
CA SER A 295 24.96 3.39 4.24
C SER A 295 24.71 3.11 5.70
N SER A 296 25.61 3.59 6.56
CA SER A 296 25.49 3.41 8.01
C SER A 296 25.83 4.73 8.70
N GLU A 297 25.44 4.83 9.96
CA GLU A 297 25.61 6.05 10.74
C GLU A 297 26.60 5.82 11.88
N PHE A 298 27.40 6.85 12.19
CA PHE A 298 28.44 6.76 13.21
C PHE A 298 28.26 7.79 14.33
N LYS A 299 27.16 8.53 14.34
CA LYS A 299 26.68 9.39 15.42
C LYS A 299 27.38 10.74 15.57
N HIS A 300 28.53 10.94 14.94
CA HIS A 300 29.06 12.28 14.71
C HIS A 300 28.85 13.35 15.79
N PRO A 301 29.82 13.57 16.69
CA PRO A 301 29.59 14.41 17.88
C PRO A 301 28.61 15.57 17.77
N ILE A 302 28.51 16.24 16.61
CA ILE A 302 27.59 17.38 16.48
C ILE A 302 26.20 17.02 16.99
N PHE A 303 25.69 15.86 16.59
CA PHE A 303 24.36 15.41 17.00
C PHE A 303 24.46 13.98 17.50
N ASN A 304 23.40 13.53 18.19
CA ASN A 304 23.36 12.14 18.64
C ASN A 304 23.31 11.18 17.47
N TYR A 305 22.67 11.58 16.37
CA TYR A 305 22.56 10.73 15.18
C TYR A 305 22.47 11.65 13.98
N LYS A 306 23.47 11.60 13.09
CA LYS A 306 23.54 12.51 11.95
C LYS A 306 24.68 12.08 11.05
N CYS A 307 24.72 12.66 9.85
CA CYS A 307 25.86 12.61 8.95
C CYS A 307 26.21 11.17 8.54
N THR A 308 25.34 10.61 7.70
CA THR A 308 25.63 9.31 7.09
C THR A 308 27.06 9.31 6.53
N TYR A 309 27.64 8.11 6.42
CA TYR A 309 29.04 8.00 6.00
C TYR A 309 29.28 8.69 4.66
N ARG A 310 28.50 8.34 3.63
CA ARG A 310 28.71 8.95 2.32
C ARG A 310 28.55 10.46 2.39
N ARG A 311 27.63 10.94 3.23
CA ARG A 311 27.49 12.38 3.40
C ARG A 311 28.79 12.99 3.92
N ALA A 312 29.46 12.30 4.86
CA ALA A 312 30.61 12.88 5.54
C ALA A 312 31.62 13.50 4.57
N ILE A 313 31.77 12.89 3.38
CA ILE A 313 32.75 13.41 2.43
C ILE A 313 32.30 14.75 1.85
N GLU A 314 31.06 14.79 1.33
CA GLU A 314 30.49 16.04 0.85
C GLU A 314 30.47 17.10 1.95
N LEU A 315 30.20 16.67 3.18
CA LEU A 315 30.21 17.58 4.32
C LEU A 315 31.60 18.16 4.55
N GLN A 316 32.64 17.33 4.47
CA GLN A 316 34.00 17.82 4.62
C GLN A 316 34.36 18.79 3.50
N ALA A 317 33.91 18.49 2.28
CA ALA A 317 34.21 19.37 1.15
C ALA A 317 33.59 20.76 1.36
N ARG A 318 32.30 20.80 1.72
CA ARG A 318 31.67 22.09 1.97
C ARG A 318 32.26 22.78 3.20
N LEU A 319 32.68 22.00 4.20
CA LEU A 319 33.34 22.57 5.37
C LEU A 319 34.63 23.26 4.97
N LEU A 320 35.38 22.65 4.04
CA LEU A 320 36.60 23.28 3.55
C LEU A 320 36.28 24.51 2.71
N ALA A 321 35.19 24.47 1.95
CA ALA A 321 34.76 25.67 1.22
C ALA A 321 34.52 26.83 2.18
N ARG A 322 33.68 26.61 3.20
CA ARG A 322 33.51 27.61 4.23
C ARG A 322 34.84 28.02 4.83
N HIS A 323 35.71 27.04 5.09
CA HIS A 323 37.02 27.33 5.66
C HIS A 323 37.81 28.31 4.80
N LEU A 324 37.57 28.29 3.50
CA LEU A 324 38.24 29.20 2.58
C LEU A 324 37.45 30.46 2.28
N GLN A 325 36.19 30.56 2.71
CA GLN A 325 35.43 31.79 2.56
C GLN A 325 34.89 32.36 3.86
N GLU A 326 34.62 31.55 4.87
CA GLU A 326 34.11 32.02 6.15
C GLU A 326 35.09 31.82 7.30
N GLY A 327 36.34 31.46 7.00
CA GLY A 327 37.35 31.31 8.02
C GLY A 327 36.96 30.38 9.15
N VAL A 328 36.10 29.41 8.86
CA VAL A 328 35.66 28.46 9.89
C VAL A 328 36.82 27.53 10.22
N VAL A 329 36.69 26.80 11.33
CA VAL A 329 37.65 25.73 11.61
C VAL A 329 37.49 24.63 10.59
N TYR A 330 38.53 23.80 10.47
CA TYR A 330 38.47 22.55 9.71
C TYR A 330 38.89 21.45 10.68
N GLU A 331 37.92 20.95 11.44
CA GLU A 331 38.16 19.86 12.37
C GLU A 331 38.02 18.54 11.62
N PRO A 332 39.09 17.82 11.33
CA PRO A 332 38.95 16.54 10.64
C PRO A 332 38.11 15.58 11.45
N LEU A 333 37.76 14.46 10.82
CA LEU A 333 36.85 13.48 11.42
C LEU A 333 37.67 12.50 12.26
N VAL A 334 37.54 12.61 13.58
CA VAL A 334 38.17 11.69 14.52
C VAL A 334 37.12 10.72 15.03
N ILE A 335 37.51 9.46 15.19
CA ILE A 335 36.59 8.38 15.54
C ILE A 335 37.10 7.67 16.78
N ARG A 336 36.15 7.23 17.62
CA ARG A 336 36.47 6.37 18.76
C ARG A 336 35.36 5.34 18.95
N SER B 13 45.57 15.46 -34.85
CA SER B 13 45.93 15.33 -33.45
C SER B 13 44.69 15.25 -32.57
N THR B 14 43.52 15.26 -33.19
CA THR B 14 42.25 15.21 -32.48
C THR B 14 41.28 14.38 -33.31
N LEU B 15 40.82 13.26 -32.77
CA LEU B 15 39.88 12.42 -33.54
C LEU B 15 38.48 13.03 -33.45
N TYR B 16 38.20 13.93 -34.40
CA TYR B 16 36.88 14.53 -34.50
C TYR B 16 35.90 13.52 -35.09
N LEU B 17 34.64 13.68 -34.74
CA LEU B 17 33.58 12.99 -35.47
C LEU B 17 32.34 13.87 -35.50
N THR B 18 32.14 14.56 -36.62
CA THR B 18 30.95 15.39 -36.80
C THR B 18 29.75 14.58 -37.26
N GLN B 19 29.96 13.39 -37.83
CA GLN B 19 28.84 12.57 -38.27
C GLN B 19 28.26 11.81 -37.08
N PRO B 20 26.93 11.70 -36.98
CA PRO B 20 26.34 10.99 -35.84
C PRO B 20 26.31 9.48 -35.99
N ASP B 21 26.68 8.94 -37.14
CA ASP B 21 26.49 7.53 -37.45
C ASP B 21 27.76 6.70 -37.29
N ALA B 22 28.84 7.29 -36.78
CA ALA B 22 30.12 6.61 -36.73
C ALA B 22 30.27 5.81 -35.45
N VAL B 23 31.26 4.90 -35.46
CA VAL B 23 31.61 4.11 -34.28
C VAL B 23 33.12 3.91 -34.24
N LEU B 24 33.73 4.12 -33.07
CA LEU B 24 35.14 3.82 -32.87
C LEU B 24 35.28 2.43 -32.25
N SER B 25 36.44 1.82 -32.47
CA SER B 25 36.73 0.53 -31.86
C SER B 25 38.23 0.30 -31.87
N LYS B 26 38.71 -0.45 -30.88
CA LYS B 26 40.12 -0.79 -30.76
C LYS B 26 40.41 -2.05 -31.57
N LYS B 27 41.28 -1.93 -32.57
CA LYS B 27 41.67 -3.02 -33.45
C LYS B 27 43.09 -3.45 -33.06
N HIS B 28 43.15 -4.33 -32.06
CA HIS B 28 44.33 -5.04 -31.59
C HIS B 28 45.33 -4.19 -30.82
N GLU B 29 45.40 -2.89 -31.07
CA GLU B 29 45.96 -1.97 -30.07
C GLU B 29 45.55 -0.51 -30.24
N ALA B 30 44.79 -0.19 -31.28
CA ALA B 30 44.67 1.20 -31.68
C ALA B 30 43.29 1.45 -32.28
N PHE B 31 42.87 2.72 -32.22
CA PHE B 31 41.51 3.04 -32.60
C PHE B 31 41.30 2.81 -34.10
N HIS B 32 40.02 2.79 -34.47
CA HIS B 32 39.59 2.45 -35.82
C HIS B 32 38.18 2.98 -35.96
N VAL B 33 37.96 3.86 -36.93
CA VAL B 33 36.68 4.55 -37.07
C VAL B 33 35.90 3.87 -38.19
N ALA B 34 34.58 3.77 -38.00
CA ALA B 34 33.68 3.27 -39.02
C ALA B 34 32.60 4.33 -39.24
N LEU B 35 32.74 5.11 -40.32
CA LEU B 35 31.83 6.21 -40.60
C LEU B 35 30.60 5.72 -41.38
N LYS B 36 29.50 6.45 -41.19
CA LYS B 36 28.37 6.51 -42.12
C LYS B 36 27.56 5.23 -42.26
N GLN B 37 27.81 4.18 -41.46
CA GLN B 37 26.83 3.09 -41.28
C GLN B 37 27.28 1.86 -40.51
N GLU B 38 26.59 0.76 -40.79
CA GLU B 38 26.83 -0.59 -40.31
C GLU B 38 28.29 -0.89 -39.97
N ASP B 39 28.51 -1.49 -38.81
CA ASP B 39 29.82 -2.00 -38.43
C ASP B 39 30.40 -2.92 -39.50
N GLY B 40 29.54 -3.61 -40.25
CA GLY B 40 29.96 -4.63 -41.17
C GLY B 40 29.92 -4.18 -42.61
N SER B 41 31.09 -4.12 -43.23
CA SER B 41 31.22 -3.92 -44.68
C SER B 41 30.79 -2.53 -45.13
N TRP B 42 31.19 -1.48 -44.41
CA TRP B 42 30.87 -0.13 -44.89
C TRP B 42 31.77 0.94 -44.28
N LYS B 43 32.56 1.60 -45.14
CA LYS B 43 33.14 2.92 -44.87
C LYS B 43 34.06 2.92 -43.65
N LYS B 44 35.03 2.01 -43.65
CA LYS B 44 36.05 2.00 -42.62
C LYS B 44 37.11 3.08 -42.89
N GLN B 45 37.73 3.54 -41.80
CA GLN B 45 38.92 4.41 -41.87
C GLN B 45 39.72 4.19 -40.57
N PRO B 46 40.83 3.46 -40.64
CA PRO B 46 41.62 3.27 -39.42
C PRO B 46 42.54 4.46 -39.13
N ILE B 47 42.79 4.68 -37.84
CA ILE B 47 43.65 5.76 -37.39
C ILE B 47 44.37 5.34 -36.11
N PRO B 48 45.68 5.57 -35.98
CA PRO B 48 46.41 5.07 -34.81
C PRO B 48 46.48 6.04 -33.65
N ALA B 49 47.20 5.64 -32.60
CA ALA B 49 47.61 6.53 -31.53
C ALA B 49 48.92 7.23 -31.95
N GLN B 50 49.62 7.83 -30.99
CA GLN B 50 50.92 8.47 -31.14
C GLN B 50 50.82 9.87 -31.76
N THR B 51 49.64 10.27 -32.24
CA THR B 51 49.33 11.68 -32.46
C THR B 51 48.06 12.09 -31.75
N LEU B 52 47.38 11.14 -31.09
CA LEU B 52 46.09 11.38 -30.47
C LEU B 52 46.29 11.63 -28.99
N GLU B 53 45.99 12.86 -28.56
CA GLU B 53 45.81 13.16 -27.15
C GLU B 53 44.49 13.91 -26.92
N ASP B 54 43.55 13.79 -27.85
CA ASP B 54 42.23 14.41 -27.71
C ASP B 54 41.26 13.78 -28.70
N ILE B 55 40.10 13.39 -28.19
CA ILE B 55 39.03 12.78 -28.98
C ILE B 55 37.78 13.61 -28.78
N VAL B 56 37.16 14.02 -29.88
CA VAL B 56 36.04 14.96 -29.83
C VAL B 56 34.87 14.38 -30.62
N LEU B 57 33.87 13.89 -29.90
CA LEU B 57 32.67 13.29 -30.49
C LEU B 57 31.62 14.40 -30.64
N LEU B 58 31.77 15.16 -31.72
CA LEU B 58 30.95 16.36 -31.91
C LEU B 58 29.46 16.04 -31.83
N GLY B 59 29.01 15.06 -32.61
CA GLY B 59 27.61 14.68 -32.58
C GLY B 59 27.28 13.81 -31.38
N TYR B 60 26.47 12.78 -31.60
CA TYR B 60 26.17 11.76 -30.59
C TYR B 60 26.49 10.36 -31.12
N PRO B 61 27.75 10.10 -31.46
CA PRO B 61 28.10 8.75 -31.94
C PRO B 61 27.99 7.72 -30.83
N SER B 62 28.01 6.46 -31.24
CA SER B 62 28.20 5.35 -30.32
C SER B 62 29.68 5.07 -30.19
N ILE B 63 30.07 4.53 -29.04
CA ILE B 63 31.46 4.16 -28.80
C ILE B 63 31.49 2.93 -27.90
N THR B 64 32.36 1.98 -28.25
CA THR B 64 32.52 0.77 -27.46
C THR B 64 33.45 1.06 -26.29
N GLY B 65 33.03 0.67 -25.08
CA GLY B 65 33.78 1.00 -23.89
C GLY B 65 35.23 0.58 -23.95
N GLU B 66 35.54 -0.50 -24.68
CA GLU B 66 36.92 -0.94 -24.81
C GLU B 66 37.83 0.16 -25.34
N ALA B 67 37.26 1.14 -26.05
CA ALA B 67 38.06 2.26 -26.55
C ALA B 67 38.43 3.23 -25.44
N LEU B 68 37.44 3.69 -24.68
CA LEU B 68 37.70 4.62 -23.59
C LEU B 68 38.70 4.03 -22.60
N GLY B 69 38.41 2.84 -22.08
CA GLY B 69 39.30 2.17 -21.15
C GLY B 69 40.74 2.25 -21.57
N TYR B 70 40.99 2.06 -22.88
CA TYR B 70 42.31 2.33 -23.43
C TYR B 70 42.68 3.79 -23.21
N ALA B 71 41.90 4.70 -23.78
CA ALA B 71 42.19 6.12 -23.71
C ALA B 71 42.48 6.57 -22.27
N LEU B 72 41.55 6.32 -21.36
CA LEU B 72 41.67 6.82 -19.99
C LEU B 72 42.88 6.26 -19.26
N GLU B 73 43.60 5.31 -19.84
CA GLU B 73 44.84 4.80 -19.27
C GLU B 73 46.07 5.53 -19.78
N LEU B 74 45.89 6.55 -20.64
CA LEU B 74 47.03 7.33 -21.12
C LEU B 74 46.72 8.82 -21.19
N GLY B 75 45.63 9.29 -20.58
CA GLY B 75 45.31 10.70 -20.57
C GLY B 75 44.67 11.18 -21.87
N LEU B 76 43.53 10.62 -22.21
CA LEU B 76 42.81 10.96 -23.44
C LEU B 76 41.37 11.35 -23.10
N PRO B 77 41.02 12.64 -23.17
CA PRO B 77 39.64 13.02 -22.87
C PRO B 77 38.66 12.54 -23.94
N VAL B 78 37.40 12.39 -23.53
CA VAL B 78 36.30 12.09 -24.45
C VAL B 78 35.22 13.13 -24.20
N HIS B 79 35.08 14.08 -25.11
CA HIS B 79 34.16 15.20 -24.94
C HIS B 79 32.90 14.94 -25.77
N TYR B 80 31.80 14.61 -25.08
CA TYR B 80 30.51 14.41 -25.74
C TYR B 80 29.82 15.76 -25.91
N LEU B 81 29.48 16.07 -27.17
CA LEU B 81 28.81 17.30 -27.55
C LEU B 81 27.58 16.97 -28.39
N THR B 82 26.96 17.97 -29.00
CA THR B 82 25.84 17.77 -29.90
C THR B 82 26.26 18.08 -31.33
N GLN B 83 25.47 17.58 -32.29
CA GLN B 83 25.80 17.75 -33.71
C GLN B 83 26.05 19.20 -34.08
N PHE B 84 25.60 20.15 -33.25
CA PHE B 84 25.86 21.56 -33.47
C PHE B 84 27.12 22.06 -32.77
N GLY B 85 27.55 21.36 -31.72
CA GLY B 85 28.72 21.76 -30.95
C GLY B 85 28.44 22.06 -29.49
N LYS B 86 27.16 22.11 -29.08
CA LYS B 86 26.83 22.33 -27.68
C LYS B 86 27.54 21.32 -26.80
N TYR B 87 27.90 21.75 -25.59
CA TYR B 87 28.61 20.91 -24.63
C TYR B 87 27.60 20.25 -23.71
N VAL B 88 27.69 18.93 -23.58
CA VAL B 88 26.81 18.19 -22.67
C VAL B 88 27.62 17.43 -21.63
N GLY B 89 28.85 17.06 -21.96
CA GLY B 89 29.68 16.42 -20.95
C GLY B 89 31.07 16.13 -21.46
N SER B 90 31.95 15.81 -20.52
CA SER B 90 33.32 15.39 -20.81
C SER B 90 33.70 14.27 -19.85
N ALA B 91 34.42 13.28 -20.39
CA ALA B 91 35.01 12.20 -19.61
C ALA B 91 36.50 12.49 -19.56
N LEU B 92 36.98 12.92 -18.39
CA LEU B 92 38.37 13.29 -18.19
C LEU B 92 39.13 12.15 -17.51
N PRO B 93 40.42 11.99 -17.81
CA PRO B 93 41.18 10.90 -17.21
C PRO B 93 41.79 11.29 -15.87
N SER B 94 42.54 10.36 -15.27
CA SER B 94 43.17 10.64 -13.98
C SER B 94 44.43 11.47 -14.16
N GLU B 95 45.37 10.99 -14.97
CA GLU B 95 46.65 11.67 -15.17
C GLU B 95 46.47 12.74 -16.23
N SER B 96 46.54 14.01 -15.82
CA SER B 96 46.44 15.13 -16.75
C SER B 96 47.24 16.30 -16.19
N ARG B 97 47.90 17.03 -17.09
CA ARG B 97 48.74 18.16 -16.70
C ARG B 97 47.97 19.47 -16.63
N ASN B 98 46.64 19.42 -16.46
CA ASN B 98 45.85 20.63 -16.38
C ASN B 98 46.08 21.40 -15.08
N GLY B 99 46.93 20.91 -14.19
CA GLY B 99 47.23 21.62 -12.96
C GLY B 99 47.98 22.92 -13.20
N GLN B 100 49.14 22.84 -13.84
CA GLN B 100 49.89 24.05 -14.17
C GLN B 100 49.03 25.01 -14.99
N LEU B 101 48.17 24.48 -15.86
CA LEU B 101 47.27 25.33 -16.64
C LEU B 101 46.40 26.18 -15.73
N ARG B 102 45.75 25.55 -14.73
CA ARG B 102 44.91 26.30 -13.81
C ARG B 102 45.73 27.26 -12.97
N LEU B 103 46.88 26.81 -12.49
CA LEU B 103 47.73 27.66 -11.66
C LEU B 103 48.13 28.92 -12.43
N ALA B 104 48.39 28.79 -13.73
CA ALA B 104 48.71 29.96 -14.54
C ALA B 104 47.48 30.80 -14.79
N GLN B 105 46.33 30.16 -15.05
CA GLN B 105 45.08 30.89 -15.23
C GLN B 105 44.81 31.78 -14.02
N PHE B 106 45.23 31.35 -12.83
CA PHE B 106 45.04 32.16 -11.63
C PHE B 106 46.17 33.16 -11.42
N ARG B 107 47.42 32.71 -11.53
CA ARG B 107 48.57 33.61 -11.40
C ARG B 107 48.49 34.78 -12.36
N ALA B 108 47.75 34.63 -13.47
CA ALA B 108 47.51 35.75 -14.36
C ALA B 108 46.35 36.61 -13.86
N HIS B 109 45.35 36.00 -13.21
CA HIS B 109 44.27 36.77 -12.61
C HIS B 109 44.74 37.60 -11.42
N GLU B 110 45.85 37.21 -10.79
CA GLU B 110 46.39 37.93 -9.64
C GLU B 110 47.72 38.62 -9.96
N ASP B 111 48.00 38.86 -11.23
CA ASP B 111 49.19 39.61 -11.65
C ASP B 111 48.74 40.51 -12.80
N PRO B 112 48.45 41.79 -12.53
CA PRO B 112 47.77 42.61 -13.54
C PRO B 112 48.55 42.82 -14.82
N ILE B 113 49.84 42.50 -14.85
CA ILE B 113 50.60 42.64 -16.11
C ILE B 113 50.13 41.60 -17.12
N GLN B 114 50.05 40.33 -16.71
CA GLN B 114 49.55 39.29 -17.60
C GLN B 114 48.09 39.55 -17.97
N ARG B 115 47.25 39.76 -16.96
CA ARG B 115 45.84 40.06 -17.19
C ARG B 115 45.68 41.21 -18.18
N LEU B 116 46.49 42.26 -18.04
CA LEU B 116 46.35 43.44 -18.88
C LEU B 116 46.83 43.17 -20.30
N ASP B 117 47.99 42.53 -20.45
CA ASP B 117 48.51 42.23 -21.77
C ASP B 117 47.65 41.21 -22.51
N ILE B 118 46.77 40.51 -21.79
CA ILE B 118 45.84 39.57 -22.42
C ILE B 118 44.51 40.26 -22.75
N VAL B 119 44.06 41.16 -21.88
CA VAL B 119 42.86 41.94 -22.15
C VAL B 119 43.08 42.84 -23.36
N LYS B 120 44.29 43.41 -23.48
CA LYS B 120 44.62 44.21 -24.65
C LYS B 120 44.45 43.38 -25.91
N ALA B 121 44.83 42.10 -25.86
CA ALA B 121 44.67 41.24 -27.03
C ALA B 121 43.20 41.11 -27.40
N PHE B 122 42.34 40.84 -26.41
CA PHE B 122 40.91 40.69 -26.72
C PHE B 122 40.33 41.98 -27.31
N VAL B 123 40.65 43.12 -26.70
CA VAL B 123 40.10 44.39 -27.18
C VAL B 123 40.59 44.68 -28.60
N LYS B 124 41.90 44.53 -28.82
CA LYS B 124 42.49 44.70 -30.14
C LYS B 124 41.78 43.83 -31.16
N GLY B 125 41.57 42.56 -30.82
CA GLY B 125 40.90 41.65 -31.75
C GLY B 125 39.50 42.10 -32.08
N LYS B 126 38.72 42.48 -31.06
CA LYS B 126 37.34 42.87 -31.31
C LYS B 126 37.27 44.10 -32.21
N VAL B 127 38.01 45.15 -31.87
CA VAL B 127 37.91 46.37 -32.67
C VAL B 127 38.49 46.17 -34.07
N HIS B 128 39.50 45.31 -34.21
CA HIS B 128 40.04 45.03 -35.53
C HIS B 128 39.02 44.30 -36.39
N ASN B 129 38.35 43.29 -35.82
CA ASN B 129 37.30 42.61 -36.57
C ASN B 129 36.16 43.57 -36.89
N GLN B 130 35.89 44.55 -36.03
CA GLN B 130 34.84 45.51 -36.32
C GLN B 130 35.20 46.41 -37.50
N TYR B 131 36.43 46.94 -37.51
CA TYR B 131 36.87 47.78 -38.63
C TYR B 131 36.89 46.99 -39.93
N ASN B 132 37.54 45.83 -39.92
CA ASN B 132 37.58 44.97 -41.09
C ASN B 132 36.20 44.50 -41.50
N LEU B 133 35.25 44.51 -40.57
CA LEU B 133 33.87 44.19 -40.91
C LEU B 133 33.20 45.36 -41.64
N LEU B 134 33.31 46.56 -41.08
CA LEU B 134 32.63 47.69 -41.70
C LEU B 134 33.18 47.97 -43.09
N TYR B 135 34.45 47.64 -43.36
CA TYR B 135 34.88 47.66 -44.76
C TYR B 135 34.42 46.42 -45.51
N ARG B 136 34.33 45.27 -44.83
CA ARG B 136 33.74 44.08 -45.46
C ARG B 136 32.35 44.39 -45.99
N ARG B 137 31.48 44.94 -45.13
CA ARG B 137 30.24 45.55 -45.59
C ARG B 137 30.58 46.99 -46.00
N GLY B 138 31.22 47.13 -47.15
CA GLY B 138 31.71 48.41 -47.60
C GLY B 138 30.68 49.50 -47.42
N GLN B 139 30.94 50.43 -46.50
CA GLN B 139 29.92 51.36 -46.01
C GLN B 139 30.24 52.79 -46.42
N VAL B 140 31.28 53.40 -45.83
CA VAL B 140 31.94 54.56 -46.40
C VAL B 140 33.45 54.43 -46.19
N ASP B 141 33.84 53.53 -45.29
CA ASP B 141 35.22 53.39 -44.83
C ASP B 141 35.69 54.57 -43.97
N ASN B 142 34.76 55.18 -43.22
CA ASN B 142 35.15 56.17 -42.22
C ASN B 142 34.40 55.96 -40.92
N PRO B 143 34.25 54.71 -40.43
CA PRO B 143 33.56 54.52 -39.15
C PRO B 143 34.34 55.04 -37.95
N LEU B 144 35.55 54.53 -37.74
CA LEU B 144 36.36 54.86 -36.57
C LEU B 144 37.79 55.25 -36.91
N LYS B 145 38.41 54.57 -37.88
CA LYS B 145 39.74 54.93 -38.37
C LYS B 145 40.76 55.11 -37.25
N GLY B 146 41.06 54.01 -36.57
CA GLY B 146 42.28 53.97 -35.76
C GLY B 146 42.17 53.79 -34.26
N ARG B 147 41.18 53.03 -33.79
CA ARG B 147 41.05 52.78 -32.36
C ARG B 147 41.85 51.58 -31.87
N GLY B 148 42.56 50.89 -32.76
CA GLY B 148 43.28 49.68 -32.38
C GLY B 148 44.50 49.91 -31.50
N LYS B 149 45.54 50.52 -32.07
CA LYS B 149 46.78 50.77 -31.33
C LYS B 149 46.58 51.77 -30.21
N LEU B 150 45.54 52.61 -30.31
CA LEU B 150 45.19 53.50 -29.20
C LEU B 150 45.04 52.73 -27.90
N VAL B 151 44.71 51.45 -27.98
CA VAL B 151 44.66 50.60 -26.80
C VAL B 151 46.07 50.20 -26.38
N MET B 152 46.82 49.61 -27.31
CA MET B 152 48.13 49.06 -26.97
C MET B 152 49.03 50.11 -26.34
N ARG B 153 48.87 51.38 -26.70
CA ARG B 153 49.71 52.42 -26.12
C ARG B 153 49.24 52.87 -24.74
N GLN B 154 48.22 52.23 -24.17
CA GLN B 154 47.80 52.48 -22.80
C GLN B 154 48.35 51.40 -21.88
N GLN B 155 48.34 51.69 -20.58
CA GLN B 155 48.89 50.80 -19.57
C GLN B 155 47.95 50.70 -18.37
N THR B 156 46.65 50.51 -18.64
CA THR B 156 45.66 50.43 -17.59
C THR B 156 44.48 49.58 -18.05
N LEU B 157 43.63 49.22 -17.09
CA LEU B 157 42.40 48.49 -17.37
C LEU B 157 41.22 49.42 -17.62
N GLU B 158 41.01 50.39 -16.74
CA GLU B 158 39.89 51.32 -16.88
C GLU B 158 39.95 52.05 -18.22
N GLN B 159 41.15 52.50 -18.62
CA GLN B 159 41.30 53.20 -19.89
C GLN B 159 41.11 52.28 -21.08
N VAL B 160 41.03 50.97 -20.86
CA VAL B 160 40.73 50.02 -21.92
C VAL B 160 39.24 49.69 -21.94
N ARG B 161 38.61 49.60 -20.77
CA ARG B 161 37.17 49.39 -20.73
C ARG B 161 36.43 50.60 -21.27
N GLY B 162 36.93 51.80 -20.98
CA GLY B 162 36.37 52.98 -21.61
C GLY B 162 36.41 52.89 -23.13
N ILE B 163 37.54 52.41 -23.67
CA ILE B 163 37.65 52.25 -25.10
C ILE B 163 36.67 51.21 -25.61
N GLU B 164 36.52 50.09 -24.90
CA GLU B 164 35.55 49.07 -25.30
C GLU B 164 34.15 49.66 -25.36
N GLY B 165 33.71 50.27 -24.25
CA GLY B 165 32.36 50.81 -24.15
C GLY B 165 32.10 52.05 -24.99
N LEU B 166 33.16 52.70 -25.50
CA LEU B 166 32.98 53.80 -26.43
C LEU B 166 33.00 53.34 -27.87
N ALA B 167 33.87 52.39 -28.20
CA ALA B 167 33.85 51.79 -29.53
C ALA B 167 32.54 51.06 -29.77
N ALA B 168 31.96 50.45 -28.73
CA ALA B 168 30.65 49.81 -28.90
C ALA B 168 29.60 50.83 -29.34
N ARG B 169 29.56 51.99 -28.68
CA ARG B 169 28.59 53.02 -29.03
C ARG B 169 28.86 53.57 -30.42
N GLU B 170 30.11 53.98 -30.68
CA GLU B 170 30.50 54.54 -31.97
C GLU B 170 30.47 53.51 -33.09
N TYR B 171 30.27 52.24 -32.76
CA TYR B 171 30.13 51.16 -33.73
C TYR B 171 28.68 50.82 -34.00
N PHE B 172 27.85 50.75 -32.97
CA PHE B 172 26.43 50.45 -33.15
C PHE B 172 25.66 51.64 -33.71
N ALA B 173 26.12 52.87 -33.45
CA ALA B 173 25.46 54.02 -34.05
C ALA B 173 25.71 54.12 -35.55
N SER B 174 26.68 53.37 -36.08
CA SER B 174 26.98 53.35 -37.50
C SER B 174 26.23 52.26 -38.25
N TRP B 175 25.07 51.86 -37.75
CA TRP B 175 24.32 50.73 -38.29
C TRP B 175 23.10 51.14 -39.09
N GLN B 176 22.23 51.99 -38.55
CA GLN B 176 21.03 52.40 -39.27
C GLN B 176 21.36 52.77 -40.71
N GLU B 177 22.50 53.44 -40.93
CA GLU B 177 22.96 53.72 -42.28
C GLU B 177 23.09 52.44 -43.09
N MET B 178 23.46 51.33 -42.44
CA MET B 178 23.78 50.09 -43.14
C MET B 178 22.62 49.11 -43.22
N LEU B 179 21.62 49.21 -42.33
CA LEU B 179 20.44 48.37 -42.43
C LEU B 179 19.38 49.00 -43.33
N GLY B 180 19.14 50.30 -43.18
CA GLY B 180 18.19 50.99 -44.01
C GLY B 180 16.96 51.47 -43.27
N HIS B 181 15.80 50.96 -43.67
CA HIS B 181 14.51 51.54 -43.27
C HIS B 181 13.63 50.59 -42.50
N GLU B 182 13.40 49.38 -43.02
CA GLU B 182 12.42 48.48 -42.41
C GLU B 182 12.79 48.12 -40.97
N TRP B 183 14.05 48.27 -40.57
CA TRP B 183 14.48 48.01 -39.21
C TRP B 183 15.08 49.28 -38.62
N THR B 184 14.73 49.55 -37.36
CA THR B 184 15.27 50.68 -36.63
C THR B 184 16.34 50.21 -35.66
N PHE B 185 17.28 51.09 -35.35
CA PHE B 185 18.35 50.76 -34.42
C PHE B 185 18.82 52.03 -33.74
N THR B 186 19.00 51.95 -32.42
CA THR B 186 19.55 53.04 -31.63
C THR B 186 20.78 52.64 -30.81
N GLY B 187 20.94 51.37 -30.51
CA GLY B 187 22.06 50.91 -29.71
C GLY B 187 21.83 49.50 -29.22
N ARG B 188 22.82 48.99 -28.49
CA ARG B 188 22.77 47.64 -27.95
C ARG B 188 22.03 47.68 -26.62
N PHE B 189 20.84 47.10 -26.59
CA PHE B 189 20.06 46.92 -25.37
C PHE B 189 20.08 45.42 -25.05
N ARG B 190 20.79 45.06 -23.99
CA ARG B 190 20.85 43.66 -23.59
C ARG B 190 19.47 43.18 -23.15
N ARG B 191 19.40 41.92 -22.73
CA ARG B 191 18.13 41.35 -22.31
C ARG B 191 17.46 42.29 -21.30
N PRO B 192 16.15 42.55 -21.43
CA PRO B 192 15.25 42.11 -22.52
C PRO B 192 15.36 43.03 -23.73
N PRO B 193 15.46 42.48 -24.94
CA PRO B 193 15.61 43.32 -26.13
C PRO B 193 14.43 44.25 -26.31
N THR B 194 14.72 45.55 -26.44
CA THR B 194 13.72 46.54 -26.81
C THR B 194 13.51 46.60 -28.32
N ASP B 195 14.25 45.79 -29.09
CA ASP B 195 14.20 45.82 -30.54
C ASP B 195 14.16 44.40 -31.08
N PRO B 196 13.99 44.21 -32.39
CA PRO B 196 14.15 42.88 -32.98
C PRO B 196 15.63 42.53 -33.12
N VAL B 197 16.43 43.53 -33.47
CA VAL B 197 17.84 43.30 -33.75
C VAL B 197 18.57 42.89 -32.48
N ASN B 198 18.30 43.59 -31.37
CA ASN B 198 18.87 43.17 -30.10
C ASN B 198 18.48 41.73 -29.77
N ALA B 199 17.28 41.31 -30.17
CA ALA B 199 16.86 39.94 -29.94
C ALA B 199 17.74 38.97 -30.74
N LEU B 200 17.88 39.22 -32.04
CA LEU B 200 18.74 38.36 -32.85
C LEU B 200 20.16 38.31 -32.30
N LEU B 201 20.66 39.44 -31.79
CA LEU B 201 22.03 39.48 -31.29
C LEU B 201 22.17 38.70 -29.99
N SER B 202 21.26 38.92 -29.04
CA SER B 202 21.30 38.17 -27.79
C SER B 202 21.03 36.69 -28.02
N PHE B 203 20.45 36.32 -29.16
CA PHE B 203 20.23 34.92 -29.48
C PHE B 203 21.39 34.29 -30.23
N GLY B 204 22.16 35.07 -30.97
CA GLY B 204 23.33 34.56 -31.66
C GLY B 204 24.54 34.47 -30.76
N TYR B 205 24.68 35.45 -29.87
CA TYR B 205 25.75 35.40 -28.88
C TYR B 205 25.65 34.14 -28.03
N GLY B 206 24.44 33.60 -27.85
CA GLY B 206 24.30 32.38 -27.08
C GLY B 206 24.78 31.14 -27.82
N LEU B 207 24.56 31.10 -29.13
CA LEU B 207 25.12 30.00 -29.93
C LEU B 207 26.64 30.06 -29.93
N LEU B 208 27.19 31.26 -30.14
CA LEU B 208 28.63 31.44 -29.99
C LEU B 208 29.07 31.04 -28.59
N ARG B 209 28.23 31.27 -27.58
CA ARG B 209 28.55 30.86 -26.22
C ARG B 209 28.66 29.35 -26.12
N THR B 210 27.73 28.62 -26.74
CA THR B 210 27.83 27.16 -26.72
C THR B 210 29.16 26.71 -27.32
N GLN B 211 29.50 27.22 -28.50
CA GLN B 211 30.74 26.80 -29.15
C GLN B 211 31.95 27.13 -28.28
N VAL B 212 32.02 28.37 -27.78
CA VAL B 212 33.14 28.75 -26.92
C VAL B 212 33.19 27.83 -25.70
N THR B 213 32.11 27.78 -24.93
CA THR B 213 32.02 26.89 -23.78
C THR B 213 32.63 25.52 -24.07
N ALA B 214 32.27 24.92 -25.20
CA ALA B 214 32.88 23.64 -25.59
C ALA B 214 34.40 23.78 -25.67
N ALA B 215 34.88 24.84 -26.33
CA ALA B 215 36.32 25.03 -26.45
C ALA B 215 36.99 25.21 -25.09
N VAL B 216 36.37 26.00 -24.22
CA VAL B 216 36.91 26.26 -22.88
C VAL B 216 36.96 24.97 -22.08
N HIS B 217 36.02 24.05 -22.32
CA HIS B 217 36.02 22.80 -21.58
C HIS B 217 37.10 21.85 -22.11
N ILE B 218 37.29 21.79 -23.43
CA ILE B 218 38.36 20.93 -23.96
C ILE B 218 39.73 21.48 -23.52
N ALA B 219 39.97 22.77 -23.77
CA ALA B 219 41.26 23.37 -23.42
C ALA B 219 41.63 23.10 -21.97
N GLY B 220 40.65 22.90 -21.10
CA GLY B 220 40.88 22.63 -19.70
C GLY B 220 40.79 23.83 -18.80
N LEU B 221 40.50 25.01 -19.34
CA LEU B 221 40.44 26.22 -18.53
C LEU B 221 39.30 26.14 -17.53
N ASP B 222 39.32 27.05 -16.57
CA ASP B 222 38.23 27.22 -15.61
C ASP B 222 37.34 28.33 -16.13
N PRO B 223 36.21 28.00 -16.80
CA PRO B 223 35.45 29.05 -17.50
C PRO B 223 35.00 30.20 -16.61
N TYR B 224 34.92 30.00 -15.30
CA TYR B 224 34.36 30.98 -14.39
C TYR B 224 35.42 31.89 -13.78
N ILE B 225 36.68 31.76 -14.18
CA ILE B 225 37.75 32.67 -13.80
C ILE B 225 38.17 33.42 -15.06
N GLY B 226 38.10 34.76 -15.02
CA GLY B 226 38.34 35.58 -16.18
C GLY B 226 39.44 36.60 -15.94
N PHE B 227 39.69 37.39 -16.99
CA PHE B 227 40.69 38.45 -16.95
C PHE B 227 40.07 39.83 -17.16
N LEU B 228 39.30 40.02 -18.23
CA LEU B 228 38.60 41.29 -18.43
C LEU B 228 37.29 41.32 -17.65
N HIS B 229 36.38 40.40 -17.96
CA HIS B 229 35.10 40.33 -17.26
C HIS B 229 35.35 39.80 -15.85
N GLU B 230 35.14 40.66 -14.85
CA GLU B 230 35.37 40.27 -13.47
C GLU B 230 34.52 39.06 -13.11
N THR B 231 35.13 38.11 -12.40
CA THR B 231 34.45 36.89 -12.00
C THR B 231 33.56 37.20 -10.79
N THR B 232 32.25 37.22 -11.02
CA THR B 232 31.26 37.45 -9.97
C THR B 232 29.89 37.15 -10.57
N ARG B 233 28.96 36.78 -9.70
CA ARG B 233 27.60 36.38 -10.09
C ARG B 233 27.59 35.05 -10.85
N GLY B 234 28.65 34.25 -10.73
CA GLY B 234 28.73 33.01 -11.47
C GLY B 234 28.76 33.24 -12.96
N GLN B 235 29.59 34.19 -13.40
CA GLN B 235 29.70 34.52 -14.82
C GLN B 235 30.80 33.68 -15.46
N PRO B 236 30.52 33.01 -16.57
CA PRO B 236 31.62 32.35 -17.32
C PRO B 236 32.54 33.37 -17.97
N ALA B 237 33.25 34.13 -17.14
CA ALA B 237 34.08 35.23 -17.66
C ALA B 237 35.09 34.73 -18.68
N MET B 238 35.68 33.55 -18.45
CA MET B 238 36.64 33.00 -19.39
C MET B 238 36.02 32.70 -20.73
N ILE B 239 34.69 32.66 -20.81
CA ILE B 239 34.01 32.49 -22.10
C ILE B 239 33.85 33.84 -22.79
N LEU B 240 33.43 34.86 -22.05
CA LEU B 240 33.24 36.18 -22.66
C LEU B 240 34.57 36.75 -23.15
N ASP B 241 35.64 36.53 -22.38
CA ASP B 241 36.96 37.00 -22.79
C ASP B 241 37.31 36.47 -24.18
N LEU B 242 36.86 35.26 -24.50
CA LEU B 242 37.12 34.67 -25.81
C LEU B 242 36.04 35.03 -26.84
N MET B 243 34.84 35.39 -26.37
CA MET B 243 33.79 35.83 -27.28
C MET B 243 34.13 37.18 -27.91
N GLU B 244 34.71 38.09 -27.11
CA GLU B 244 34.90 39.46 -27.58
C GLU B 244 35.57 39.52 -28.94
N GLU B 245 36.47 38.58 -29.25
CA GLU B 245 37.18 38.57 -30.52
C GLU B 245 36.51 37.68 -31.57
N PHE B 246 35.24 37.33 -31.37
CA PHE B 246 34.48 36.57 -32.35
C PHE B 246 33.10 37.14 -32.62
N ARG B 247 32.54 37.93 -31.70
CA ARG B 247 31.19 38.46 -31.89
C ARG B 247 31.06 39.16 -33.23
N ALA B 248 32.01 40.02 -33.58
CA ALA B 248 31.86 40.89 -34.74
C ALA B 248 31.76 40.10 -36.04
N LEU B 249 32.35 38.90 -36.08
CA LEU B 249 32.51 38.18 -37.34
C LEU B 249 31.51 37.05 -37.55
N VAL B 250 31.01 36.44 -36.48
CA VAL B 250 30.14 35.28 -36.58
C VAL B 250 28.70 35.62 -36.19
N ALA B 251 28.51 36.46 -35.18
CA ALA B 251 27.17 36.84 -34.74
C ALA B 251 26.72 38.14 -35.40
N ASP B 252 27.47 39.22 -35.16
CA ASP B 252 27.17 40.51 -35.74
C ASP B 252 27.19 40.48 -37.27
N SER B 253 27.70 39.40 -37.87
CA SER B 253 27.72 39.23 -39.31
C SER B 253 26.56 38.38 -39.79
N VAL B 254 26.31 37.25 -39.13
CA VAL B 254 25.14 36.44 -39.48
C VAL B 254 23.87 37.27 -39.41
N VAL B 255 23.77 38.15 -38.41
CA VAL B 255 22.59 39.01 -38.33
C VAL B 255 22.48 39.88 -39.58
N LEU B 256 23.59 40.52 -39.96
CA LEU B 256 23.57 41.38 -41.15
C LEU B 256 23.20 40.60 -42.40
N THR B 257 23.58 39.32 -42.48
CA THR B 257 23.36 38.57 -43.71
C THR B 257 21.90 38.18 -43.88
N VAL B 258 21.26 37.70 -42.81
CA VAL B 258 19.89 37.21 -42.94
C VAL B 258 18.90 38.34 -43.17
N LEU B 259 19.22 39.57 -42.76
CA LEU B 259 18.30 40.69 -42.88
C LEU B 259 18.36 41.37 -44.26
N LYS B 260 18.86 40.68 -45.27
CA LYS B 260 18.92 41.22 -46.62
C LYS B 260 18.35 40.27 -47.67
N GLN B 261 18.15 39.00 -47.35
CA GLN B 261 17.32 38.06 -48.09
C GLN B 261 16.32 37.37 -47.17
N ARG B 262 16.73 37.06 -45.95
CA ARG B 262 15.96 36.33 -44.95
C ARG B 262 15.23 37.27 -43.99
N GLU B 263 14.97 36.79 -42.78
CA GLU B 263 13.96 37.31 -41.86
C GLU B 263 13.68 38.80 -41.98
N ILE B 264 12.39 39.13 -42.03
CA ILE B 264 11.88 40.50 -42.01
C ILE B 264 10.74 40.56 -40.99
N GLN B 265 10.19 41.75 -40.80
CA GLN B 265 9.26 42.04 -39.71
C GLN B 265 8.18 40.97 -39.50
N ARG B 266 7.80 40.27 -40.57
CA ARG B 266 6.68 39.34 -40.48
C ARG B 266 6.84 38.34 -39.33
N GLN B 267 8.08 38.00 -38.98
CA GLN B 267 8.33 36.86 -38.10
C GLN B 267 8.36 37.22 -36.62
N ASP B 268 9.27 38.12 -36.23
CA ASP B 268 9.47 38.40 -34.82
C ASP B 268 8.16 38.73 -34.13
N PHE B 269 7.98 38.16 -32.93
CA PHE B 269 6.71 38.24 -32.24
C PHE B 269 6.47 39.65 -31.69
N THR B 270 5.21 39.91 -31.35
CA THR B 270 4.80 41.19 -30.82
C THR B 270 5.43 41.40 -29.44
N GLU B 271 5.21 42.59 -28.87
CA GLU B 271 5.76 42.94 -27.56
C GLU B 271 4.87 42.33 -26.48
N SER B 272 5.19 41.08 -26.10
CA SER B 272 4.47 40.44 -25.01
C SER B 272 4.63 41.24 -23.72
N LEU B 273 5.87 41.34 -23.24
CA LEU B 273 6.25 42.26 -22.17
C LEU B 273 7.27 43.28 -22.68
N GLY B 274 7.26 43.52 -23.99
CA GLY B 274 8.20 44.39 -24.65
C GLY B 274 9.32 43.66 -25.37
N ALA B 275 9.76 42.54 -24.83
CA ALA B 275 10.80 41.76 -25.50
C ALA B 275 10.28 41.22 -26.83
N PHE B 276 11.10 41.34 -27.86
CA PHE B 276 10.76 40.84 -29.19
C PHE B 276 11.34 39.44 -29.34
N ARG B 277 10.47 38.45 -29.32
CA ARG B 277 10.88 37.06 -29.47
C ARG B 277 10.88 36.66 -30.94
N LEU B 278 11.31 35.44 -31.21
CA LEU B 278 11.38 34.92 -32.57
C LEU B 278 10.28 33.88 -32.80
N THR B 279 10.08 33.57 -34.09
CA THR B 279 9.04 32.65 -34.50
C THR B 279 9.53 31.20 -34.37
N ASP B 280 8.58 30.27 -34.46
CA ASP B 280 8.93 28.85 -34.47
C ASP B 280 9.58 28.41 -35.77
N SER B 281 9.61 29.27 -36.78
CA SER B 281 10.21 28.96 -38.08
C SER B 281 11.63 29.49 -38.19
N ALA B 282 11.84 30.78 -37.90
CA ALA B 282 13.17 31.36 -38.03
C ALA B 282 14.16 30.68 -37.10
N THR B 283 13.73 30.31 -35.89
CA THR B 283 14.62 29.63 -34.96
C THR B 283 15.20 28.35 -35.54
N LYS B 284 14.60 27.82 -36.62
CA LYS B 284 15.15 26.67 -37.31
C LYS B 284 15.91 27.04 -38.58
N THR B 285 15.52 28.12 -39.25
CA THR B 285 16.20 28.56 -40.47
C THR B 285 17.34 29.53 -40.19
N PHE B 286 17.24 30.30 -39.09
CA PHE B 286 18.38 31.11 -38.65
C PHE B 286 19.65 30.27 -38.61
N LEU B 287 19.55 29.04 -38.13
CA LEU B 287 20.69 28.15 -38.18
C LEU B 287 21.05 27.76 -39.61
N GLY B 288 20.14 27.97 -40.56
CA GLY B 288 20.51 27.81 -41.96
C GLY B 288 21.78 28.57 -42.31
N ALA B 289 21.97 29.74 -41.70
CA ALA B 289 23.21 30.47 -41.81
C ALA B 289 24.15 30.24 -40.63
N PHE B 290 23.60 30.03 -39.42
CA PHE B 290 24.48 29.81 -38.26
C PHE B 290 25.08 28.41 -38.20
N ASP B 291 24.90 27.59 -39.24
CA ASP B 291 25.60 26.33 -39.39
C ASP B 291 26.57 26.32 -40.55
N ARG B 292 26.32 27.16 -41.55
CA ARG B 292 27.26 27.32 -42.65
C ARG B 292 28.36 28.32 -42.31
N LYS B 293 28.01 29.39 -41.58
CA LYS B 293 29.01 30.37 -41.20
C LYS B 293 30.13 29.72 -40.39
N LEU B 294 29.79 28.76 -39.53
CA LEU B 294 30.80 28.01 -38.79
C LEU B 294 31.18 26.73 -39.55
N SER B 295 31.42 26.88 -40.86
CA SER B 295 31.91 25.78 -41.71
C SER B 295 32.84 26.30 -42.80
N SER B 296 33.63 27.35 -42.50
CA SER B 296 34.17 28.27 -43.49
C SER B 296 35.60 28.65 -43.16
N GLU B 297 36.03 29.85 -43.58
CA GLU B 297 37.33 30.39 -43.19
C GLU B 297 38.55 29.74 -43.82
N PHE B 298 38.81 30.08 -45.08
CA PHE B 298 40.01 29.61 -45.77
C PHE B 298 41.24 30.46 -45.43
N LYS B 299 41.25 31.09 -44.26
CA LYS B 299 42.47 31.61 -43.62
C LYS B 299 43.16 32.67 -44.48
N HIS B 300 42.50 33.84 -44.56
CA HIS B 300 42.95 34.98 -45.34
C HIS B 300 44.46 35.20 -45.28
N PRO B 301 45.03 35.52 -44.11
CA PRO B 301 46.49 35.64 -44.05
C PRO B 301 47.13 34.31 -44.43
N ILE B 302 48.13 34.40 -45.30
CA ILE B 302 48.64 33.22 -46.01
C ILE B 302 49.22 32.20 -45.04
N PHE B 303 49.15 32.53 -43.74
CA PHE B 303 49.53 31.59 -42.68
C PHE B 303 49.15 30.16 -43.02
N ASN B 304 47.88 29.91 -43.34
CA ASN B 304 47.41 28.57 -43.67
C ASN B 304 46.13 28.69 -44.51
N TYR B 305 45.56 27.54 -44.86
CA TYR B 305 44.31 27.48 -45.60
C TYR B 305 43.23 26.68 -44.89
N LYS B 306 43.55 25.48 -44.41
CA LYS B 306 42.56 24.57 -43.83
C LYS B 306 42.21 25.03 -42.42
N CYS B 307 40.94 25.36 -42.20
CA CYS B 307 40.46 25.75 -40.88
C CYS B 307 38.96 26.00 -40.98
N THR B 308 38.34 26.14 -39.80
CA THR B 308 36.93 26.50 -39.70
C THR B 308 36.72 27.34 -38.45
N TYR B 309 35.73 28.23 -38.51
CA TYR B 309 35.40 29.05 -37.34
C TYR B 309 35.04 28.18 -36.15
N ARG B 310 34.09 27.25 -36.35
CA ARG B 310 33.69 26.32 -35.32
C ARG B 310 34.90 25.65 -34.66
N ARG B 311 35.99 25.51 -35.41
CA ARG B 311 37.22 24.92 -34.92
C ARG B 311 38.23 25.96 -34.49
N ALA B 312 38.21 27.13 -35.11
CA ALA B 312 39.09 28.21 -34.67
C ALA B 312 38.83 28.58 -33.23
N ILE B 313 37.60 28.38 -32.73
CA ILE B 313 37.32 28.67 -31.32
C ILE B 313 38.14 27.74 -30.41
N GLU B 314 38.03 26.43 -30.66
CA GLU B 314 38.89 25.46 -29.97
C GLU B 314 40.35 25.87 -30.06
N LEU B 315 40.78 26.26 -31.26
CA LEU B 315 42.17 26.67 -31.44
C LEU B 315 42.53 27.80 -30.49
N GLN B 316 41.85 28.94 -30.61
CA GLN B 316 42.20 30.11 -29.80
C GLN B 316 42.22 29.76 -28.32
N ALA B 317 41.26 28.96 -27.85
CA ALA B 317 41.30 28.55 -26.45
C ALA B 317 42.59 27.79 -26.14
N ARG B 318 43.02 26.92 -27.06
CA ARG B 318 44.26 26.17 -26.82
C ARG B 318 45.49 27.09 -26.90
N LEU B 319 45.46 28.05 -27.82
CA LEU B 319 46.55 29.03 -27.91
C LEU B 319 46.66 29.82 -26.63
N LEU B 320 45.53 30.09 -25.96
CA LEU B 320 45.59 30.71 -24.64
C LEU B 320 46.16 29.74 -23.60
N ALA B 321 45.72 28.48 -23.65
CA ALA B 321 46.31 27.45 -22.80
C ALA B 321 47.83 27.45 -22.92
N ARG B 322 48.35 27.73 -24.11
CA ARG B 322 49.80 27.74 -24.32
C ARG B 322 50.42 29.06 -23.90
N HIS B 323 49.75 30.18 -24.17
CA HIS B 323 50.20 31.46 -23.65
C HIS B 323 50.42 31.40 -22.15
N LEU B 324 49.63 30.59 -21.45
CA LEU B 324 49.79 30.45 -20.01
C LEU B 324 50.76 29.32 -19.63
N GLN B 325 50.58 28.14 -20.22
CA GLN B 325 51.40 27.00 -19.84
C GLN B 325 52.84 27.17 -20.31
N GLU B 326 53.04 27.69 -21.52
CA GLU B 326 54.34 27.66 -22.18
C GLU B 326 54.85 29.05 -22.53
N GLY B 327 54.30 30.09 -21.93
CA GLY B 327 54.74 31.45 -22.23
C GLY B 327 54.67 31.80 -23.71
N VAL B 328 53.66 31.29 -24.40
CA VAL B 328 53.53 31.54 -25.83
C VAL B 328 52.82 32.87 -26.07
N VAL B 329 52.93 33.36 -27.30
CA VAL B 329 52.21 34.57 -27.69
C VAL B 329 50.75 34.23 -27.98
N TYR B 330 49.88 35.22 -27.82
CA TYR B 330 48.46 35.07 -28.13
C TYR B 330 48.06 36.22 -29.05
N GLU B 331 47.87 35.91 -30.34
CA GLU B 331 47.44 36.88 -31.32
C GLU B 331 45.99 36.61 -31.68
N PRO B 332 45.07 37.56 -31.48
CA PRO B 332 43.66 37.28 -31.83
C PRO B 332 43.50 36.96 -33.31
N LEU B 333 42.52 36.12 -33.59
CA LEU B 333 42.21 35.74 -34.97
C LEU B 333 41.45 36.89 -35.63
N VAL B 334 42.10 37.56 -36.58
CA VAL B 334 41.52 38.71 -37.27
C VAL B 334 41.25 38.34 -38.71
N ILE B 335 40.08 38.75 -39.20
CA ILE B 335 39.69 38.57 -40.60
C ILE B 335 40.07 37.20 -41.13
N MET C 12 -21.43 -0.97 12.69
CA MET C 12 -20.49 -1.80 11.93
C MET C 12 -21.12 -2.28 10.61
N SER C 13 -21.38 -1.33 9.71
CA SER C 13 -21.78 -1.62 8.34
C SER C 13 -23.05 -2.48 8.29
N THR C 14 -24.13 -1.88 8.76
CA THR C 14 -25.45 -2.52 8.72
C THR C 14 -26.01 -2.45 7.30
N LEU C 15 -26.87 -3.42 6.97
CA LEU C 15 -27.49 -3.46 5.65
C LEU C 15 -28.98 -3.12 5.75
N TYR C 16 -29.47 -2.41 4.73
CA TYR C 16 -30.87 -2.00 4.64
C TYR C 16 -31.35 -2.23 3.22
N LEU C 17 -32.53 -2.84 3.08
CA LEU C 17 -33.15 -3.03 1.77
C LEU C 17 -34.57 -2.50 1.80
N THR C 18 -34.99 -1.85 0.70
CA THR C 18 -36.30 -1.20 0.66
C THR C 18 -37.05 -1.34 -0.66
N GLN C 19 -36.52 -2.07 -1.64
CA GLN C 19 -37.22 -2.22 -2.92
C GLN C 19 -37.95 -3.55 -2.93
N PRO C 20 -39.29 -3.59 -2.83
CA PRO C 20 -39.98 -4.87 -2.63
C PRO C 20 -40.15 -5.72 -3.87
N ASP C 21 -39.12 -5.82 -4.71
CA ASP C 21 -39.12 -6.79 -5.79
C ASP C 21 -37.73 -7.39 -6.02
N ALA C 22 -36.81 -7.20 -5.08
CA ALA C 22 -35.41 -7.53 -5.30
C ALA C 22 -35.12 -8.98 -4.92
N VAL C 23 -33.90 -9.40 -5.19
CA VAL C 23 -33.44 -10.74 -4.82
C VAL C 23 -32.02 -10.67 -4.29
N LEU C 24 -31.77 -11.35 -3.17
CA LEU C 24 -30.44 -11.43 -2.55
C LEU C 24 -29.90 -12.85 -2.80
N SER C 25 -29.22 -13.03 -3.93
CA SER C 25 -28.62 -14.32 -4.25
C SER C 25 -27.24 -14.43 -3.61
N LYS C 26 -26.63 -15.60 -3.75
CA LYS C 26 -25.34 -15.90 -3.15
C LYS C 26 -24.33 -16.28 -4.23
N LYS C 27 -23.11 -15.77 -4.09
CA LYS C 27 -21.97 -16.18 -4.93
C LYS C 27 -20.81 -16.54 -3.99
N HIS C 28 -20.83 -17.78 -3.53
CA HIS C 28 -19.69 -18.54 -3.01
C HIS C 28 -19.09 -17.95 -1.75
N GLU C 29 -19.20 -16.63 -1.57
CA GLU C 29 -18.89 -16.01 -0.28
C GLU C 29 -19.70 -14.74 -0.04
N ALA C 30 -20.54 -14.29 -0.98
CA ALA C 30 -21.05 -12.92 -0.92
C ALA C 30 -22.48 -12.87 -1.42
N PHE C 31 -23.11 -11.71 -1.28
CA PHE C 31 -24.49 -11.54 -1.73
C PHE C 31 -24.52 -10.74 -3.03
N HIS C 32 -25.57 -10.95 -3.80
CA HIS C 32 -25.81 -10.20 -5.03
C HIS C 32 -27.26 -9.73 -5.02
N VAL C 33 -27.46 -8.43 -5.01
CA VAL C 33 -28.80 -7.86 -4.98
C VAL C 33 -29.25 -7.57 -6.41
N ALA C 34 -30.53 -7.83 -6.69
CA ALA C 34 -31.08 -7.60 -8.02
C ALA C 34 -32.36 -6.79 -7.88
N LEU C 35 -32.42 -5.68 -8.61
CA LEU C 35 -33.49 -4.69 -8.54
C LEU C 35 -34.22 -4.47 -9.86
N LYS C 36 -33.47 -4.20 -10.95
CA LYS C 36 -33.98 -3.60 -12.17
C LYS C 36 -35.35 -4.13 -12.61
N GLN C 37 -35.57 -5.44 -12.49
CA GLN C 37 -36.87 -6.06 -12.79
C GLN C 37 -37.26 -5.85 -14.26
N GLU C 38 -36.45 -6.45 -15.13
CA GLU C 38 -36.77 -6.58 -16.56
C GLU C 38 -36.93 -5.24 -17.28
N ASP C 39 -35.92 -4.38 -17.12
CA ASP C 39 -35.62 -3.32 -18.07
C ASP C 39 -34.24 -3.53 -18.68
N GLY C 40 -33.74 -4.76 -18.60
CA GLY C 40 -32.36 -5.12 -18.87
C GLY C 40 -32.12 -6.54 -18.40
N SER C 41 -31.09 -6.76 -17.60
CA SER C 41 -30.81 -8.08 -17.05
C SER C 41 -30.82 -8.07 -15.51
N TRP C 42 -31.74 -7.30 -14.93
CA TRP C 42 -32.04 -7.22 -13.49
C TRP C 42 -30.98 -6.45 -12.69
N LYS C 43 -29.89 -6.01 -13.30
CA LYS C 43 -28.84 -5.24 -12.62
C LYS C 43 -28.42 -5.92 -11.31
N LYS C 44 -27.84 -7.11 -11.46
CA LYS C 44 -27.40 -7.91 -10.32
C LYS C 44 -26.10 -7.33 -9.80
N GLN C 45 -26.21 -6.37 -8.87
CA GLN C 45 -25.11 -5.62 -8.27
C GLN C 45 -24.54 -6.38 -7.08
N PRO C 46 -23.22 -6.37 -6.90
CA PRO C 46 -22.61 -7.16 -5.83
C PRO C 46 -22.73 -6.49 -4.47
N ILE C 47 -22.57 -7.30 -3.42
CA ILE C 47 -22.63 -6.82 -2.04
C ILE C 47 -21.79 -7.72 -1.15
N PRO C 48 -20.95 -7.15 -0.28
CA PRO C 48 -20.14 -7.98 0.63
C PRO C 48 -20.95 -8.39 1.85
N ALA C 49 -20.86 -9.67 2.20
CA ALA C 49 -21.63 -10.22 3.31
C ALA C 49 -20.81 -10.48 4.56
N GLN C 50 -19.51 -10.77 4.43
CA GLN C 50 -18.71 -11.10 5.60
C GLN C 50 -18.40 -9.89 6.46
N THR C 51 -18.66 -8.68 6.00
CA THR C 51 -18.38 -7.46 6.75
C THR C 51 -19.62 -6.87 7.41
N LEU C 52 -20.78 -7.51 7.28
CA LEU C 52 -22.00 -7.00 7.86
C LEU C 52 -22.12 -7.43 9.32
N GLU C 53 -23.05 -6.77 10.02
CA GLU C 53 -23.43 -7.16 11.36
C GLU C 53 -24.93 -7.38 11.51
N ASP C 54 -25.73 -7.01 10.51
CA ASP C 54 -27.18 -7.09 10.60
C ASP C 54 -27.79 -6.68 9.27
N ILE C 55 -29.02 -7.14 9.04
CA ILE C 55 -29.76 -6.91 7.81
C ILE C 55 -31.17 -6.50 8.20
N VAL C 56 -31.65 -5.40 7.61
CA VAL C 56 -33.00 -4.90 7.87
C VAL C 56 -33.75 -4.82 6.54
N LEU C 57 -34.97 -5.35 6.53
CA LEU C 57 -35.83 -5.38 5.38
C LEU C 57 -37.15 -4.69 5.73
N LEU C 58 -37.71 -3.97 4.77
CA LEU C 58 -38.93 -3.21 4.99
C LEU C 58 -40.08 -3.64 4.10
N GLY C 59 -39.83 -3.91 2.82
CA GLY C 59 -40.91 -4.18 1.90
C GLY C 59 -41.21 -5.65 1.69
N TYR C 60 -40.70 -6.51 2.56
CA TYR C 60 -40.84 -7.95 2.39
C TYR C 60 -40.25 -8.34 1.04
N PRO C 61 -38.95 -8.12 0.82
CA PRO C 61 -38.35 -8.50 -0.46
C PRO C 61 -38.06 -10.00 -0.51
N SER C 62 -38.25 -10.57 -1.70
CA SER C 62 -37.98 -11.99 -1.89
C SER C 62 -36.49 -12.27 -1.71
N ILE C 63 -36.13 -12.99 -0.65
CA ILE C 63 -34.75 -13.40 -0.43
C ILE C 63 -34.62 -14.87 -0.79
N THR C 64 -33.43 -15.24 -1.27
CA THR C 64 -33.10 -16.63 -1.54
C THR C 64 -33.27 -17.46 -0.27
N GLY C 65 -33.39 -18.77 -0.46
CA GLY C 65 -33.42 -19.68 0.67
C GLY C 65 -32.02 -20.13 1.07
N GLU C 66 -31.14 -20.27 0.08
CA GLU C 66 -29.78 -20.72 0.31
C GLU C 66 -28.89 -19.64 0.92
N ALA C 67 -29.38 -18.41 1.06
CA ALA C 67 -28.59 -17.31 1.60
C ALA C 67 -28.84 -17.05 3.07
N LEU C 68 -30.06 -17.34 3.56
CA LEU C 68 -30.34 -17.27 4.99
C LEU C 68 -29.33 -18.11 5.77
N GLY C 69 -29.11 -19.34 5.32
CA GLY C 69 -28.17 -20.21 6.00
C GLY C 69 -26.79 -19.60 6.11
N TYR C 70 -26.28 -19.02 5.02
CA TYR C 70 -24.96 -18.42 5.07
C TYR C 70 -24.94 -17.19 5.97
N ALA C 71 -25.95 -16.33 5.87
CA ALA C 71 -26.02 -15.18 6.76
C ALA C 71 -25.95 -15.62 8.22
N LEU C 72 -26.48 -16.80 8.54
CA LEU C 72 -26.45 -17.28 9.91
C LEU C 72 -25.20 -18.09 10.25
N GLU C 73 -24.48 -18.60 9.24
CA GLU C 73 -23.20 -19.23 9.50
C GLU C 73 -22.15 -18.24 9.96
N LEU C 74 -22.41 -16.94 9.80
CA LEU C 74 -21.46 -15.88 10.13
C LEU C 74 -21.84 -15.12 11.39
N GLY C 75 -23.12 -14.84 11.58
CA GLY C 75 -23.58 -14.00 12.67
C GLY C 75 -24.35 -12.79 12.16
N LEU C 76 -24.93 -12.92 10.96
CA LEU C 76 -25.70 -11.84 10.35
C LEU C 76 -27.18 -12.10 10.57
N PRO C 77 -27.78 -11.53 11.62
CA PRO C 77 -29.22 -11.74 11.85
C PRO C 77 -30.06 -11.06 10.77
N VAL C 78 -31.16 -11.72 10.40
CA VAL C 78 -32.10 -11.17 9.43
C VAL C 78 -33.30 -10.60 10.18
N HIS C 79 -33.86 -9.52 9.66
CA HIS C 79 -35.02 -8.88 10.25
C HIS C 79 -36.12 -8.76 9.20
N TYR C 80 -37.33 -8.40 9.66
CA TYR C 80 -38.47 -8.27 8.77
C TYR C 80 -39.41 -7.21 9.35
N LEU C 81 -39.55 -6.11 8.61
CA LEU C 81 -40.46 -5.02 8.89
C LEU C 81 -41.35 -4.79 7.67
N THR C 82 -42.32 -3.88 7.82
CA THR C 82 -43.24 -3.55 6.73
C THR C 82 -42.87 -2.20 6.12
N GLN C 83 -43.56 -1.86 5.03
CA GLN C 83 -43.29 -0.60 4.33
C GLN C 83 -43.21 0.56 5.30
N PHE C 84 -44.23 0.72 6.15
CA PHE C 84 -44.21 1.75 7.17
C PHE C 84 -42.96 1.63 8.03
N GLY C 85 -42.73 0.43 8.58
CA GLY C 85 -41.62 0.19 9.47
C GLY C 85 -42.03 -0.58 10.70
N LYS C 86 -43.30 -0.97 10.77
CA LYS C 86 -43.78 -1.76 11.89
C LYS C 86 -43.02 -3.07 11.98
N TYR C 87 -42.79 -3.53 13.20
CA TYR C 87 -42.08 -4.79 13.41
C TYR C 87 -43.02 -5.96 13.20
N VAL C 88 -42.55 -6.97 12.44
CA VAL C 88 -43.29 -8.21 12.26
C VAL C 88 -42.51 -9.42 12.73
N GLY C 89 -41.22 -9.50 12.41
CA GLY C 89 -40.47 -10.65 12.88
C GLY C 89 -39.00 -10.55 12.56
N SER C 90 -38.28 -11.63 12.87
CA SER C 90 -36.85 -11.68 12.62
C SER C 90 -36.41 -13.13 12.62
N ALA C 91 -35.29 -13.39 11.94
CA ALA C 91 -34.63 -14.69 11.90
C ALA C 91 -33.28 -14.50 12.57
N LEU C 92 -33.14 -15.03 13.78
CA LEU C 92 -31.94 -14.82 14.56
C LEU C 92 -30.99 -16.00 14.42
N PRO C 93 -29.69 -15.78 14.59
CA PRO C 93 -28.72 -16.85 14.34
C PRO C 93 -28.56 -17.80 15.52
N SER C 94 -27.59 -18.70 15.42
CA SER C 94 -27.29 -19.65 16.49
C SER C 94 -27.36 -18.97 17.85
N GLU C 95 -28.12 -19.59 18.75
CA GLU C 95 -28.32 -19.03 20.08
C GLU C 95 -27.15 -19.40 21.00
N SER C 96 -27.17 -18.86 22.21
CA SER C 96 -26.08 -19.05 23.15
C SER C 96 -26.18 -20.44 23.79
N ARG C 97 -25.33 -20.70 24.77
CA ARG C 97 -25.27 -21.99 25.45
C ARG C 97 -25.39 -21.90 26.95
N ASN C 98 -25.19 -20.71 27.54
CA ASN C 98 -25.26 -20.57 29.00
C ASN C 98 -26.71 -20.62 29.45
N GLY C 99 -27.34 -21.78 29.31
CA GLY C 99 -28.68 -21.96 29.83
C GLY C 99 -28.79 -21.73 31.31
N GLN C 100 -27.66 -21.85 32.04
CA GLN C 100 -27.66 -21.49 33.45
C GLN C 100 -28.01 -20.01 33.63
N LEU C 101 -27.52 -19.16 32.74
CA LEU C 101 -27.91 -17.76 32.77
C LEU C 101 -29.43 -17.62 32.65
N ARG C 102 -30.01 -18.21 31.61
CA ARG C 102 -31.47 -18.13 31.42
C ARG C 102 -32.20 -18.65 32.64
N LEU C 103 -31.71 -19.74 33.23
CA LEU C 103 -32.29 -20.23 34.47
C LEU C 103 -32.20 -19.17 35.56
N ALA C 104 -31.15 -18.36 35.58
CA ALA C 104 -31.09 -17.26 36.54
C ALA C 104 -32.09 -16.17 36.18
N GLN C 105 -32.16 -15.81 34.89
CA GLN C 105 -33.12 -14.88 34.32
C GLN C 105 -34.50 -15.17 34.87
N PHE C 106 -34.79 -16.45 35.11
CA PHE C 106 -36.09 -16.86 35.66
C PHE C 106 -36.09 -17.02 37.17
N ARG C 107 -35.09 -17.73 37.71
CA ARG C 107 -34.97 -17.95 39.15
C ARG C 107 -35.08 -16.63 39.92
N ALA C 108 -34.59 -15.54 39.33
CA ALA C 108 -34.75 -14.20 39.91
C ALA C 108 -35.95 -13.48 39.33
N HIS C 109 -36.72 -14.13 38.44
CA HIS C 109 -37.93 -13.55 37.88
C HIS C 109 -39.16 -13.87 38.71
N GLU C 110 -39.14 -14.99 39.44
CA GLU C 110 -40.28 -15.31 40.29
C GLU C 110 -40.07 -15.03 41.78
N ASP C 111 -38.94 -14.44 42.17
CA ASP C 111 -38.76 -13.94 43.52
C ASP C 111 -39.04 -12.43 43.48
N PRO C 112 -40.24 -11.97 43.84
CA PRO C 112 -40.56 -10.55 43.61
C PRO C 112 -39.59 -9.59 44.28
N ILE C 113 -39.01 -9.99 45.43
CA ILE C 113 -38.13 -9.10 46.17
C ILE C 113 -36.88 -8.72 45.37
N GLN C 114 -36.58 -9.46 44.31
CA GLN C 114 -35.47 -9.15 43.41
C GLN C 114 -35.93 -8.45 42.13
N ARG C 115 -37.03 -8.97 41.54
CA ARG C 115 -37.64 -8.36 40.37
C ARG C 115 -37.94 -6.88 40.62
N LEU C 116 -38.34 -6.54 41.84
CA LEU C 116 -38.47 -5.13 42.21
C LEU C 116 -37.14 -4.41 42.03
N ASP C 117 -36.15 -4.76 42.86
CA ASP C 117 -34.87 -4.05 42.85
C ASP C 117 -34.27 -3.92 41.46
N ILE C 118 -34.70 -4.76 40.52
CA ILE C 118 -34.21 -4.63 39.13
C ILE C 118 -35.03 -3.61 38.34
N VAL C 119 -36.36 -3.71 38.37
CA VAL C 119 -37.17 -2.77 37.59
C VAL C 119 -37.03 -1.35 38.12
N LYS C 120 -36.81 -1.21 39.43
CA LYS C 120 -36.58 0.11 40.02
C LYS C 120 -35.25 0.72 39.57
N ALA C 121 -34.39 -0.06 38.91
CA ALA C 121 -33.25 0.51 38.20
C ALA C 121 -33.59 0.76 36.75
N PHE C 122 -34.32 -0.16 36.12
CA PHE C 122 -34.76 0.06 34.74
C PHE C 122 -35.48 1.40 34.59
N VAL C 123 -36.25 1.81 35.60
CA VAL C 123 -37.03 3.04 35.51
C VAL C 123 -36.26 4.24 36.09
N LYS C 124 -35.50 4.00 37.16
CA LYS C 124 -34.58 5.01 37.68
C LYS C 124 -33.60 5.47 36.62
N GLY C 125 -33.36 4.65 35.60
CA GLY C 125 -32.56 5.05 34.47
C GLY C 125 -33.38 5.18 33.20
N LYS C 126 -34.65 5.54 33.35
CA LYS C 126 -35.53 5.78 32.20
C LYS C 126 -36.21 7.14 32.34
N VAL C 127 -36.47 7.57 33.57
CA VAL C 127 -37.06 8.90 33.77
C VAL C 127 -35.99 9.98 33.85
N HIS C 128 -34.87 9.69 34.52
CA HIS C 128 -33.75 10.62 34.49
C HIS C 128 -33.23 10.77 33.07
N ASN C 129 -33.29 9.70 32.27
CA ASN C 129 -32.89 9.79 30.87
C ASN C 129 -33.86 10.61 30.04
N GLN C 130 -35.11 10.75 30.51
CA GLN C 130 -36.07 11.63 29.84
C GLN C 130 -35.83 13.08 30.24
N TYR C 131 -35.59 13.33 31.53
CA TYR C 131 -35.40 14.70 32.00
C TYR C 131 -34.07 15.26 31.50
N ASN C 132 -33.03 14.43 31.45
CA ASN C 132 -31.73 14.84 30.92
C ASN C 132 -31.70 14.87 29.40
N LEU C 133 -32.85 14.66 28.76
CA LEU C 133 -33.05 15.00 27.36
C LEU C 133 -33.89 16.27 27.21
N LEU C 134 -34.95 16.39 28.02
CA LEU C 134 -35.77 17.60 27.98
C LEU C 134 -34.94 18.83 28.32
N TYR C 135 -34.26 18.81 29.47
CA TYR C 135 -33.44 19.95 29.86
C TYR C 135 -32.50 20.39 28.74
N ARG C 136 -32.04 19.43 27.93
CA ARG C 136 -31.25 19.79 26.75
C ARG C 136 -32.11 20.43 25.69
N ARG C 137 -33.30 19.86 25.44
CA ARG C 137 -34.21 20.44 24.45
C ARG C 137 -34.59 21.86 24.83
N GLY C 138 -34.77 22.13 26.12
CA GLY C 138 -35.08 23.47 26.58
C GLY C 138 -36.36 23.56 27.40
N GLN C 139 -36.76 22.46 28.03
CA GLN C 139 -37.94 22.46 28.89
C GLN C 139 -37.57 23.01 30.26
N VAL C 140 -38.24 24.08 30.68
CA VAL C 140 -37.90 24.73 31.95
C VAL C 140 -38.03 23.76 33.12
N ASP C 141 -39.25 23.26 33.35
CA ASP C 141 -39.48 22.39 34.49
C ASP C 141 -39.88 20.97 34.08
N ASN C 142 -41.00 20.79 33.37
CA ASN C 142 -41.47 19.48 32.91
C ASN C 142 -41.11 18.40 33.93
N PRO C 143 -41.74 18.40 35.10
CA PRO C 143 -41.13 17.80 36.29
C PRO C 143 -41.16 16.28 36.37
N LEU C 144 -40.15 15.63 35.78
CA LEU C 144 -39.93 14.21 36.02
C LEU C 144 -38.93 13.94 37.13
N LYS C 145 -38.08 14.93 37.46
CA LYS C 145 -37.12 14.77 38.54
C LYS C 145 -37.77 14.24 39.81
N GLY C 146 -39.04 14.56 40.03
CA GLY C 146 -39.76 14.11 41.20
C GLY C 146 -40.16 12.66 41.12
N ARG C 147 -40.71 12.26 39.97
CA ARG C 147 -41.08 10.85 39.78
C ARG C 147 -39.87 9.95 40.01
N GLY C 148 -38.69 10.39 39.57
CA GLY C 148 -37.50 9.61 39.82
C GLY C 148 -37.30 9.34 41.30
N LYS C 149 -37.34 10.40 42.12
CA LYS C 149 -37.17 10.21 43.55
C LYS C 149 -38.31 9.39 44.15
N LEU C 150 -39.48 9.44 43.53
CA LEU C 150 -40.65 8.72 44.03
C LEU C 150 -40.71 7.28 43.54
N VAL C 151 -39.76 6.86 42.70
CA VAL C 151 -39.68 5.44 42.33
C VAL C 151 -39.24 4.60 43.52
N MET C 152 -38.06 4.88 44.08
CA MET C 152 -37.47 4.00 45.07
C MET C 152 -38.40 3.81 46.27
N ARG C 153 -39.10 4.87 46.69
CA ARG C 153 -40.05 4.74 47.79
C ARG C 153 -41.01 3.58 47.56
N GLN C 154 -41.42 3.38 46.31
CA GLN C 154 -42.41 2.37 46.00
C GLN C 154 -41.86 0.98 46.32
N GLN C 155 -42.77 0.05 46.67
CA GLN C 155 -42.35 -1.30 47.04
C GLN C 155 -43.25 -2.37 46.45
N THR C 156 -43.86 -2.10 45.29
CA THR C 156 -44.55 -3.14 44.53
C THR C 156 -44.51 -2.78 43.06
N LEU C 157 -44.47 -3.80 42.21
CA LEU C 157 -44.39 -3.59 40.77
C LEU C 157 -45.61 -2.83 40.25
N GLU C 158 -46.78 -3.07 40.85
CA GLU C 158 -47.98 -2.32 40.48
C GLU C 158 -47.92 -0.87 40.93
N GLN C 159 -46.99 -0.53 41.83
CA GLN C 159 -46.74 0.85 42.20
C GLN C 159 -45.69 1.52 41.32
N VAL C 160 -45.16 0.78 40.33
CA VAL C 160 -44.11 1.29 39.45
C VAL C 160 -44.54 1.32 37.99
N ARG C 161 -45.29 0.31 37.54
CA ARG C 161 -45.82 0.37 36.17
C ARG C 161 -46.70 1.61 35.99
N GLY C 162 -47.49 1.93 37.00
CA GLY C 162 -48.27 3.16 36.94
C GLY C 162 -47.40 4.38 36.81
N ILE C 163 -46.26 4.39 37.50
CA ILE C 163 -45.35 5.55 37.41
C ILE C 163 -44.72 5.63 36.03
N GLU C 164 -44.36 4.48 35.45
CA GLU C 164 -43.76 4.52 34.12
C GLU C 164 -44.76 5.00 33.08
N GLY C 165 -46.03 4.58 33.20
CA GLY C 165 -47.05 5.09 32.30
C GLY C 165 -47.32 6.58 32.52
N LEU C 166 -47.43 6.99 33.78
CA LEU C 166 -47.63 8.40 34.10
C LEU C 166 -46.50 9.25 33.55
N ALA C 167 -45.26 8.79 33.70
CA ALA C 167 -44.12 9.54 33.22
C ALA C 167 -44.06 9.54 31.69
N ALA C 168 -44.46 8.44 31.06
CA ALA C 168 -44.59 8.44 29.60
C ALA C 168 -45.58 9.50 29.14
N ARG C 169 -46.69 9.65 29.86
CA ARG C 169 -47.67 10.66 29.48
C ARG C 169 -47.21 12.08 29.84
N GLU C 170 -46.49 12.24 30.95
CA GLU C 170 -45.92 13.54 31.26
C GLU C 170 -44.85 13.94 30.25
N TYR C 171 -44.20 12.95 29.65
CA TYR C 171 -43.17 13.14 28.65
C TYR C 171 -43.75 13.34 27.25
N PHE C 172 -44.95 12.81 27.01
CA PHE C 172 -45.62 12.99 25.73
C PHE C 172 -46.53 14.21 25.69
N ALA C 173 -47.10 14.62 26.83
CA ALA C 173 -47.88 15.85 26.89
C ALA C 173 -47.01 17.09 26.79
N SER C 174 -45.69 16.94 26.98
CA SER C 174 -44.74 18.03 26.82
C SER C 174 -44.10 18.04 25.43
N TRP C 175 -44.86 17.62 24.42
CA TRP C 175 -44.36 17.50 23.04
C TRP C 175 -44.74 18.70 22.18
N GLN C 176 -46.01 19.10 22.21
CA GLN C 176 -46.46 20.20 21.36
C GLN C 176 -45.59 21.43 21.53
N GLU C 177 -45.32 21.81 22.78
CA GLU C 177 -44.47 22.97 23.02
C GLU C 177 -43.03 22.74 22.60
N MET C 178 -42.59 21.49 22.50
CA MET C 178 -41.22 21.19 22.07
C MET C 178 -41.11 21.10 20.56
N LEU C 179 -42.03 20.39 19.91
CA LEU C 179 -41.97 20.22 18.47
C LEU C 179 -42.05 21.56 17.75
N GLY C 180 -43.18 22.24 17.90
CA GLY C 180 -43.46 23.44 17.14
C GLY C 180 -44.93 23.52 16.82
N HIS C 181 -45.29 24.52 16.02
CA HIS C 181 -46.69 24.74 15.65
C HIS C 181 -47.13 23.92 14.45
N GLU C 182 -46.23 23.18 13.81
CA GLU C 182 -46.57 22.51 12.55
C GLU C 182 -47.39 21.25 12.80
N TRP C 183 -46.83 20.29 13.52
CA TRP C 183 -47.50 19.03 13.79
C TRP C 183 -48.19 19.08 15.15
N THR C 184 -49.22 18.25 15.30
CA THR C 184 -50.03 18.20 16.50
C THR C 184 -49.83 16.86 17.20
N PHE C 185 -49.39 16.91 18.45
CA PHE C 185 -49.23 15.72 19.30
C PHE C 185 -49.95 16.01 20.61
N THR C 186 -51.27 15.77 20.61
CA THR C 186 -52.04 15.96 21.83
C THR C 186 -51.90 14.75 22.75
N GLY C 187 -51.91 13.54 22.18
CA GLY C 187 -51.73 12.33 22.95
C GLY C 187 -51.32 11.20 22.04
N ARG C 188 -50.87 10.11 22.66
CA ARG C 188 -50.44 8.92 21.96
C ARG C 188 -51.55 7.88 22.01
N PHE C 189 -51.86 7.29 20.86
CA PHE C 189 -52.96 6.34 20.72
C PHE C 189 -52.42 4.93 20.55
N ARG C 190 -53.05 3.97 21.23
CA ARG C 190 -52.68 2.57 21.06
C ARG C 190 -53.04 2.07 19.67
N ARG C 191 -54.09 2.63 19.07
CA ARG C 191 -54.54 2.20 17.75
C ARG C 191 -53.55 2.67 16.69
N PRO C 192 -53.73 2.26 15.44
CA PRO C 192 -52.74 2.59 14.39
C PRO C 192 -52.45 4.08 14.33
N PRO C 193 -51.43 4.48 13.56
CA PRO C 193 -50.97 5.88 13.63
C PRO C 193 -51.97 6.91 13.14
N THR C 194 -52.95 7.23 13.98
CA THR C 194 -53.86 8.34 13.69
C THR C 194 -53.11 9.67 13.70
N ASP C 195 -52.18 9.84 14.62
CA ASP C 195 -51.42 11.08 14.74
C ASP C 195 -50.25 11.05 13.76
N PRO C 196 -50.00 12.15 13.02
CA PRO C 196 -48.90 12.11 12.04
C PRO C 196 -47.53 11.89 12.67
N VAL C 197 -47.19 12.63 13.73
CA VAL C 197 -45.89 12.44 14.36
C VAL C 197 -45.76 11.03 14.92
N ASN C 198 -46.88 10.45 15.38
CA ASN C 198 -46.87 9.14 15.99
C ASN C 198 -46.66 8.02 14.98
N ALA C 199 -46.80 8.31 13.68
CA ALA C 199 -46.47 7.33 12.65
C ALA C 199 -44.97 7.14 12.49
N LEU C 200 -44.16 7.99 13.14
CA LEU C 200 -42.72 7.98 12.98
C LEU C 200 -42.01 7.27 14.12
N LEU C 201 -42.56 7.32 15.34
CA LEU C 201 -41.96 6.59 16.45
C LEU C 201 -42.12 5.09 16.25
N SER C 202 -43.27 4.65 15.74
CA SER C 202 -43.42 3.25 15.37
C SER C 202 -42.31 2.82 14.43
N PHE C 203 -41.83 3.73 13.58
CA PHE C 203 -40.62 3.47 12.80
C PHE C 203 -39.43 3.35 13.74
N GLY C 204 -39.13 4.41 14.48
CA GLY C 204 -38.04 4.40 15.43
C GLY C 204 -38.18 3.29 16.46
N TYR C 205 -39.27 3.34 17.23
CA TYR C 205 -39.54 2.28 18.20
C TYR C 205 -39.75 0.92 17.54
N GLY C 206 -39.91 0.88 16.22
CA GLY C 206 -39.99 -0.38 15.51
C GLY C 206 -38.62 -0.94 15.18
N LEU C 207 -37.77 -0.12 14.58
CA LEU C 207 -36.40 -0.53 14.27
C LEU C 207 -35.41 -0.18 15.38
N LEU C 208 -35.88 -0.05 16.62
CA LEU C 208 -35.00 -0.19 17.78
C LEU C 208 -34.91 -1.66 18.18
N ARG C 209 -36.02 -2.38 18.04
CA ARG C 209 -35.98 -3.82 18.22
C ARG C 209 -35.05 -4.48 17.22
N THR C 210 -34.80 -3.87 16.07
CA THR C 210 -33.86 -4.46 15.11
C THR C 210 -32.48 -4.62 15.71
N GLN C 211 -32.05 -3.64 16.50
CA GLN C 211 -30.74 -3.68 17.15
C GLN C 211 -30.81 -4.18 18.60
N VAL C 212 -32.01 -4.38 19.15
CA VAL C 212 -32.14 -4.90 20.50
C VAL C 212 -32.53 -6.38 20.57
N THR C 213 -33.07 -6.94 19.50
CA THR C 213 -33.46 -8.35 19.46
C THR C 213 -32.30 -9.27 19.12
N ALA C 214 -31.09 -8.72 19.00
CA ALA C 214 -29.88 -9.49 18.81
C ALA C 214 -28.89 -9.34 19.96
N ALA C 215 -28.88 -8.19 20.64
CA ALA C 215 -28.04 -8.05 21.82
C ALA C 215 -28.50 -8.97 22.95
N VAL C 216 -29.77 -9.37 22.96
CA VAL C 216 -30.21 -10.38 23.91
C VAL C 216 -29.71 -11.76 23.48
N HIS C 217 -29.65 -12.01 22.19
CA HIS C 217 -29.17 -13.28 21.66
C HIS C 217 -27.65 -13.39 21.73
N ILE C 218 -26.95 -12.30 21.98
CA ILE C 218 -25.50 -12.35 22.15
C ILE C 218 -25.10 -12.69 23.59
N ALA C 219 -25.89 -12.29 24.57
CA ALA C 219 -25.65 -12.67 25.96
C ALA C 219 -26.37 -13.94 26.36
N GLY C 220 -27.11 -14.57 25.44
CA GLY C 220 -27.85 -15.76 25.76
C GLY C 220 -29.09 -15.53 26.60
N LEU C 221 -29.60 -14.30 26.64
CA LEU C 221 -30.77 -13.99 27.43
C LEU C 221 -32.02 -14.50 26.73
N ASP C 222 -32.89 -15.17 27.49
CA ASP C 222 -34.16 -15.63 26.97
C ASP C 222 -35.06 -14.43 26.72
N PRO C 223 -35.44 -14.13 25.47
CA PRO C 223 -36.24 -12.91 25.25
C PRO C 223 -37.56 -12.89 25.99
N TYR C 224 -38.21 -14.04 26.14
CA TYR C 224 -39.59 -14.08 26.60
C TYR C 224 -39.73 -13.90 28.10
N ILE C 225 -38.65 -13.95 28.87
CA ILE C 225 -38.69 -13.84 30.32
C ILE C 225 -38.07 -12.50 30.70
N GLY C 226 -38.89 -11.58 31.19
CA GLY C 226 -38.43 -10.27 31.58
C GLY C 226 -38.94 -9.84 32.94
N PHE C 227 -38.70 -8.60 33.31
CA PHE C 227 -38.96 -8.13 34.67
C PHE C 227 -40.02 -7.04 34.77
N LEU C 228 -40.25 -6.26 33.72
CA LEU C 228 -41.31 -5.26 33.72
C LEU C 228 -42.59 -5.77 33.08
N HIS C 229 -42.51 -6.21 31.82
CA HIS C 229 -43.70 -6.62 31.08
C HIS C 229 -44.11 -8.03 31.47
N GLU C 230 -45.39 -8.19 31.82
CA GLU C 230 -45.92 -9.51 32.11
C GLU C 230 -45.91 -10.35 30.83
N THR C 231 -45.18 -11.46 30.85
CA THR C 231 -45.05 -12.33 29.68
C THR C 231 -46.25 -13.29 29.60
N THR C 232 -47.43 -12.70 29.46
CA THR C 232 -48.69 -13.45 29.44
C THR C 232 -49.51 -13.14 28.19
N ARG C 233 -48.86 -12.63 27.13
CA ARG C 233 -49.58 -12.23 25.92
C ARG C 233 -48.83 -12.62 24.66
N GLY C 234 -47.89 -13.56 24.74
CA GLY C 234 -47.05 -13.89 23.62
C GLY C 234 -46.06 -12.81 23.24
N GLN C 235 -46.06 -11.67 23.93
CA GLN C 235 -45.10 -10.62 23.67
C GLN C 235 -43.81 -10.89 24.43
N PRO C 236 -42.64 -10.70 23.82
CA PRO C 236 -41.40 -10.80 24.57
C PRO C 236 -41.41 -9.83 25.75
N ALA C 237 -40.54 -10.09 26.70
CA ALA C 237 -40.41 -9.24 27.88
C ALA C 237 -39.06 -8.56 27.95
N MET C 238 -37.96 -9.28 27.67
CA MET C 238 -36.65 -8.64 27.65
C MET C 238 -36.49 -7.75 26.44
N ILE C 239 -37.02 -8.18 25.29
CA ILE C 239 -36.86 -7.40 24.06
C ILE C 239 -37.46 -6.00 24.21
N LEU C 240 -38.51 -5.87 25.02
CA LEU C 240 -39.13 -4.56 25.26
C LEU C 240 -38.54 -3.90 26.50
N ASP C 241 -38.63 -4.57 27.65
CA ASP C 241 -38.08 -4.08 28.91
C ASP C 241 -36.70 -3.49 28.70
N LEU C 242 -35.86 -4.18 27.91
CA LEU C 242 -34.52 -3.67 27.62
C LEU C 242 -34.57 -2.58 26.57
N MET C 243 -35.37 -2.77 25.52
CA MET C 243 -35.58 -1.72 24.53
C MET C 243 -36.17 -0.46 25.14
N GLU C 244 -36.68 -0.52 26.37
CA GLU C 244 -37.39 0.62 26.94
C GLU C 244 -36.43 1.76 27.25
N GLU C 245 -35.35 1.48 27.99
CA GLU C 245 -34.42 2.55 28.36
C GLU C 245 -33.97 3.34 27.15
N PHE C 246 -33.81 2.67 26.00
CA PHE C 246 -33.31 3.29 24.79
C PHE C 246 -34.41 3.80 23.88
N ARG C 247 -35.61 3.99 24.40
CA ARG C 247 -36.68 4.63 23.64
C ARG C 247 -36.64 6.14 23.73
N ALA C 248 -35.81 6.70 24.62
CA ALA C 248 -35.72 8.15 24.79
C ALA C 248 -34.46 8.75 24.18
N LEU C 249 -33.46 7.93 23.86
CA LEU C 249 -32.14 8.47 23.50
C LEU C 249 -31.54 7.92 22.21
N VAL C 250 -32.04 6.82 21.65
CA VAL C 250 -31.54 6.35 20.36
C VAL C 250 -32.68 6.27 19.35
N ALA C 251 -33.91 6.08 19.84
CA ALA C 251 -35.09 6.03 18.98
C ALA C 251 -36.02 7.21 19.21
N ASP C 252 -35.64 8.15 20.08
CA ASP C 252 -36.44 9.34 20.34
C ASP C 252 -35.71 10.62 19.96
N SER C 253 -34.44 10.76 20.36
CA SER C 253 -33.65 11.91 19.91
C SER C 253 -33.45 11.90 18.40
N VAL C 254 -33.56 10.73 17.77
CA VAL C 254 -33.53 10.67 16.32
C VAL C 254 -34.69 11.47 15.73
N VAL C 255 -35.85 11.41 16.38
CA VAL C 255 -37.06 11.96 15.80
C VAL C 255 -36.96 13.48 15.68
N LEU C 256 -36.77 14.15 16.81
CA LEU C 256 -36.67 15.62 16.81
C LEU C 256 -35.32 16.10 16.28
N THR C 257 -34.35 15.21 16.10
CA THR C 257 -33.15 15.57 15.36
C THR C 257 -33.45 15.72 13.88
N VAL C 258 -34.36 14.90 13.36
CA VAL C 258 -34.67 14.90 11.94
C VAL C 258 -35.90 15.76 11.67
N LEU C 259 -36.79 15.86 12.65
CA LEU C 259 -37.96 16.72 12.51
C LEU C 259 -37.64 18.20 12.72
N LYS C 260 -36.37 18.54 12.91
CA LYS C 260 -35.94 19.92 13.11
C LYS C 260 -35.15 20.45 11.93
N GLN C 261 -34.15 19.69 11.47
CA GLN C 261 -33.44 20.06 10.25
C GLN C 261 -34.14 19.58 8.99
N ARG C 262 -34.94 18.51 9.10
CA ARG C 262 -35.26 17.68 7.94
C ARG C 262 -36.72 17.29 7.96
N GLU C 263 -37.20 16.82 6.81
CA GLU C 263 -38.51 16.21 6.64
C GLU C 263 -39.62 16.93 7.42
N ILE C 264 -39.53 18.26 7.49
CA ILE C 264 -40.52 19.03 8.25
C ILE C 264 -41.93 18.65 7.82
N GLN C 265 -42.16 18.52 6.52
CA GLN C 265 -43.45 18.12 5.95
C GLN C 265 -43.22 17.91 4.46
N ARG C 266 -44.30 17.65 3.73
CA ARG C 266 -44.28 17.44 2.28
C ARG C 266 -43.79 16.04 1.92
N GLN C 267 -43.43 15.22 2.90
CA GLN C 267 -42.97 13.86 2.64
C GLN C 267 -43.83 12.86 3.40
N ASP C 268 -45.15 13.03 3.33
CA ASP C 268 -46.10 12.15 4.01
C ASP C 268 -47.27 11.88 3.08
N PHE C 269 -48.12 10.95 3.49
CA PHE C 269 -49.31 10.59 2.72
C PHE C 269 -50.39 10.13 3.68
N THR C 270 -51.48 9.58 3.14
CA THR C 270 -52.62 9.12 3.94
C THR C 270 -53.57 8.30 3.09
N GLU C 271 -53.96 7.11 3.57
CA GLU C 271 -54.87 6.27 2.79
C GLU C 271 -55.39 5.11 3.63
N SER C 272 -56.64 4.75 3.36
CA SER C 272 -57.29 3.51 3.79
C SER C 272 -57.67 3.49 5.26
N LEU C 273 -57.15 4.43 6.04
CA LEU C 273 -57.74 4.73 7.34
C LEU C 273 -57.58 6.21 7.68
N GLY C 274 -57.12 7.04 6.75
CA GLY C 274 -56.39 8.24 7.09
C GLY C 274 -54.95 7.83 7.26
N ALA C 275 -54.64 7.20 8.39
CA ALA C 275 -53.39 6.47 8.60
C ALA C 275 -52.19 7.19 7.99
N PHE C 276 -51.94 8.39 8.50
CA PHE C 276 -50.83 9.20 8.02
C PHE C 276 -49.54 8.40 8.00
N ARG C 277 -49.00 8.20 6.80
CA ARG C 277 -47.83 7.37 6.57
C ARG C 277 -46.62 8.22 6.24
N LEU C 278 -45.49 7.56 6.00
CA LEU C 278 -44.29 8.20 5.51
C LEU C 278 -44.17 7.94 4.01
N THR C 279 -43.04 8.33 3.42
CA THR C 279 -42.87 8.29 1.98
C THR C 279 -41.53 7.68 1.62
N ASP C 280 -41.51 6.91 0.53
CA ASP C 280 -40.24 6.45 -0.02
C ASP C 280 -39.43 7.65 -0.51
N SER C 281 -38.11 7.50 -0.46
CA SER C 281 -37.11 8.56 -0.66
C SER C 281 -36.99 9.46 0.57
N ALA C 282 -37.86 9.31 1.57
CA ALA C 282 -37.67 9.92 2.88
C ALA C 282 -37.20 8.90 3.91
N THR C 283 -37.61 7.64 3.76
CA THR C 283 -37.04 6.56 4.57
C THR C 283 -35.52 6.55 4.42
N LYS C 284 -35.03 6.51 3.18
CA LYS C 284 -33.59 6.43 2.94
C LYS C 284 -32.83 7.57 3.62
N THR C 285 -33.52 8.64 4.03
CA THR C 285 -32.92 9.67 4.87
C THR C 285 -33.10 9.36 6.36
N PHE C 286 -34.26 8.83 6.73
CA PHE C 286 -34.49 8.42 8.12
C PHE C 286 -33.46 7.38 8.55
N LEU C 287 -33.34 6.30 7.80
CA LEU C 287 -32.38 5.25 8.12
C LEU C 287 -30.96 5.78 8.15
N GLY C 288 -30.65 6.75 7.29
CA GLY C 288 -29.36 7.43 7.40
C GLY C 288 -29.22 8.11 8.75
N ALA C 289 -30.26 8.82 9.18
CA ALA C 289 -30.24 9.45 10.49
C ALA C 289 -30.05 8.41 11.59
N PHE C 290 -30.62 7.22 11.41
CA PHE C 290 -30.54 6.20 12.44
C PHE C 290 -29.12 5.62 12.54
N ASP C 291 -28.53 5.28 11.39
CA ASP C 291 -27.14 4.82 11.41
C ASP C 291 -26.20 5.94 11.86
N ARG C 292 -26.58 7.20 11.67
CA ARG C 292 -25.77 8.31 12.14
C ARG C 292 -25.85 8.43 13.66
N LYS C 293 -27.05 8.30 14.21
CA LYS C 293 -27.23 8.35 15.66
C LYS C 293 -26.57 7.16 16.34
N LEU C 294 -26.70 5.96 15.76
CA LEU C 294 -26.06 4.78 16.31
C LEU C 294 -24.55 4.97 16.40
N SER C 295 -23.95 5.53 15.35
CA SER C 295 -22.50 5.66 15.27
C SER C 295 -21.97 6.88 16.02
N SER C 296 -22.82 7.62 16.70
CA SER C 296 -22.33 8.66 17.61
C SER C 296 -21.66 8.03 18.80
N GLU C 297 -20.65 8.73 19.34
CA GLU C 297 -19.70 8.10 20.27
C GLU C 297 -20.14 8.22 21.73
N PHE C 298 -20.32 9.44 22.23
CA PHE C 298 -20.97 9.82 23.48
C PHE C 298 -20.15 9.58 24.77
N LYS C 299 -18.99 8.93 24.70
CA LYS C 299 -17.99 8.93 25.77
C LYS C 299 -18.39 8.15 27.04
N HIS C 300 -19.61 7.59 27.10
CA HIS C 300 -19.96 6.63 28.16
C HIS C 300 -19.87 7.11 29.62
N PRO C 301 -20.88 7.82 30.12
CA PRO C 301 -20.82 8.28 31.51
C PRO C 301 -20.86 7.17 32.56
N ILE C 302 -19.93 6.22 32.53
CA ILE C 302 -19.57 5.44 33.72
C ILE C 302 -18.06 5.55 33.94
N PHE C 303 -17.30 4.97 33.02
CA PHE C 303 -15.87 5.22 32.82
C PHE C 303 -15.69 5.97 31.49
N ASN C 304 -14.47 6.01 30.99
CA ASN C 304 -14.18 6.69 29.72
C ASN C 304 -14.24 5.75 28.52
N TYR C 305 -15.19 4.81 28.52
CA TYR C 305 -15.35 3.88 27.41
C TYR C 305 -15.26 4.57 26.06
N LYS C 306 -16.12 5.58 25.83
CA LYS C 306 -16.20 6.27 24.54
C LYS C 306 -16.64 5.29 23.44
N CYS C 307 -17.83 4.74 23.62
CA CYS C 307 -18.34 3.67 22.77
C CYS C 307 -19.63 4.08 22.09
N THR C 308 -19.77 3.69 20.82
CA THR C 308 -20.99 3.97 20.07
C THR C 308 -22.18 3.24 20.71
N TYR C 309 -23.36 3.85 20.59
CA TYR C 309 -24.59 3.26 21.12
C TYR C 309 -24.73 1.81 20.68
N ARG C 310 -24.46 1.55 19.41
CA ARG C 310 -24.49 0.24 18.78
C ARG C 310 -23.88 -0.80 19.70
N ARG C 311 -22.80 -0.44 20.38
CA ARG C 311 -22.24 -1.32 21.40
C ARG C 311 -23.01 -1.19 22.71
N ALA C 312 -23.31 0.05 23.15
CA ALA C 312 -23.95 0.29 24.43
C ALA C 312 -25.05 -0.72 24.72
N ILE C 313 -25.85 -1.06 23.69
CA ILE C 313 -26.92 -2.05 23.89
C ILE C 313 -26.32 -3.44 24.13
N GLU C 314 -25.43 -3.87 23.23
CA GLU C 314 -24.78 -5.17 23.36
C GLU C 314 -24.08 -5.30 24.70
N LEU C 315 -23.67 -4.18 25.29
CA LEU C 315 -23.05 -4.18 26.61
C LEU C 315 -24.11 -4.36 27.69
N GLN C 316 -25.07 -3.43 27.76
CA GLN C 316 -26.12 -3.53 28.77
C GLN C 316 -26.65 -4.95 28.88
N ALA C 317 -26.78 -5.65 27.75
CA ALA C 317 -27.22 -7.04 27.79
C ALA C 317 -26.27 -7.89 28.66
N ARG C 318 -24.97 -7.83 28.37
CA ARG C 318 -24.01 -8.65 29.11
C ARG C 318 -23.87 -8.19 30.55
N LEU C 319 -24.01 -6.89 30.80
CA LEU C 319 -23.95 -6.39 32.16
C LEU C 319 -25.10 -6.94 32.99
N LEU C 320 -26.31 -6.99 32.42
CA LEU C 320 -27.42 -7.62 33.10
C LEU C 320 -27.17 -9.11 33.30
N ALA C 321 -26.61 -9.78 32.30
CA ALA C 321 -26.28 -11.20 32.45
C ALA C 321 -25.34 -11.42 33.62
N ARG C 322 -24.25 -10.66 33.67
CA ARG C 322 -23.31 -10.78 34.80
C ARG C 322 -23.99 -10.46 36.11
N HIS C 323 -24.86 -9.44 36.13
CA HIS C 323 -25.69 -9.19 37.30
C HIS C 323 -26.42 -10.45 37.73
N LEU C 324 -26.87 -11.24 36.76
CA LEU C 324 -27.57 -12.48 37.05
C LEU C 324 -26.63 -13.64 37.40
N GLN C 325 -25.33 -13.49 37.14
CA GLN C 325 -24.37 -14.53 37.48
C GLN C 325 -23.34 -14.07 38.51
N GLU C 326 -22.72 -12.90 38.31
CA GLU C 326 -21.60 -12.45 39.13
C GLU C 326 -22.00 -11.34 40.09
N GLY C 327 -23.30 -11.14 40.32
CA GLY C 327 -23.73 -10.14 41.28
C GLY C 327 -23.17 -8.76 41.02
N VAL C 328 -23.05 -8.38 39.75
CA VAL C 328 -22.61 -7.03 39.43
C VAL C 328 -23.69 -6.02 39.82
N VAL C 329 -23.27 -4.77 39.97
CA VAL C 329 -24.22 -3.67 40.11
C VAL C 329 -24.71 -3.28 38.73
N TYR C 330 -26.02 -3.08 38.60
CA TYR C 330 -26.62 -2.72 37.32
C TYR C 330 -26.69 -1.20 37.23
N GLU C 331 -25.70 -0.61 36.57
CA GLU C 331 -25.65 0.83 36.39
C GLU C 331 -26.11 1.19 34.98
N PRO C 332 -27.39 1.52 34.78
CA PRO C 332 -27.86 1.85 33.43
C PRO C 332 -27.35 3.19 32.94
N LEU C 333 -27.81 3.61 31.76
CA LEU C 333 -27.27 4.80 31.10
C LEU C 333 -28.08 6.04 31.46
N VAL C 334 -27.35 7.14 31.70
CA VAL C 334 -27.95 8.45 31.95
C VAL C 334 -26.96 9.50 31.47
N ILE C 335 -27.45 10.50 30.75
CA ILE C 335 -26.60 11.48 30.09
C ILE C 335 -27.25 12.85 30.22
N ARG C 336 -26.55 13.79 30.86
CA ARG C 336 -27.04 15.16 31.02
C ARG C 336 -26.07 16.14 30.35
N SER D 13 -51.69 -29.55 10.96
CA SER D 13 -52.05 -28.20 10.55
C SER D 13 -50.81 -27.36 10.32
N THR D 14 -49.89 -27.87 9.51
CA THR D 14 -48.65 -27.18 9.18
C THR D 14 -48.35 -27.41 7.71
N LEU D 15 -47.64 -26.47 7.10
CA LEU D 15 -47.42 -26.48 5.65
C LEU D 15 -45.96 -26.85 5.36
N TYR D 16 -45.76 -28.03 4.80
CA TYR D 16 -44.42 -28.55 4.52
C TYR D 16 -44.07 -28.37 3.05
N LEU D 17 -42.77 -28.34 2.79
CA LEU D 17 -42.25 -28.32 1.41
C LEU D 17 -40.96 -29.15 1.37
N THR D 18 -41.06 -30.36 0.84
CA THR D 18 -39.95 -31.30 0.80
C THR D 18 -39.12 -31.19 -0.48
N GLN D 19 -39.41 -30.21 -1.34
CA GLN D 19 -38.76 -30.13 -2.65
C GLN D 19 -38.23 -28.73 -2.88
N PRO D 20 -36.97 -28.56 -3.28
CA PRO D 20 -36.48 -27.23 -3.67
C PRO D 20 -36.95 -26.79 -5.04
N ASP D 21 -37.81 -27.57 -5.66
CA ASP D 21 -38.37 -27.25 -6.96
C ASP D 21 -39.69 -26.50 -6.86
N ALA D 22 -39.98 -25.89 -5.72
CA ALA D 22 -41.28 -25.29 -5.44
C ALA D 22 -41.15 -23.79 -5.24
N VAL D 23 -42.31 -23.15 -5.15
CA VAL D 23 -42.40 -21.70 -4.92
C VAL D 23 -43.64 -21.45 -4.09
N LEU D 24 -43.52 -20.57 -3.11
CA LEU D 24 -44.64 -20.15 -2.29
C LEU D 24 -45.02 -18.72 -2.65
N SER D 25 -46.31 -18.40 -2.54
CA SER D 25 -46.76 -17.06 -2.88
C SER D 25 -48.04 -16.74 -2.11
N LYS D 26 -48.38 -15.46 -2.09
CA LYS D 26 -49.63 -14.96 -1.54
C LYS D 26 -50.44 -14.43 -2.71
N LYS D 27 -51.48 -15.16 -3.11
CA LYS D 27 -52.31 -14.77 -4.25
C LYS D 27 -53.73 -14.51 -3.76
N HIS D 28 -54.10 -13.24 -3.69
CA HIS D 28 -55.47 -12.82 -3.35
C HIS D 28 -55.92 -13.41 -2.02
N GLU D 29 -55.20 -13.02 -0.96
CA GLU D 29 -55.60 -13.28 0.42
C GLU D 29 -55.51 -14.76 0.81
N ALA D 30 -54.61 -15.51 0.19
CA ALA D 30 -54.44 -16.91 0.56
C ALA D 30 -53.15 -17.44 -0.06
N PHE D 31 -52.61 -18.50 0.55
CA PHE D 31 -51.33 -19.03 0.09
C PHE D 31 -51.51 -19.80 -1.20
N HIS D 32 -50.44 -19.86 -1.98
CA HIS D 32 -50.44 -20.53 -3.27
C HIS D 32 -49.11 -21.24 -3.38
N VAL D 33 -49.14 -22.58 -3.37
CA VAL D 33 -47.95 -23.40 -3.40
C VAL D 33 -47.80 -23.89 -4.84
N ALA D 34 -47.03 -23.15 -5.64
CA ALA D 34 -46.74 -23.54 -7.01
C ALA D 34 -45.63 -24.57 -6.99
N LEU D 35 -45.97 -25.83 -7.23
CA LEU D 35 -45.03 -26.94 -7.16
C LEU D 35 -44.97 -27.60 -8.54
N LYS D 36 -44.30 -28.76 -8.59
CA LYS D 36 -44.04 -29.50 -9.82
C LYS D 36 -43.20 -28.67 -10.80
N GLN D 37 -41.98 -28.37 -10.38
CA GLN D 37 -41.07 -27.56 -11.18
C GLN D 37 -41.64 -26.16 -11.40
N SER D 41 -45.84 -23.53 -12.16
CA SER D 41 -45.79 -23.83 -13.60
C SER D 41 -46.54 -25.13 -13.92
N TRP D 42 -46.65 -26.02 -12.94
CA TRP D 42 -47.30 -27.30 -13.15
C TRP D 42 -48.53 -27.52 -12.27
N LYS D 43 -48.40 -27.38 -10.95
CA LYS D 43 -49.41 -27.92 -10.03
C LYS D 43 -49.77 -26.94 -8.91
N LYS D 44 -50.15 -25.73 -9.28
CA LYS D 44 -50.75 -24.81 -8.31
C LYS D 44 -51.80 -25.52 -7.47
N GLN D 45 -51.89 -25.14 -6.19
CA GLN D 45 -52.88 -25.68 -5.26
C GLN D 45 -53.04 -24.69 -4.11
N PRO D 46 -53.96 -23.72 -4.22
CA PRO D 46 -54.10 -22.72 -3.16
C PRO D 46 -54.48 -23.35 -1.82
N ILE D 47 -54.07 -22.68 -0.75
CA ILE D 47 -54.33 -23.12 0.62
C ILE D 47 -54.82 -21.93 1.43
N PRO D 48 -55.78 -22.12 2.34
CA PRO D 48 -56.23 -21.02 3.19
C PRO D 48 -55.45 -20.97 4.50
N ALA D 49 -55.48 -19.79 5.11
CA ALA D 49 -54.81 -19.54 6.37
C ALA D 49 -55.78 -19.83 7.52
N GLN D 50 -55.41 -19.41 8.74
CA GLN D 50 -56.21 -19.49 9.96
C GLN D 50 -56.48 -20.93 10.40
N THR D 51 -56.01 -21.93 9.64
CA THR D 51 -55.86 -23.29 10.15
C THR D 51 -54.41 -23.60 10.51
N LEU D 52 -53.46 -22.85 9.96
CA LEU D 52 -52.05 -23.14 10.13
C LEU D 52 -51.56 -22.65 11.48
N GLU D 53 -50.52 -23.31 11.99
CA GLU D 53 -49.76 -22.83 13.14
C GLU D 53 -48.26 -22.94 12.93
N ASP D 54 -47.80 -23.53 11.84
CA ASP D 54 -46.37 -23.67 11.57
C ASP D 54 -46.13 -24.08 10.12
N ILE D 55 -45.00 -23.61 9.60
CA ILE D 55 -44.58 -23.87 8.23
C ILE D 55 -43.18 -24.47 8.28
N VAL D 56 -42.91 -25.43 7.40
CA VAL D 56 -41.63 -26.13 7.38
C VAL D 56 -41.14 -26.26 5.94
N LEU D 57 -40.23 -25.38 5.55
CA LEU D 57 -39.59 -25.44 4.24
C LEU D 57 -38.41 -26.40 4.37
N LEU D 58 -38.65 -27.67 4.01
CA LEU D 58 -37.64 -28.70 4.26
C LEU D 58 -36.46 -28.55 3.32
N GLY D 59 -36.70 -28.50 2.01
CA GLY D 59 -35.62 -28.32 1.06
C GLY D 59 -35.09 -26.91 1.07
N TYR D 60 -34.66 -26.42 -0.11
CA TYR D 60 -34.20 -25.05 -0.29
C TYR D 60 -35.06 -24.40 -1.37
N PRO D 61 -36.30 -24.03 -1.06
CA PRO D 61 -37.14 -23.38 -2.06
C PRO D 61 -36.82 -21.90 -2.19
N SER D 62 -37.45 -21.28 -3.18
CA SER D 62 -37.56 -19.84 -3.26
C SER D 62 -38.95 -19.43 -2.83
N ILE D 63 -39.06 -18.31 -2.12
CA ILE D 63 -40.30 -17.91 -1.48
C ILE D 63 -40.49 -16.41 -1.66
N THR D 64 -41.68 -16.01 -2.09
CA THR D 64 -41.98 -14.60 -2.30
C THR D 64 -42.09 -13.89 -0.97
N GLY D 65 -41.34 -12.78 -0.83
CA GLY D 65 -41.44 -12.01 0.40
C GLY D 65 -42.86 -11.57 0.71
N GLU D 66 -43.66 -11.32 -0.34
CA GLU D 66 -45.06 -10.98 -0.13
C GLU D 66 -45.76 -12.02 0.74
N ALA D 67 -45.33 -13.28 0.66
CA ALA D 67 -45.87 -14.31 1.53
C ALA D 67 -45.22 -14.28 2.90
N LEU D 68 -43.92 -13.97 2.96
CA LEU D 68 -43.20 -13.93 4.23
C LEU D 68 -43.66 -12.79 5.12
N GLY D 69 -44.58 -11.94 4.67
CA GLY D 69 -45.24 -11.00 5.55
C GLY D 69 -46.57 -11.55 6.02
N TYR D 70 -47.40 -11.97 5.07
CA TYR D 70 -48.71 -12.52 5.39
C TYR D 70 -48.63 -13.70 6.35
N ALA D 71 -47.44 -14.28 6.53
CA ALA D 71 -47.24 -15.33 7.52
C ALA D 71 -46.70 -14.80 8.83
N LEU D 72 -46.01 -13.66 8.81
CA LEU D 72 -45.42 -13.10 10.03
C LEU D 72 -46.32 -12.08 10.71
N GLU D 73 -47.11 -11.31 9.97
CA GLU D 73 -48.09 -10.41 10.56
C GLU D 73 -49.34 -11.14 11.02
N LEU D 74 -49.31 -12.47 11.08
CA LEU D 74 -50.47 -13.29 11.32
C LEU D 74 -50.34 -14.19 12.55
N GLY D 75 -49.14 -14.62 12.88
CA GLY D 75 -48.93 -15.51 14.02
C GLY D 75 -48.36 -16.85 13.60
N LEU D 76 -47.60 -16.87 12.51
CA LEU D 76 -47.05 -18.10 11.97
C LEU D 76 -45.55 -17.90 11.73
N PRO D 77 -44.70 -18.81 12.22
CA PRO D 77 -43.28 -18.76 11.88
C PRO D 77 -43.00 -19.44 10.54
N VAL D 78 -41.73 -19.48 10.17
CA VAL D 78 -41.28 -20.17 8.96
C VAL D 78 -39.91 -20.79 9.22
N HIS D 79 -39.83 -22.11 9.22
CA HIS D 79 -38.60 -22.81 9.58
C HIS D 79 -37.91 -23.32 8.32
N TYR D 80 -36.72 -22.78 8.04
CA TYR D 80 -35.93 -23.24 6.90
C TYR D 80 -35.10 -24.44 7.32
N LEU D 81 -35.10 -25.48 6.49
CA LEU D 81 -34.31 -26.69 6.73
C LEU D 81 -33.65 -27.09 5.42
N THR D 82 -33.07 -28.29 5.41
CA THR D 82 -32.55 -28.90 4.20
C THR D 82 -33.21 -30.27 4.02
N GLN D 83 -33.14 -30.79 2.79
CA GLN D 83 -33.91 -31.98 2.44
C GLN D 83 -33.72 -33.12 3.45
N PHE D 84 -32.59 -33.14 4.17
CA PHE D 84 -32.34 -34.18 5.15
C PHE D 84 -32.93 -33.86 6.52
N GLY D 85 -33.19 -32.59 6.81
CA GLY D 85 -33.74 -32.17 8.08
C GLY D 85 -32.83 -31.29 8.92
N LYS D 86 -31.62 -30.98 8.47
CA LYS D 86 -30.71 -30.18 9.27
C LYS D 86 -31.25 -28.76 9.43
N TYR D 87 -31.00 -28.18 10.60
CA TYR D 87 -31.55 -26.89 10.98
C TYR D 87 -30.57 -25.79 10.58
N VAL D 88 -31.03 -24.85 9.76
CA VAL D 88 -30.24 -23.70 9.33
C VAL D 88 -30.75 -22.40 9.96
N GLY D 89 -32.06 -22.19 9.95
CA GLY D 89 -32.60 -20.95 10.48
C GLY D 89 -34.11 -20.99 10.57
N SER D 90 -34.64 -19.99 11.27
CA SER D 90 -36.07 -19.89 11.48
C SER D 90 -36.45 -18.42 11.56
N ALA D 91 -37.56 -18.07 10.90
CA ALA D 91 -38.14 -16.74 10.96
C ALA D 91 -39.29 -16.77 11.95
N LEU D 92 -39.20 -15.95 12.99
CA LEU D 92 -40.18 -15.91 14.07
C LEU D 92 -40.94 -14.58 14.04
N PRO D 93 -42.18 -14.55 14.51
CA PRO D 93 -42.93 -13.30 14.53
C PRO D 93 -42.76 -12.56 15.84
N SER D 94 -43.30 -11.34 15.88
CA SER D 94 -43.22 -10.52 17.08
C SER D 94 -44.14 -11.05 18.17
N GLU D 95 -45.38 -11.36 17.81
CA GLU D 95 -46.39 -11.85 18.75
C GLU D 95 -46.54 -13.35 18.56
N SER D 96 -46.26 -14.12 19.62
CA SER D 96 -46.43 -15.56 19.59
C SER D 96 -46.30 -16.08 21.02
N ARG D 97 -47.09 -17.11 21.34
CA ARG D 97 -47.17 -17.63 22.70
C ARG D 97 -46.18 -18.78 22.87
N ASN D 98 -44.93 -18.41 23.14
CA ASN D 98 -43.92 -19.36 23.60
C ASN D 98 -43.38 -18.97 24.98
N GLY D 99 -43.96 -17.96 25.62
CA GLY D 99 -43.48 -17.54 26.92
C GLY D 99 -43.89 -18.51 28.02
N GLN D 100 -45.20 -18.79 28.12
CA GLN D 100 -45.67 -19.77 29.09
C GLN D 100 -44.97 -21.11 28.89
N LEU D 101 -44.60 -21.44 27.65
CA LEU D 101 -43.89 -22.69 27.39
C LEU D 101 -42.53 -22.70 28.08
N ARG D 102 -41.70 -21.71 27.79
CA ARG D 102 -40.38 -21.64 28.42
C ARG D 102 -40.51 -21.60 29.93
N LEU D 103 -41.49 -20.84 30.44
CA LEU D 103 -41.66 -20.71 31.87
C LEU D 103 -42.01 -22.05 32.51
N ALA D 104 -42.97 -22.77 31.92
CA ALA D 104 -43.31 -24.09 32.44
C ALA D 104 -42.12 -25.03 32.36
N GLN D 105 -41.35 -24.96 31.27
CA GLN D 105 -40.18 -25.81 31.14
C GLN D 105 -39.21 -25.59 32.29
N PHE D 106 -38.97 -24.33 32.65
CA PHE D 106 -38.03 -24.05 33.74
C PHE D 106 -38.62 -24.45 35.10
N ARG D 107 -39.86 -24.01 35.36
CA ARG D 107 -40.57 -24.44 36.56
C ARG D 107 -40.50 -25.95 36.73
N ALA D 108 -40.45 -26.68 35.62
CA ALA D 108 -40.39 -28.14 35.67
C ALA D 108 -38.97 -28.63 35.92
N HIS D 109 -37.98 -28.03 35.25
CA HIS D 109 -36.60 -28.43 35.51
C HIS D 109 -36.28 -28.36 36.99
N GLU D 110 -36.82 -27.35 37.68
CA GLU D 110 -36.57 -27.23 39.12
C GLU D 110 -37.65 -27.90 39.98
N ASP D 111 -38.65 -28.52 39.37
CA ASP D 111 -39.67 -29.26 40.11
C ASP D 111 -39.50 -30.75 39.83
N PRO D 112 -38.91 -31.53 40.75
CA PRO D 112 -38.63 -32.93 40.43
C PRO D 112 -39.86 -33.78 40.11
N ILE D 113 -41.07 -33.32 40.45
CA ILE D 113 -42.26 -34.10 40.10
C ILE D 113 -42.40 -34.20 38.59
N GLN D 114 -42.54 -33.05 37.93
CA GLN D 114 -42.69 -33.05 36.47
C GLN D 114 -41.44 -33.62 35.81
N ARG D 115 -40.26 -33.15 36.24
CA ARG D 115 -39.01 -33.59 35.64
C ARG D 115 -38.88 -35.11 35.72
N LEU D 116 -39.17 -35.69 36.88
CA LEU D 116 -39.01 -37.12 37.08
C LEU D 116 -40.05 -37.91 36.29
N ASP D 117 -41.31 -37.49 36.35
CA ASP D 117 -42.35 -38.18 35.61
C ASP D 117 -42.20 -38.03 34.10
N ILE D 118 -41.35 -37.11 33.65
CA ILE D 118 -41.03 -36.97 32.23
C ILE D 118 -39.78 -37.78 31.85
N VAL D 119 -38.81 -37.80 32.75
CA VAL D 119 -37.63 -38.65 32.55
C VAL D 119 -38.05 -40.11 32.47
N LYS D 120 -39.01 -40.52 33.29
CA LYS D 120 -39.54 -41.87 33.19
C LYS D 120 -40.12 -42.12 31.81
N ALA D 121 -40.74 -41.10 31.21
CA ALA D 121 -41.25 -41.26 29.86
C ALA D 121 -40.11 -41.56 28.89
N PHE D 122 -39.06 -40.74 28.93
CA PHE D 122 -37.94 -40.98 28.02
C PHE D 122 -37.35 -42.37 28.22
N VAL D 123 -37.15 -42.79 29.46
CA VAL D 123 -36.49 -44.06 29.74
C VAL D 123 -37.38 -45.23 29.33
N LYS D 124 -38.67 -45.17 29.67
CA LYS D 124 -39.64 -46.15 29.20
C LYS D 124 -39.56 -46.30 27.69
N GLY D 125 -39.60 -45.16 26.98
CA GLY D 125 -39.49 -45.22 25.53
C GLY D 125 -38.23 -45.93 25.09
N LYS D 126 -37.08 -45.54 25.65
CA LYS D 126 -35.82 -46.12 25.21
C LYS D 126 -35.79 -47.64 25.42
N VAL D 127 -36.12 -48.09 26.64
CA VAL D 127 -35.95 -49.51 26.94
C VAL D 127 -36.99 -50.35 26.19
N HIS D 128 -38.23 -49.86 26.08
CA HIS D 128 -39.21 -50.62 25.31
C HIS D 128 -38.86 -50.63 23.83
N ASN D 129 -38.24 -49.57 23.32
CA ASN D 129 -37.79 -49.59 21.93
C ASN D 129 -36.63 -50.56 21.73
N GLN D 130 -35.73 -50.64 22.70
CA GLN D 130 -34.65 -51.62 22.62
C GLN D 130 -35.19 -53.05 22.62
N TYR D 131 -36.12 -53.32 23.55
CA TYR D 131 -36.71 -54.65 23.62
C TYR D 131 -37.49 -54.98 22.35
N ASN D 132 -38.22 -54.01 21.80
CA ASN D 132 -38.95 -54.23 20.56
C ASN D 132 -38.02 -54.32 19.36
N LEU D 133 -36.81 -53.78 19.45
CA LEU D 133 -35.81 -53.99 18.40
C LEU D 133 -35.31 -55.43 18.45
N LEU D 134 -34.95 -55.90 19.64
CA LEU D 134 -34.50 -57.29 19.75
C LEU D 134 -35.63 -58.27 19.49
N TYR D 135 -36.88 -57.81 19.57
CA TYR D 135 -38.02 -58.60 19.06
C TYR D 135 -38.09 -58.51 17.54
N ARG D 136 -37.87 -57.33 16.97
CA ARG D 136 -37.76 -57.18 15.53
C ARG D 136 -36.73 -58.16 14.98
N ARG D 137 -35.49 -58.06 15.46
CA ARG D 137 -34.44 -58.99 15.08
C ARG D 137 -34.57 -60.33 15.80
N GLY D 138 -35.56 -60.48 16.67
CA GLY D 138 -35.81 -61.74 17.37
C GLY D 138 -34.56 -62.39 17.89
N GLN D 139 -33.90 -61.74 18.86
CA GLN D 139 -32.57 -62.21 19.24
C GLN D 139 -32.63 -63.62 19.78
N VAL D 140 -33.10 -63.79 21.02
CA VAL D 140 -33.64 -65.06 21.49
C VAL D 140 -34.83 -64.83 22.41
N ASP D 141 -35.27 -63.57 22.52
CA ASP D 141 -36.32 -63.18 23.46
C ASP D 141 -35.82 -63.24 24.91
N ASN D 142 -34.55 -62.90 25.12
CA ASN D 142 -34.06 -62.79 26.50
C ASN D 142 -33.26 -61.51 26.72
N PRO D 143 -33.65 -60.35 26.18
CA PRO D 143 -32.86 -59.14 26.44
C PRO D 143 -33.02 -58.52 27.82
N LEU D 144 -34.23 -58.04 28.13
CA LEU D 144 -34.51 -57.33 29.36
C LEU D 144 -35.64 -57.95 30.18
N LYS D 145 -36.81 -58.14 29.56
CA LYS D 145 -37.94 -58.81 30.19
C LYS D 145 -38.33 -58.15 31.51
N GLY D 146 -38.74 -56.89 31.42
CA GLY D 146 -39.34 -56.21 32.56
C GLY D 146 -38.63 -54.98 33.08
N ARG D 147 -37.62 -54.49 32.34
CA ARG D 147 -36.95 -53.26 32.76
C ARG D 147 -37.89 -52.06 32.68
N GLY D 148 -38.87 -52.09 31.78
CA GLY D 148 -39.71 -50.93 31.58
C GLY D 148 -40.43 -50.47 32.84
N LYS D 149 -41.04 -51.42 33.56
CA LYS D 149 -41.84 -51.07 34.72
C LYS D 149 -40.98 -50.76 35.95
N LEU D 150 -39.83 -51.44 36.09
CA LEU D 150 -38.96 -51.20 37.23
C LEU D 150 -38.69 -49.72 37.41
N VAL D 151 -38.43 -49.01 36.31
CA VAL D 151 -38.22 -47.57 36.38
C VAL D 151 -39.41 -46.89 37.05
N MET D 152 -40.61 -47.16 36.54
CA MET D 152 -41.81 -46.56 37.12
C MET D 152 -41.92 -46.86 38.61
N ARG D 153 -41.41 -48.01 39.05
CA ARG D 153 -41.42 -48.29 40.48
C ARG D 153 -40.36 -47.48 41.28
N GLN D 154 -39.69 -46.51 40.68
CA GLN D 154 -38.74 -45.65 41.37
C GLN D 154 -39.38 -44.31 41.70
N GLN D 155 -38.75 -43.58 42.63
CA GLN D 155 -39.26 -42.28 43.05
C GLN D 155 -38.21 -41.18 43.13
N THR D 156 -36.96 -41.45 42.76
CA THR D 156 -35.94 -40.43 42.63
C THR D 156 -35.27 -40.57 41.27
N LEU D 157 -34.29 -39.71 41.01
CA LEU D 157 -33.61 -39.73 39.71
C LEU D 157 -32.46 -40.72 39.69
N GLU D 158 -31.52 -40.61 40.63
CA GLU D 158 -30.38 -41.52 40.67
C GLU D 158 -30.78 -42.96 40.42
N GLN D 159 -31.83 -43.42 41.11
CA GLN D 159 -32.37 -44.75 40.87
C GLN D 159 -32.58 -44.98 39.38
N VAL D 160 -33.29 -44.07 38.72
CA VAL D 160 -33.62 -44.23 37.30
C VAL D 160 -32.33 -44.20 36.46
N ARG D 161 -31.59 -43.10 36.56
CA ARG D 161 -30.37 -42.94 35.78
C ARG D 161 -29.47 -44.15 35.87
N GLY D 162 -29.56 -44.90 36.98
CA GLY D 162 -28.81 -46.13 37.09
C GLY D 162 -29.42 -47.33 36.39
N ILE D 163 -30.58 -47.17 35.76
CA ILE D 163 -31.24 -48.29 35.09
C ILE D 163 -30.95 -48.24 33.60
N GLU D 164 -30.80 -47.04 33.04
CA GLU D 164 -30.54 -46.93 31.61
C GLU D 164 -29.17 -47.48 31.24
N GLY D 165 -28.17 -47.32 32.10
CA GLY D 165 -26.87 -47.89 31.83
C GLY D 165 -26.87 -49.41 31.91
N LEU D 166 -27.57 -49.96 32.90
CA LEU D 166 -27.74 -51.40 32.98
C LEU D 166 -28.43 -51.93 31.73
N ALA D 167 -29.52 -51.26 31.33
CA ALA D 167 -30.20 -51.65 30.10
C ALA D 167 -29.29 -51.51 28.89
N ALA D 168 -28.40 -50.52 28.89
CA ALA D 168 -27.52 -50.31 27.76
C ALA D 168 -26.51 -51.45 27.64
N ARG D 169 -25.90 -51.85 28.75
CA ARG D 169 -24.99 -53.00 28.71
C ARG D 169 -25.73 -54.27 28.32
N GLU D 170 -26.89 -54.52 28.93
CA GLU D 170 -27.69 -55.68 28.57
C GLU D 170 -28.06 -55.66 27.08
N TYR D 171 -28.27 -54.47 26.53
CA TYR D 171 -28.76 -54.33 25.17
C TYR D 171 -27.63 -54.40 24.15
N PHE D 172 -26.42 -54.02 24.53
CA PHE D 172 -25.29 -54.05 23.61
C PHE D 172 -24.56 -55.38 23.64
N ALA D 173 -24.27 -55.93 24.82
CA ALA D 173 -23.57 -57.21 24.89
C ALA D 173 -24.33 -58.31 24.15
N SER D 174 -25.62 -58.12 23.92
CA SER D 174 -26.44 -59.11 23.21
C SER D 174 -26.28 -59.05 21.70
N TRP D 175 -25.38 -58.20 21.18
CA TRP D 175 -25.20 -58.08 19.75
C TRP D 175 -24.16 -59.05 19.18
N GLN D 176 -23.33 -59.65 20.04
CA GLN D 176 -22.33 -60.60 19.57
C GLN D 176 -22.98 -61.69 18.75
N GLU D 177 -23.89 -62.45 19.36
CA GLU D 177 -24.63 -63.48 18.63
C GLU D 177 -25.50 -62.88 17.54
N MET D 178 -25.75 -61.58 17.59
CA MET D 178 -26.66 -60.95 16.63
C MET D 178 -25.97 -60.69 15.30
N LEU D 179 -24.70 -60.29 15.33
CA LEU D 179 -23.96 -59.90 14.13
C LEU D 179 -23.09 -61.03 13.60
N GLY D 180 -22.27 -61.64 14.45
CA GLY D 180 -21.36 -62.68 14.05
C GLY D 180 -19.91 -62.26 14.27
N HIS D 181 -19.02 -62.80 13.43
CA HIS D 181 -17.60 -62.48 13.51
C HIS D 181 -17.16 -61.44 12.49
N GLU D 182 -17.95 -61.21 11.44
CA GLU D 182 -17.61 -60.20 10.46
C GLU D 182 -17.46 -58.82 11.09
N TRP D 183 -18.07 -58.59 12.25
CA TRP D 183 -17.98 -57.31 12.95
C TRP D 183 -17.97 -57.60 14.44
N THR D 184 -16.92 -57.14 15.12
CA THR D 184 -16.76 -57.40 16.54
C THR D 184 -17.59 -56.41 17.35
N PHE D 185 -17.96 -56.81 18.57
CA PHE D 185 -18.66 -55.92 19.48
C PHE D 185 -18.71 -56.47 20.90
N THR D 186 -18.37 -55.63 21.88
CA THR D 186 -18.51 -56.00 23.29
C THR D 186 -19.26 -54.94 24.07
N GLY D 187 -19.06 -53.67 23.71
CA GLY D 187 -19.70 -52.58 24.41
C GLY D 187 -19.73 -51.32 23.58
N ARG D 188 -20.26 -50.26 24.17
CA ARG D 188 -20.40 -48.97 23.51
C ARG D 188 -19.33 -48.02 24.05
N PHE D 189 -18.54 -47.45 23.15
CA PHE D 189 -17.48 -46.50 23.49
C PHE D 189 -17.63 -45.27 22.61
N ARG D 190 -17.87 -44.13 23.24
CA ARG D 190 -17.96 -42.86 22.52
C ARG D 190 -16.55 -42.39 22.17
N ARG D 191 -16.44 -41.14 21.69
CA ARG D 191 -15.16 -40.57 21.26
C ARG D 191 -14.06 -40.96 22.22
N PRO D 192 -13.06 -41.75 21.78
CA PRO D 192 -12.84 -42.29 20.44
C PRO D 192 -13.71 -43.52 20.16
N PRO D 193 -14.25 -43.64 18.93
CA PRO D 193 -15.07 -44.82 18.61
C PRO D 193 -14.44 -46.13 19.04
N THR D 194 -13.15 -46.30 18.84
CA THR D 194 -12.37 -47.48 19.23
C THR D 194 -12.71 -48.70 18.39
N ASP D 195 -13.67 -48.62 17.49
CA ASP D 195 -14.08 -49.77 16.68
C ASP D 195 -14.91 -49.26 15.52
N PRO D 196 -15.17 -50.10 14.51
CA PRO D 196 -15.96 -49.66 13.36
C PRO D 196 -17.42 -49.38 13.70
N VAL D 197 -18.06 -50.34 14.38
CA VAL D 197 -19.50 -50.22 14.63
C VAL D 197 -19.77 -49.09 15.62
N ASN D 198 -18.93 -48.93 16.64
CA ASN D 198 -19.10 -47.81 17.55
C ASN D 198 -19.01 -46.49 16.81
N ALA D 199 -18.21 -46.44 15.74
CA ALA D 199 -18.09 -45.21 14.95
C ALA D 199 -19.32 -44.99 14.09
N LEU D 200 -19.79 -46.05 13.40
CA LEU D 200 -21.06 -45.94 12.69
C LEU D 200 -22.16 -45.43 13.61
N LEU D 201 -22.19 -45.95 14.84
CA LEU D 201 -23.16 -45.47 15.81
C LEU D 201 -22.97 -43.98 16.07
N SER D 202 -21.81 -43.59 16.60
CA SER D 202 -21.57 -42.17 16.86
C SER D 202 -22.09 -41.33 15.70
N PHE D 203 -21.78 -41.72 14.46
CA PHE D 203 -22.23 -40.96 13.30
C PHE D 203 -23.74 -40.91 13.22
N GLY D 204 -24.43 -42.03 13.44
CA GLY D 204 -25.89 -42.04 13.34
C GLY D 204 -26.62 -41.43 14.51
N TYR D 205 -26.25 -41.87 15.71
CA TYR D 205 -26.63 -41.25 16.97
C TYR D 205 -26.53 -39.74 16.86
N GLY D 206 -25.53 -39.23 16.12
CA GLY D 206 -25.40 -37.81 15.94
C GLY D 206 -26.26 -37.25 14.82
N LEU D 207 -26.28 -37.92 13.67
CA LEU D 207 -27.09 -37.44 12.55
C LEU D 207 -28.54 -37.27 12.97
N LEU D 208 -29.02 -38.06 13.92
CA LEU D 208 -30.35 -37.83 14.47
C LEU D 208 -30.42 -36.50 15.23
N ARG D 209 -29.29 -36.04 15.75
CA ARG D 209 -29.24 -34.80 16.50
C ARG D 209 -29.75 -33.62 15.68
N THR D 210 -29.60 -33.67 14.36
CA THR D 210 -30.01 -32.54 13.53
C THR D 210 -31.54 -32.47 13.42
N GLN D 211 -32.17 -33.60 13.06
CA GLN D 211 -33.62 -33.64 13.06
C GLN D 211 -34.17 -33.24 14.42
N VAL D 212 -33.51 -33.68 15.50
CA VAL D 212 -34.04 -33.36 16.82
C VAL D 212 -33.81 -31.89 17.15
N THR D 213 -32.68 -31.32 16.74
CA THR D 213 -32.43 -29.90 16.96
C THR D 213 -33.51 -29.06 16.28
N ALA D 214 -33.78 -29.35 15.02
CA ALA D 214 -34.89 -28.70 14.33
C ALA D 214 -36.18 -28.89 15.11
N ALA D 215 -36.62 -30.14 15.26
CA ALA D 215 -37.86 -30.43 15.99
C ALA D 215 -37.95 -29.66 17.30
N VAL D 216 -36.82 -29.38 17.95
CA VAL D 216 -36.83 -28.59 19.17
C VAL D 216 -37.17 -27.13 18.86
N HIS D 217 -36.38 -26.50 17.99
CA HIS D 217 -36.61 -25.09 17.69
C HIS D 217 -37.97 -24.86 17.03
N ILE D 218 -38.54 -25.90 16.40
CA ILE D 218 -39.86 -25.78 15.79
C ILE D 218 -40.93 -25.63 16.87
N ALA D 219 -40.74 -26.29 18.01
CA ALA D 219 -41.71 -26.25 19.09
C ALA D 219 -41.44 -25.13 20.08
N GLY D 220 -40.24 -24.55 20.06
CA GLY D 220 -39.92 -23.41 20.90
C GLY D 220 -39.05 -23.72 22.09
N LEU D 221 -38.80 -24.99 22.38
CA LEU D 221 -38.03 -25.34 23.56
C LEU D 221 -36.59 -24.83 23.45
N ASP D 222 -35.92 -24.78 24.60
CA ASP D 222 -34.53 -24.35 24.66
C ASP D 222 -33.65 -25.58 24.69
N PRO D 223 -32.92 -25.90 23.61
CA PRO D 223 -32.13 -27.15 23.63
C PRO D 223 -31.13 -27.22 24.76
N TYR D 224 -30.48 -26.10 25.09
CA TYR D 224 -29.41 -26.08 26.08
C TYR D 224 -29.93 -26.04 27.52
N ILE D 225 -31.20 -26.38 27.73
CA ILE D 225 -31.80 -26.50 29.06
C ILE D 225 -32.73 -27.71 29.00
N GLY D 226 -32.48 -28.71 29.84
CA GLY D 226 -33.23 -29.94 29.76
C GLY D 226 -33.61 -30.56 31.08
N PHE D 227 -34.08 -31.80 31.03
CA PHE D 227 -34.60 -32.50 32.21
C PHE D 227 -33.71 -33.67 32.63
N LEU D 228 -33.44 -34.60 31.72
CA LEU D 228 -32.65 -35.78 32.06
C LEU D 228 -31.16 -35.46 32.08
N HIS D 229 -30.61 -35.07 30.93
CA HIS D 229 -29.20 -34.74 30.83
C HIS D 229 -28.98 -33.36 31.45
N GLU D 230 -28.34 -33.34 32.62
CA GLU D 230 -28.08 -32.07 33.29
C GLU D 230 -27.26 -31.16 32.37
N THR D 231 -27.48 -29.85 32.51
CA THR D 231 -26.96 -28.88 31.56
C THR D 231 -25.55 -28.45 31.95
N THR D 232 -24.61 -28.62 31.03
CA THR D 232 -23.24 -28.16 31.18
C THR D 232 -22.62 -28.06 29.80
N ARG D 233 -21.56 -27.27 29.69
CA ARG D 233 -20.85 -27.10 28.41
C ARG D 233 -21.82 -26.78 27.27
N GLY D 234 -22.97 -26.20 27.61
CA GLY D 234 -24.02 -26.07 26.61
C GLY D 234 -24.40 -27.42 26.04
N GLN D 235 -24.55 -28.42 26.90
CA GLN D 235 -25.03 -29.71 26.46
C GLN D 235 -26.48 -29.55 26.05
N PRO D 236 -26.84 -29.74 24.78
CA PRO D 236 -28.24 -29.53 24.38
C PRO D 236 -29.15 -30.56 25.03
N ALA D 237 -29.34 -30.41 26.34
CA ALA D 237 -30.07 -31.40 27.11
C ALA D 237 -31.46 -31.64 26.55
N MET D 238 -32.16 -30.58 26.14
CA MET D 238 -33.49 -30.76 25.58
C MET D 238 -33.45 -31.58 24.28
N ILE D 239 -32.29 -31.67 23.65
CA ILE D 239 -32.13 -32.59 22.53
C ILE D 239 -31.84 -34.01 23.02
N LEU D 240 -30.75 -34.15 23.78
CA LEU D 240 -30.32 -35.47 24.24
C LEU D 240 -31.40 -36.19 25.04
N ASP D 241 -32.41 -35.47 25.53
CA ASP D 241 -33.55 -36.13 26.16
C ASP D 241 -34.49 -36.71 25.11
N LEU D 242 -34.93 -35.88 24.16
CA LEU D 242 -35.80 -36.35 23.09
C LEU D 242 -35.12 -37.35 22.17
N MET D 243 -33.80 -37.52 22.28
CA MET D 243 -33.08 -38.45 21.42
C MET D 243 -33.15 -39.89 21.92
N GLU D 244 -33.37 -40.08 23.22
CA GLU D 244 -33.34 -41.42 23.81
C GLU D 244 -34.33 -42.34 23.12
N GLU D 245 -35.62 -41.96 23.13
CA GLU D 245 -36.66 -42.83 22.61
C GLU D 245 -36.47 -43.17 21.13
N PHE D 246 -35.54 -42.51 20.43
CA PHE D 246 -35.25 -42.84 19.05
C PHE D 246 -33.90 -43.51 18.86
N ARG D 247 -33.00 -43.43 19.84
CA ARG D 247 -31.68 -44.02 19.70
C ARG D 247 -31.74 -45.50 19.34
N ALA D 248 -32.84 -46.17 19.67
CA ALA D 248 -33.00 -47.59 19.37
C ALA D 248 -33.88 -47.86 18.16
N LEU D 249 -34.57 -46.84 17.64
CA LEU D 249 -35.56 -47.06 16.60
C LEU D 249 -35.13 -46.59 15.22
N VAL D 250 -34.15 -45.68 15.12
CA VAL D 250 -33.73 -45.18 13.82
C VAL D 250 -32.28 -45.56 13.53
N ALA D 251 -31.36 -45.09 14.37
CA ALA D 251 -29.94 -45.33 14.11
C ALA D 251 -29.57 -46.78 14.37
N ASP D 252 -29.89 -47.30 15.56
CA ASP D 252 -29.57 -48.68 15.88
C ASP D 252 -30.31 -49.67 14.98
N SER D 253 -31.37 -49.22 14.30
CA SER D 253 -32.04 -50.04 13.30
C SER D 253 -31.40 -49.88 11.93
N VAL D 254 -31.04 -48.65 11.55
CA VAL D 254 -30.40 -48.43 10.26
C VAL D 254 -29.08 -49.20 10.17
N VAL D 255 -28.25 -49.10 11.21
CA VAL D 255 -26.97 -49.80 11.19
C VAL D 255 -27.18 -51.29 10.91
N LEU D 256 -28.03 -51.93 11.72
CA LEU D 256 -28.31 -53.35 11.53
C LEU D 256 -29.03 -53.62 10.21
N THR D 257 -29.59 -52.59 9.58
CA THR D 257 -30.24 -52.78 8.28
C THR D 257 -29.23 -52.79 7.14
N VAL D 258 -28.08 -52.15 7.30
CA VAL D 258 -27.04 -52.15 6.28
C VAL D 258 -25.92 -53.12 6.60
N LEU D 259 -25.71 -53.47 7.87
CA LEU D 259 -24.68 -54.43 8.26
C LEU D 259 -25.05 -55.87 7.95
N LYS D 260 -26.14 -56.09 7.21
CA LYS D 260 -26.48 -57.42 6.73
C LYS D 260 -26.15 -57.61 5.25
N GLN D 261 -26.10 -56.52 4.47
CA GLN D 261 -25.86 -56.64 3.03
C GLN D 261 -24.58 -55.95 2.58
N ARG D 262 -24.42 -54.65 2.84
CA ARG D 262 -23.51 -53.82 2.04
C ARG D 262 -22.22 -53.45 2.74
N GLU D 263 -22.29 -52.79 3.90
CA GLU D 263 -21.08 -52.24 4.52
C GLU D 263 -20.26 -53.36 5.16
N ILE D 264 -19.04 -53.56 4.66
CA ILE D 264 -18.10 -54.53 5.19
C ILE D 264 -16.83 -53.78 5.59
N GLN D 265 -15.94 -54.49 6.30
CA GLN D 265 -14.73 -53.86 6.83
C GLN D 265 -13.99 -53.02 5.79
N ARG D 266 -14.19 -53.31 4.50
CA ARG D 266 -13.50 -52.56 3.45
C ARG D 266 -13.66 -51.06 3.65
N GLN D 267 -14.89 -50.61 3.85
CA GLN D 267 -15.24 -49.21 3.75
C GLN D 267 -14.65 -48.36 4.87
N ASP D 268 -14.08 -48.98 5.91
CA ASP D 268 -13.63 -48.25 7.10
C ASP D 268 -12.11 -48.20 7.11
N PHE D 269 -11.56 -46.98 7.22
CA PHE D 269 -10.13 -46.82 7.35
C PHE D 269 -9.67 -47.32 8.72
N THR D 270 -8.44 -47.84 8.75
CA THR D 270 -7.85 -48.35 9.99
C THR D 270 -8.75 -49.39 10.64
N PHE D 276 -10.29 -44.70 13.10
CA PHE D 276 -11.36 -45.45 12.44
C PHE D 276 -12.34 -44.51 11.73
N ARG D 277 -11.87 -43.91 10.64
CA ARG D 277 -12.71 -43.06 9.81
C ARG D 277 -13.56 -43.95 8.89
N LEU D 278 -14.24 -43.32 7.93
CA LEU D 278 -14.98 -44.04 6.90
C LEU D 278 -14.67 -43.41 5.55
N THR D 279 -14.77 -44.22 4.49
CA THR D 279 -14.53 -43.72 3.15
C THR D 279 -15.72 -42.88 2.68
N ASP D 280 -15.45 -42.00 1.72
CA ASP D 280 -16.49 -41.10 1.22
C ASP D 280 -17.65 -41.87 0.60
N SER D 281 -17.40 -43.06 0.09
CA SER D 281 -18.46 -43.82 -0.56
C SER D 281 -19.47 -44.36 0.45
N ALA D 282 -19.03 -44.64 1.67
CA ALA D 282 -19.95 -45.11 2.70
C ALA D 282 -20.74 -43.98 3.34
N THR D 283 -20.14 -42.78 3.42
CA THR D 283 -20.84 -41.62 3.96
C THR D 283 -22.04 -41.21 3.10
N LYS D 284 -22.22 -41.85 1.93
CA LYS D 284 -23.36 -41.57 1.07
C LYS D 284 -24.32 -42.75 0.92
N THR D 285 -23.84 -43.99 1.12
CA THR D 285 -24.74 -45.14 1.12
C THR D 285 -25.44 -45.28 2.47
N PHE D 286 -24.77 -44.90 3.55
CA PHE D 286 -25.43 -44.84 4.86
C PHE D 286 -26.71 -44.04 4.79
N LEU D 287 -26.70 -42.94 4.04
CA LEU D 287 -27.87 -42.07 3.97
C LEU D 287 -28.97 -42.68 3.11
N GLY D 288 -28.60 -43.46 2.10
CA GLY D 288 -29.59 -44.20 1.33
C GLY D 288 -30.46 -45.06 2.21
N ALA D 289 -29.92 -45.51 3.35
CA ALA D 289 -30.72 -46.22 4.35
C ALA D 289 -31.36 -45.26 5.34
N PHE D 290 -30.65 -44.21 5.75
CA PHE D 290 -31.17 -43.31 6.77
C PHE D 290 -32.43 -42.58 6.28
N ASP D 291 -32.30 -41.79 5.21
CA ASP D 291 -33.46 -41.07 4.70
C ASP D 291 -34.58 -42.03 4.30
N ARG D 292 -34.21 -43.15 3.68
CA ARG D 292 -35.20 -44.14 3.28
C ARG D 292 -36.01 -44.62 4.49
N LYS D 293 -35.34 -44.95 5.58
CA LYS D 293 -36.05 -45.28 6.81
C LYS D 293 -36.93 -44.12 7.26
N LEU D 294 -36.42 -42.90 7.12
CA LEU D 294 -37.17 -41.73 7.57
C LEU D 294 -38.36 -41.40 6.66
N SER D 295 -38.58 -42.16 5.59
CA SER D 295 -39.77 -42.00 4.76
C SER D 295 -40.76 -43.16 4.92
N SER D 296 -41.00 -43.62 6.15
CA SER D 296 -41.90 -44.75 6.38
C SER D 296 -42.25 -44.85 7.85
N GLU D 297 -43.48 -45.32 8.14
CA GLU D 297 -43.94 -45.61 9.49
C GLU D 297 -45.38 -46.12 9.39
N PHE D 298 -45.82 -46.86 10.43
CA PHE D 298 -47.23 -47.21 10.49
C PHE D 298 -48.03 -46.30 11.42
N LYS D 299 -47.98 -46.57 12.73
CA LYS D 299 -48.42 -45.67 13.79
C LYS D 299 -48.57 -46.49 15.08
N HIS D 300 -49.03 -45.85 16.16
CA HIS D 300 -49.82 -46.55 17.18
C HIS D 300 -50.04 -45.67 18.41
N PHE D 303 -53.70 -45.15 17.98
CA PHE D 303 -54.38 -44.37 16.95
C PHE D 303 -53.60 -44.39 15.63
N ASN D 304 -54.10 -45.13 14.65
CA ASN D 304 -53.40 -45.24 13.38
C ASN D 304 -53.32 -43.88 12.69
N TYR D 305 -52.11 -43.48 12.34
CA TYR D 305 -51.82 -42.16 11.78
C TYR D 305 -50.72 -42.33 10.74
N LYS D 306 -50.94 -41.80 9.54
CA LYS D 306 -49.86 -41.68 8.58
C LYS D 306 -48.68 -41.01 9.25
N CYS D 307 -47.48 -41.56 9.07
CA CYS D 307 -46.32 -40.93 9.67
C CYS D 307 -45.04 -41.32 8.94
N THR D 308 -44.07 -40.43 9.05
CA THR D 308 -42.69 -40.65 8.62
C THR D 308 -41.82 -40.27 9.80
N TYR D 309 -40.93 -41.17 10.21
CA TYR D 309 -40.20 -41.02 11.48
C TYR D 309 -39.76 -39.58 11.74
N ARG D 310 -39.36 -38.88 10.68
CA ARG D 310 -38.95 -37.49 10.82
C ARG D 310 -40.04 -36.64 11.47
N ARG D 311 -41.29 -36.83 11.07
CA ARG D 311 -42.38 -35.98 11.57
C ARG D 311 -42.71 -36.29 13.02
N ALA D 312 -42.62 -37.56 13.41
CA ALA D 312 -42.92 -37.94 14.79
C ALA D 312 -42.07 -37.16 15.78
N ILE D 313 -40.91 -36.65 15.36
CA ILE D 313 -40.03 -35.93 16.27
C ILE D 313 -40.62 -34.56 16.60
N GLU D 314 -40.96 -33.80 15.55
CA GLU D 314 -41.73 -32.57 15.75
C GLU D 314 -42.94 -32.84 16.63
N LEU D 315 -43.63 -33.96 16.39
CA LEU D 315 -44.81 -34.26 17.20
C LEU D 315 -44.45 -34.40 18.67
N GLN D 316 -43.58 -35.36 19.00
CA GLN D 316 -43.19 -35.54 20.39
C GLN D 316 -42.81 -34.21 21.05
N ALA D 317 -42.13 -33.34 20.30
CA ALA D 317 -41.81 -32.02 20.86
C ALA D 317 -43.06 -31.21 21.17
N ARG D 318 -44.03 -31.21 20.25
CA ARG D 318 -45.26 -30.47 20.50
C ARG D 318 -46.04 -31.06 21.66
N LEU D 319 -46.05 -32.40 21.76
CA LEU D 319 -46.73 -33.05 22.88
C LEU D 319 -46.04 -32.72 24.20
N LEU D 320 -44.73 -32.53 24.19
CA LEU D 320 -44.04 -32.09 25.42
C LEU D 320 -44.43 -30.66 25.76
N ALA D 321 -44.46 -29.78 24.76
CA ALA D 321 -44.91 -28.41 25.00
C ALA D 321 -46.31 -28.38 25.58
N ARG D 322 -47.18 -29.29 25.12
CA ARG D 322 -48.54 -29.39 25.65
C ARG D 322 -48.59 -30.09 27.01
N HIS D 323 -47.61 -30.95 27.29
CA HIS D 323 -47.48 -31.54 28.62
C HIS D 323 -47.11 -30.47 29.64
N LEU D 324 -46.38 -29.44 29.21
CA LEU D 324 -46.01 -28.36 30.10
C LEU D 324 -47.06 -27.26 30.17
N GLN D 325 -47.71 -26.95 29.05
CA GLN D 325 -48.72 -25.90 29.02
C GLN D 325 -50.07 -26.43 29.52
N GLU D 326 -50.60 -27.45 28.86
CA GLU D 326 -51.95 -27.93 29.12
C GLU D 326 -52.01 -29.12 30.05
N GLY D 327 -50.86 -29.72 30.39
CA GLY D 327 -50.85 -30.88 31.25
C GLY D 327 -51.12 -32.19 30.55
N VAL D 328 -51.13 -32.21 29.22
CA VAL D 328 -51.39 -33.44 28.49
C VAL D 328 -50.35 -34.50 28.87
N VAL D 329 -50.78 -35.76 28.87
CA VAL D 329 -49.87 -36.86 29.17
C VAL D 329 -48.93 -37.08 28.00
N TYR D 330 -47.68 -37.40 28.30
CA TYR D 330 -46.64 -37.62 27.31
C TYR D 330 -46.23 -39.09 27.37
N GLU D 331 -46.92 -39.94 26.62
CA GLU D 331 -46.54 -41.34 26.47
C GLU D 331 -45.63 -41.45 25.26
N PRO D 332 -44.40 -41.97 25.41
CA PRO D 332 -43.45 -41.91 24.29
C PRO D 332 -43.80 -42.84 23.15
N LEU D 333 -42.94 -42.87 22.13
CA LEU D 333 -43.17 -43.70 20.96
C LEU D 333 -42.67 -45.11 21.20
N VAL D 334 -43.40 -46.08 20.64
CA VAL D 334 -43.01 -47.48 20.73
C VAL D 334 -43.41 -48.19 19.44
N ILE D 335 -42.44 -48.76 18.74
CA ILE D 335 -42.64 -49.38 17.44
C ILE D 335 -43.58 -48.55 16.56
N LEU E 13 6.67 2.45 1.16
CA LEU E 13 6.88 2.71 -0.27
C LEU E 13 5.70 3.45 -0.86
N TYR E 14 5.91 4.04 -2.04
CA TYR E 14 4.87 4.77 -2.76
C TYR E 14 4.33 3.82 -3.84
N LEU E 15 3.11 3.34 -3.63
CA LEU E 15 2.50 2.34 -4.51
C LEU E 15 1.65 3.07 -5.54
N ILE E 16 1.92 2.80 -6.82
CA ILE E 16 1.24 3.49 -7.91
C ILE E 16 0.48 2.48 -8.75
N ILE E 17 -0.75 2.83 -9.12
CA ILE E 17 -1.66 1.96 -9.87
C ILE E 17 -2.25 2.78 -11.00
N TYR E 18 -2.24 2.22 -12.21
CA TYR E 18 -2.91 2.80 -13.36
C TYR E 18 -3.70 1.71 -14.06
N ASP E 19 -4.95 2.00 -14.41
CA ASP E 19 -5.77 1.08 -15.21
C ASP E 19 -6.46 1.92 -16.29
N VAL E 20 -5.85 1.95 -17.48
CA VAL E 20 -6.25 2.86 -18.56
C VAL E 20 -6.83 2.02 -19.68
N PRO E 21 -7.76 2.54 -20.48
CA PRO E 21 -8.47 1.68 -21.44
C PRO E 21 -7.53 1.05 -22.46
N ALA E 22 -8.11 0.16 -23.26
CA ALA E 22 -7.40 -0.54 -24.33
C ALA E 22 -7.56 0.14 -25.68
N THR E 23 -7.77 1.45 -25.68
CA THR E 23 -7.93 2.22 -26.92
C THR E 23 -6.57 2.71 -27.37
N LYS E 24 -6.36 2.68 -28.69
CA LYS E 24 -5.04 2.95 -29.27
C LYS E 24 -4.61 4.40 -29.12
N ALA E 25 -5.43 5.26 -28.51
CA ALA E 25 -4.99 6.57 -28.08
C ALA E 25 -4.65 6.61 -26.60
N GLY E 26 -5.12 5.63 -25.83
CA GLY E 26 -4.79 5.52 -24.42
C GLY E 26 -3.64 4.57 -24.18
N ASN E 27 -3.55 3.52 -25.01
CA ASN E 27 -2.41 2.61 -24.93
C ASN E 27 -1.11 3.39 -25.03
N LYS E 28 -1.09 4.42 -25.88
CA LYS E 28 0.06 5.34 -25.88
C LYS E 28 0.33 5.85 -24.47
N ARG E 29 -0.71 6.38 -23.81
CA ARG E 29 -0.51 6.96 -22.49
C ARG E 29 -0.19 5.89 -21.46
N ARG E 30 -0.81 4.71 -21.56
CA ARG E 30 -0.50 3.65 -20.61
C ARG E 30 0.96 3.23 -20.70
N THR E 31 1.43 2.94 -21.93
CA THR E 31 2.81 2.50 -22.10
C THR E 31 3.79 3.62 -21.79
N ARG E 32 3.42 4.87 -22.07
CA ARG E 32 4.27 6.00 -21.72
C ARG E 32 4.40 6.14 -20.22
N LEU E 33 3.28 5.98 -19.50
CA LEU E 33 3.31 6.03 -18.04
C LEU E 33 4.09 4.85 -17.48
N PHE E 34 4.03 3.69 -18.13
CA PHE E 34 4.86 2.56 -17.74
C PHE E 34 6.33 2.92 -17.86
N ASP E 35 6.73 3.44 -19.02
CA ASP E 35 8.12 3.82 -19.23
C ASP E 35 8.56 4.90 -18.24
N LEU E 36 7.62 5.74 -17.80
CA LEU E 36 7.94 6.72 -16.77
C LEU E 36 8.19 6.04 -15.43
N LEU E 37 7.21 5.29 -14.95
CA LEU E 37 7.34 4.66 -13.64
C LEU E 37 8.51 3.71 -13.58
N SER E 38 8.93 3.15 -14.73
CA SER E 38 10.14 2.36 -14.76
C SER E 38 11.40 3.20 -14.54
N GLY E 39 11.25 4.52 -14.49
CA GLY E 39 12.38 5.40 -14.24
C GLY E 39 12.46 5.84 -12.79
N TYR E 40 11.34 5.76 -12.06
CA TYR E 40 11.31 6.17 -10.66
C TYR E 40 11.25 5.00 -9.69
N GLY E 41 10.74 3.84 -10.10
CA GLY E 41 10.56 2.74 -9.18
C GLY E 41 10.69 1.36 -9.79
N LYS E 42 10.27 0.35 -9.04
CA LYS E 42 10.39 -1.05 -9.41
C LYS E 42 9.04 -1.60 -9.84
N TRP E 43 9.04 -2.34 -10.94
CA TRP E 43 7.82 -2.99 -11.39
C TRP E 43 7.51 -4.16 -10.46
N ARG E 44 6.32 -4.15 -9.85
CA ARG E 44 5.89 -5.23 -8.98
C ARG E 44 4.80 -6.08 -9.60
N GLN E 45 3.77 -5.48 -10.19
CA GLN E 45 2.72 -6.25 -10.85
C GLN E 45 2.26 -5.51 -12.10
N PHE E 46 1.45 -6.23 -12.90
CA PHE E 46 1.03 -5.72 -14.20
C PHE E 46 0.55 -4.27 -14.14
N SER E 47 -0.03 -3.86 -13.02
CA SER E 47 -0.51 -2.49 -12.87
C SER E 47 -0.15 -1.94 -11.50
N VAL E 48 1.02 -2.32 -10.98
CA VAL E 48 1.47 -1.87 -9.66
C VAL E 48 2.96 -1.61 -9.72
N PHE E 49 3.36 -0.36 -9.44
CA PHE E 49 4.76 0.01 -9.33
C PHE E 49 5.08 0.44 -7.89
N GLU E 50 6.28 0.09 -7.44
CA GLU E 50 6.78 0.43 -6.11
C GLU E 50 7.87 1.48 -6.28
N CYS E 51 7.55 2.73 -6.01
CA CYS E 51 8.51 3.83 -6.08
C CYS E 51 8.94 4.20 -4.67
N PHE E 52 10.21 4.01 -4.36
CA PHE E 52 10.81 4.49 -3.11
C PHE E 52 11.63 5.72 -3.48
N LEU E 53 11.20 6.89 -3.01
CA LEU E 53 11.81 8.14 -3.42
C LEU E 53 11.42 9.24 -2.45
N SER E 54 12.13 10.35 -2.52
CA SER E 54 11.87 11.51 -1.68
C SER E 54 10.85 12.43 -2.37
N VAL E 55 10.66 13.62 -1.83
CA VAL E 55 9.66 14.53 -2.38
C VAL E 55 10.22 15.29 -3.58
N LYS E 56 11.50 15.68 -3.51
CA LYS E 56 12.14 16.31 -4.67
C LYS E 56 11.92 15.48 -5.93
N GLN E 57 11.93 14.15 -5.77
CA GLN E 57 11.75 13.24 -6.90
C GLN E 57 10.29 12.86 -7.11
N PHE E 58 9.41 13.16 -6.16
CA PHE E 58 7.98 12.88 -6.34
C PHE E 58 7.26 14.01 -7.06
N ALA E 59 7.66 15.26 -6.81
CA ALA E 59 7.06 16.37 -7.55
C ALA E 59 7.41 16.30 -9.03
N LYS E 60 8.66 15.92 -9.34
CA LYS E 60 9.07 15.73 -10.72
C LYS E 60 8.19 14.71 -11.43
N LEU E 61 7.55 13.81 -10.68
CA LEU E 61 6.68 12.79 -11.25
C LEU E 61 5.23 13.25 -11.29
N GLN E 62 4.74 13.90 -10.24
CA GLN E 62 3.37 14.37 -10.25
C GLN E 62 3.16 15.45 -11.32
N THR E 63 4.18 16.29 -11.54
CA THR E 63 4.09 17.27 -12.61
C THR E 63 4.18 16.61 -13.97
N ALA E 64 4.88 15.49 -14.08
CA ALA E 64 4.89 14.72 -15.32
C ALA E 64 3.59 13.95 -15.51
N MET E 65 2.80 13.78 -14.46
CA MET E 65 1.51 13.10 -14.53
C MET E 65 0.40 14.07 -14.95
N GLU E 66 0.21 15.15 -14.16
CA GLU E 66 -0.86 16.09 -14.46
C GLU E 66 -0.78 16.63 -15.89
N LYS E 67 0.40 16.58 -16.50
CA LYS E 67 0.61 17.01 -17.87
C LYS E 67 0.36 15.90 -18.88
N LEU E 68 -0.14 14.75 -18.43
CA LEU E 68 -0.16 13.56 -19.27
C LEU E 68 -1.51 12.85 -19.28
N ILE E 69 -2.28 12.99 -18.21
CA ILE E 69 -3.45 12.15 -17.98
C ILE E 69 -4.72 12.91 -18.31
N LYS E 70 -5.71 12.18 -18.83
CA LYS E 70 -7.06 12.68 -19.07
C LYS E 70 -7.95 12.05 -18.01
N LEU E 71 -8.07 12.72 -16.87
CA LEU E 71 -8.83 12.19 -15.74
C LEU E 71 -10.34 12.16 -15.98
N ASP E 72 -10.83 12.51 -17.17
CA ASP E 72 -12.23 12.29 -17.50
C ASP E 72 -12.50 10.89 -18.01
N GLU E 73 -11.46 10.19 -18.46
CA GLU E 73 -11.60 8.79 -18.88
C GLU E 73 -10.47 7.89 -18.38
N ASP E 74 -9.54 8.41 -17.59
CA ASP E 74 -8.44 7.63 -17.05
C ASP E 74 -8.76 7.14 -15.64
N ALA E 75 -7.86 6.31 -15.11
CA ALA E 75 -8.06 5.73 -13.78
C ALA E 75 -6.71 5.50 -13.14
N VAL E 76 -6.42 6.28 -12.09
CA VAL E 76 -5.14 6.23 -11.39
C VAL E 76 -5.42 6.16 -9.89
N CYS E 77 -4.44 5.61 -9.16
CA CYS E 77 -4.53 5.56 -7.70
C CYS E 77 -3.11 5.50 -7.13
N ILE E 78 -2.96 6.07 -5.94
CA ILE E 78 -1.67 6.17 -5.27
C ILE E 78 -1.85 5.85 -3.80
N TYR E 79 -0.81 5.26 -3.21
CA TYR E 79 -0.80 4.92 -1.79
C TYR E 79 0.55 5.28 -1.20
N VAL E 80 0.53 5.81 0.02
CA VAL E 80 1.71 6.38 0.65
C VAL E 80 2.01 5.52 1.87
N LEU E 81 2.85 4.49 1.68
CA LEU E 81 3.29 3.64 2.78
C LEU E 81 4.66 4.14 3.23
N ASP E 82 4.74 4.63 4.47
CA ASP E 82 6.03 4.97 5.04
C ASP E 82 6.68 3.70 5.60
N GLU E 83 7.99 3.79 5.85
CA GLU E 83 8.79 2.58 6.01
C GLU E 83 8.22 1.65 7.08
N ASN E 84 7.90 2.17 8.26
CA ASN E 84 7.49 1.31 9.36
C ASN E 84 6.05 0.83 9.25
N THR E 85 5.33 1.17 8.18
CA THR E 85 4.08 0.51 7.84
C THR E 85 4.23 -0.40 6.62
N VAL E 86 5.46 -0.55 6.10
CA VAL E 86 5.71 -1.53 5.04
C VAL E 86 6.23 -2.84 5.63
N GLN E 87 6.92 -2.79 6.77
CA GLN E 87 7.38 -4.01 7.44
C GLN E 87 6.23 -4.99 7.61
N ARG E 88 5.00 -4.50 7.72
CA ARG E 88 3.85 -5.33 8.01
C ARG E 88 3.32 -6.06 6.79
N THR E 89 3.64 -5.58 5.59
CA THR E 89 3.05 -6.13 4.38
C THR E 89 3.35 -7.61 4.24
N ILE E 90 2.36 -8.37 3.78
CA ILE E 90 2.47 -9.82 3.59
C ILE E 90 2.43 -10.11 2.10
N THR E 91 3.21 -11.10 1.68
CA THR E 91 3.24 -11.53 0.29
C THR E 91 3.27 -13.05 0.22
N TYR E 92 2.89 -13.59 -0.92
CA TYR E 92 2.89 -15.03 -1.15
C TYR E 92 3.73 -15.46 -2.35
N GLY E 93 3.62 -14.75 -3.48
CA GLY E 93 4.32 -15.17 -4.68
C GLY E 93 5.49 -14.31 -5.07
N THR E 94 5.37 -13.00 -4.91
CA THR E 94 6.41 -12.08 -5.37
C THR E 94 7.38 -11.77 -4.24
N PRO E 95 8.56 -11.24 -4.58
CA PRO E 95 9.58 -10.97 -3.55
C PRO E 95 9.19 -9.84 -2.61
N GLN E 96 10.13 -9.50 -1.67
CA GLN E 96 9.90 -8.53 -0.62
C GLN E 96 10.25 -7.12 -1.09
N PRO E 97 9.64 -6.09 -0.51
CA PRO E 97 10.02 -4.72 -0.86
C PRO E 97 11.47 -4.44 -0.46
N GLU E 98 12.20 -3.79 -1.36
CA GLU E 98 13.59 -3.46 -1.13
C GLU E 98 13.98 -2.30 -2.02
N LYS E 99 14.85 -1.43 -1.51
CA LYS E 99 15.32 -0.27 -2.24
C LYS E 99 16.82 -0.03 -2.01
N PRO E 100 17.67 -1.06 -2.16
CA PRO E 100 19.10 -0.87 -1.88
C PRO E 100 19.88 -0.44 -3.11
N GLY E 101 21.19 -0.32 -2.97
CA GLY E 101 22.05 -0.12 -4.12
C GLY E 101 21.96 -1.30 -5.06
N SER E 102 21.74 -1.04 -6.35
CA SER E 102 21.47 -2.08 -7.33
C SER E 102 22.73 -2.45 -8.09
N ILE E 103 22.86 -3.75 -8.39
CA ILE E 103 24.03 -4.27 -9.09
C ILE E 103 23.57 -5.32 -10.10
N ILE E 104 24.34 -5.47 -11.16
CA ILE E 104 24.12 -6.53 -12.15
C ILE E 104 25.41 -6.82 -12.91
N LEU F 13 -7.23 -0.77 7.56
CA LEU F 13 -7.69 -0.93 6.18
C LEU F 13 -6.66 -1.69 5.37
N TYR F 14 -7.12 -2.74 4.69
CA TYR F 14 -6.26 -3.66 3.95
C TYR F 14 -6.41 -3.43 2.46
N LEU F 15 -5.43 -3.92 1.69
CA LEU F 15 -5.44 -3.78 0.25
C LEU F 15 -4.79 -5.00 -0.36
N ILE F 16 -5.40 -5.52 -1.43
CA ILE F 16 -5.06 -6.83 -1.98
C ILE F 16 -4.88 -6.71 -3.48
N ILE F 17 -3.88 -7.44 -4.01
CA ILE F 17 -3.61 -7.51 -5.43
C ILE F 17 -3.41 -8.98 -5.78
N TYR F 18 -3.58 -9.30 -7.07
CA TYR F 18 -3.22 -10.64 -7.53
C TYR F 18 -2.74 -10.60 -8.98
N ASP F 19 -1.90 -11.57 -9.31
CA ASP F 19 -1.37 -11.76 -10.65
C ASP F 19 -1.34 -13.27 -10.89
N VAL F 20 -2.18 -13.73 -11.82
CA VAL F 20 -2.39 -15.16 -12.04
C VAL F 20 -2.35 -15.44 -13.54
N PRO F 21 -1.73 -16.55 -13.97
CA PRO F 21 -1.70 -16.85 -15.41
C PRO F 21 -3.08 -17.23 -15.96
N ALA F 22 -3.13 -17.58 -17.24
CA ALA F 22 -4.38 -17.84 -17.95
C ALA F 22 -4.67 -19.33 -18.10
N THR F 23 -4.02 -20.18 -17.31
CA THR F 23 -4.31 -21.60 -17.36
C THR F 23 -5.75 -21.84 -16.95
N LYS F 24 -6.42 -22.74 -17.66
CA LYS F 24 -7.79 -23.10 -17.28
C LYS F 24 -7.86 -23.63 -15.85
N ALA F 25 -6.76 -24.17 -15.33
CA ALA F 25 -6.65 -24.55 -13.93
C ALA F 25 -6.19 -23.41 -13.04
N GLY F 26 -5.92 -22.24 -13.61
CA GLY F 26 -5.53 -21.08 -12.83
C GLY F 26 -6.53 -19.95 -12.95
N ASN F 27 -7.21 -19.87 -14.10
CA ASN F 27 -8.28 -18.88 -14.26
C ASN F 27 -9.39 -19.13 -13.25
N LYS F 28 -9.68 -20.41 -12.96
CA LYS F 28 -10.63 -20.72 -11.90
C LYS F 28 -10.21 -20.06 -10.59
N ARG F 29 -8.91 -20.08 -10.29
CA ARG F 29 -8.44 -19.46 -9.06
C ARG F 29 -8.77 -17.98 -9.02
N ARG F 30 -8.57 -17.26 -10.14
CA ARG F 30 -8.96 -15.86 -10.19
C ARG F 30 -10.46 -15.70 -9.98
N THR F 31 -11.26 -16.25 -10.90
CA THR F 31 -12.70 -16.05 -10.83
C THR F 31 -13.29 -16.50 -9.51
N ARG F 32 -12.58 -17.33 -8.74
CA ARG F 32 -12.98 -17.62 -7.37
C ARG F 32 -12.42 -16.61 -6.37
N LEU F 33 -11.26 -16.03 -6.65
CA LEU F 33 -10.67 -15.06 -5.74
C LEU F 33 -11.46 -13.75 -5.74
N PHE F 34 -11.94 -13.34 -6.92
CA PHE F 34 -12.87 -12.21 -6.96
C PHE F 34 -14.18 -12.55 -6.26
N ASP F 35 -14.76 -13.72 -6.56
CA ASP F 35 -16.00 -14.12 -5.91
C ASP F 35 -15.84 -14.27 -4.40
N LEU F 36 -14.59 -14.38 -3.93
CA LEU F 36 -14.29 -14.40 -2.51
C LEU F 36 -14.16 -12.97 -1.96
N LEU F 37 -13.25 -12.19 -2.55
CA LEU F 37 -12.99 -10.84 -2.04
C LEU F 37 -14.23 -9.96 -2.09
N SER F 38 -15.13 -10.21 -3.05
CA SER F 38 -16.38 -9.46 -3.09
C SER F 38 -17.07 -9.52 -1.73
N GLY F 39 -17.21 -10.72 -1.18
CA GLY F 39 -17.81 -10.86 0.13
C GLY F 39 -17.01 -10.22 1.25
N TYR F 40 -15.72 -9.94 1.02
CA TYR F 40 -14.84 -9.45 2.06
C TYR F 40 -14.40 -8.01 1.89
N GLY F 41 -14.75 -7.34 0.79
CA GLY F 41 -14.31 -5.97 0.62
C GLY F 41 -14.83 -5.35 -0.67
N LYS F 42 -14.31 -4.15 -0.94
CA LYS F 42 -14.73 -3.32 -2.05
C LYS F 42 -13.83 -3.59 -3.27
N TRP F 43 -13.91 -2.72 -4.27
CA TRP F 43 -13.26 -2.95 -5.56
C TRP F 43 -12.90 -1.60 -6.17
N ARG F 44 -11.62 -1.43 -6.52
CA ARG F 44 -11.16 -0.21 -7.17
C ARG F 44 -10.59 -0.45 -8.55
N GLN F 45 -9.65 -1.38 -8.69
CA GLN F 45 -8.98 -1.64 -9.97
C GLN F 45 -9.05 -3.13 -10.30
N PHE F 46 -8.72 -3.44 -11.55
CA PHE F 46 -8.96 -4.78 -12.08
C PHE F 46 -8.38 -5.86 -11.18
N SER F 47 -7.06 -5.86 -11.01
CA SER F 47 -6.40 -6.86 -10.18
C SER F 47 -6.35 -6.46 -8.71
N VAL F 48 -7.17 -5.51 -8.28
CA VAL F 48 -7.00 -4.87 -6.98
C VAL F 48 -8.32 -4.80 -6.25
N PHE F 49 -8.27 -5.03 -4.93
CA PHE F 49 -9.38 -4.75 -4.03
C PHE F 49 -8.86 -3.95 -2.85
N GLU F 50 -9.73 -3.09 -2.30
CA GLU F 50 -9.46 -2.38 -1.06
C GLU F 50 -10.49 -2.83 -0.03
N CYS F 51 -10.02 -3.45 1.04
CA CYS F 51 -10.88 -4.15 2.00
C CYS F 51 -10.63 -3.57 3.40
N PHE F 52 -11.49 -2.64 3.81
CA PHE F 52 -11.47 -2.13 5.18
C PHE F 52 -12.25 -3.10 6.05
N LEU F 53 -11.59 -3.64 7.08
CA LEU F 53 -12.19 -4.69 7.89
C LEU F 53 -11.34 -4.92 9.14
N SER F 54 -11.80 -5.85 9.98
CA SER F 54 -11.17 -6.17 11.25
C SER F 54 -10.19 -7.34 11.07
N VAL F 55 -9.74 -7.92 12.19
CA VAL F 55 -8.69 -8.93 12.18
C VAL F 55 -9.26 -10.34 12.02
N LYS F 56 -10.23 -10.72 12.87
CA LYS F 56 -10.77 -12.08 12.78
C LYS F 56 -11.38 -12.33 11.40
N GLN F 57 -11.91 -11.29 10.76
CA GLN F 57 -12.24 -11.41 9.35
C GLN F 57 -11.03 -11.89 8.56
N PHE F 58 -9.84 -11.41 8.94
CA PHE F 58 -8.63 -11.89 8.30
C PHE F 58 -8.36 -13.35 8.64
N ALA F 59 -8.39 -13.71 9.92
CA ALA F 59 -8.14 -15.11 10.26
C ALA F 59 -9.17 -16.03 9.60
N LYS F 60 -10.29 -15.50 9.14
CA LYS F 60 -11.25 -16.28 8.35
C LYS F 60 -10.99 -16.20 6.84
N LEU F 61 -10.33 -15.15 6.37
CA LEU F 61 -10.06 -14.96 4.94
C LEU F 61 -8.68 -15.44 4.52
N GLN F 62 -7.63 -14.99 5.21
CA GLN F 62 -6.29 -15.53 5.04
C GLN F 62 -6.30 -17.05 5.08
N THR F 63 -6.97 -17.63 6.08
CA THR F 63 -7.04 -19.08 6.15
C THR F 63 -7.82 -19.69 4.98
N ALA F 64 -8.50 -18.87 4.19
CA ALA F 64 -9.10 -19.30 2.94
C ALA F 64 -8.22 -19.02 1.73
N MET F 65 -7.29 -18.07 1.86
CA MET F 65 -6.43 -17.63 0.78
C MET F 65 -5.17 -18.49 0.68
N GLU F 66 -4.53 -18.75 1.82
CA GLU F 66 -3.51 -19.79 1.87
C GLU F 66 -4.06 -21.12 1.40
N LYS F 67 -5.39 -21.27 1.41
CA LYS F 67 -6.06 -22.54 1.22
C LYS F 67 -6.49 -22.79 -0.23
N LEU F 68 -6.10 -21.90 -1.16
CA LEU F 68 -6.48 -22.10 -2.55
C LEU F 68 -5.41 -21.69 -3.56
N ILE F 69 -4.14 -21.59 -3.16
CA ILE F 69 -3.06 -21.18 -4.06
C ILE F 69 -1.92 -22.19 -4.01
N LYS F 70 -1.29 -22.39 -5.17
CA LYS F 70 0.05 -22.94 -5.26
C LYS F 70 0.99 -21.78 -5.55
N LEU F 71 2.12 -21.74 -4.85
CA LEU F 71 2.99 -20.56 -4.91
C LEU F 71 3.88 -20.54 -6.15
N ASP F 72 4.10 -21.69 -6.79
CA ASP F 72 4.94 -21.73 -7.97
C ASP F 72 4.32 -21.03 -9.18
N GLU F 73 3.06 -20.61 -9.10
CA GLU F 73 2.35 -20.14 -10.28
C GLU F 73 1.51 -18.88 -10.07
N ASP F 74 1.43 -18.35 -8.85
CA ASP F 74 0.57 -17.20 -8.57
C ASP F 74 1.37 -16.13 -7.83
N ALA F 75 0.82 -14.92 -7.79
CA ALA F 75 1.45 -13.81 -7.10
C ALA F 75 0.40 -12.98 -6.38
N VAL F 76 0.66 -12.67 -5.11
CA VAL F 76 -0.23 -11.83 -4.33
C VAL F 76 0.58 -11.11 -3.25
N CYS F 77 0.27 -9.84 -3.04
CA CYS F 77 0.78 -9.07 -1.91
C CYS F 77 -0.40 -8.57 -1.08
N ILE F 78 -0.11 -8.21 0.17
CA ILE F 78 -1.11 -7.75 1.11
C ILE F 78 -0.55 -6.50 1.79
N TYR F 79 -1.16 -5.35 1.50
CA TYR F 79 -0.70 -4.09 2.06
C TYR F 79 -1.65 -3.65 3.17
N VAL F 80 -1.09 -3.33 4.33
CA VAL F 80 -1.87 -2.94 5.50
C VAL F 80 -1.75 -1.43 5.67
N LEU F 81 -2.89 -0.75 5.75
CA LEU F 81 -2.95 0.70 5.79
C LEU F 81 -3.99 1.10 6.83
N ASP F 82 -3.54 1.42 8.04
CA ASP F 82 -4.46 1.87 9.07
C ASP F 82 -4.68 3.38 8.95
N GLU F 83 -5.71 3.87 9.64
CA GLU F 83 -6.35 5.14 9.34
C GLU F 83 -5.37 6.23 8.90
N ASN F 84 -4.34 6.50 9.70
CA ASN F 84 -3.49 7.65 9.43
C ASN F 84 -2.81 7.55 8.07
N THR F 85 -2.46 6.33 7.64
CA THR F 85 -1.80 6.17 6.34
C THR F 85 -2.79 6.20 5.19
N VAL F 86 -4.04 5.80 5.43
CA VAL F 86 -5.03 5.81 4.36
C VAL F 86 -5.36 7.24 3.93
N GLN F 87 -5.29 8.19 4.86
CA GLN F 87 -5.84 9.52 4.61
C GLN F 87 -5.34 10.11 3.30
N ARG F 88 -4.04 9.99 3.03
CA ARG F 88 -3.46 10.56 1.81
C ARG F 88 -3.23 9.44 0.80
N THR F 89 -4.15 9.33 -0.15
CA THR F 89 -4.04 8.46 -1.31
C THR F 89 -4.37 9.26 -2.56
N ILE F 90 -3.73 10.42 -2.69
CA ILE F 90 -4.08 11.42 -3.70
C ILE F 90 -4.33 10.76 -5.05
N THR F 91 -5.50 11.06 -5.63
CA THR F 91 -5.91 10.48 -6.89
C THR F 91 -6.58 11.57 -7.72
N TYR F 92 -6.93 11.23 -8.95
CA TYR F 92 -7.41 12.24 -9.90
C TYR F 92 -8.75 11.84 -10.53
N GLY F 93 -8.97 10.55 -10.74
CA GLY F 93 -10.18 10.10 -11.40
C GLY F 93 -10.91 9.00 -10.68
N THR F 94 -10.88 9.00 -9.35
CA THR F 94 -11.53 7.97 -8.55
C THR F 94 -11.88 8.55 -7.19
N PRO F 95 -12.94 8.07 -6.55
CA PRO F 95 -13.19 8.42 -5.16
C PRO F 95 -12.30 7.59 -4.23
N GLN F 96 -11.91 8.21 -3.12
CA GLN F 96 -10.92 7.60 -2.23
C GLN F 96 -11.60 6.68 -1.23
N PRO F 97 -10.82 5.86 -0.52
CA PRO F 97 -11.39 4.79 0.29
C PRO F 97 -12.31 5.25 1.42
N GLU F 98 -13.21 4.35 1.81
CA GLU F 98 -14.12 4.51 2.94
C GLU F 98 -14.94 3.23 3.05
N LYS F 99 -15.65 3.07 4.19
CA LYS F 99 -16.53 1.90 4.34
C LYS F 99 -17.68 2.10 5.31
N PRO F 100 -18.85 2.55 4.83
CA PRO F 100 -20.02 2.70 5.70
C PRO F 100 -20.98 1.53 5.62
N GLY F 101 -22.06 1.59 6.42
CA GLY F 101 -23.25 0.84 6.09
C GLY F 101 -24.00 1.44 4.92
N SER F 102 -24.84 0.64 4.29
CA SER F 102 -25.45 0.99 3.02
C SER F 102 -26.97 0.93 3.07
N ILE F 103 -27.61 1.93 2.48
CA ILE F 103 -29.06 1.95 2.27
C ILE F 103 -29.35 1.79 0.78
N ILE F 104 -30.39 1.04 0.46
CA ILE F 104 -30.75 0.76 -0.93
C ILE F 104 -32.21 1.15 -1.18
#